data_7VZM
#
_entry.id   7VZM
#
_entity_poly.entity_id   1
_entity_poly.type   'polypeptide(L)'
_entity_poly.pdbx_seq_one_letter_code
;GMSTQYTYQQIAEDFRLWSEYVDTAGEMSKDEFNSLSTEDKVRLQVEAFGEEKSPKFSTKVTTKPDFDGFQFYIEAGRDF
DGDAYTEAYGVAVPTNIAARIQAQAAELNAGEWLLVEHEA
;
_entity_poly.pdbx_strand_id   A
#
# COMPACT_ATOMS: atom_id res chain seq x y z
N MET A 2 3.94 -10.01 -5.02
CA MET A 2 3.37 -8.63 -4.93
C MET A 2 3.15 -8.28 -3.46
N SER A 3 2.83 -7.02 -3.19
CA SER A 3 2.59 -6.57 -1.83
C SER A 3 1.39 -5.64 -1.77
N THR A 4 0.54 -5.81 -0.77
CA THR A 4 -0.64 -4.97 -0.62
C THR A 4 -0.49 -4.02 0.57
N GLN A 5 0.64 -4.08 1.26
CA GLN A 5 0.88 -3.22 2.41
C GLN A 5 1.74 -2.01 2.04
N TYR A 6 1.53 -0.91 2.75
CA TYR A 6 2.28 0.32 2.50
C TYR A 6 3.72 0.14 2.99
N THR A 7 4.52 1.19 2.87
CA THR A 7 5.91 1.13 3.31
C THR A 7 5.97 0.94 4.82
N TYR A 8 7.12 0.49 5.31
CA TYR A 8 7.29 0.25 6.73
C TYR A 8 7.16 1.54 7.53
N GLN A 9 7.73 2.62 7.01
CA GLN A 9 7.68 3.91 7.72
C GLN A 9 6.24 4.38 7.88
N GLN A 10 5.44 4.25 6.83
CA GLN A 10 4.04 4.67 6.87
C GLN A 10 3.25 3.85 7.88
N ILE A 11 3.53 2.55 7.92
CA ILE A 11 2.83 1.66 8.85
C ILE A 11 3.13 2.06 10.29
N ALA A 12 4.40 2.34 10.56
CA ALA A 12 4.83 2.73 11.90
C ALA A 12 4.13 4.00 12.36
N GLU A 13 3.95 4.94 11.44
CA GLU A 13 3.32 6.22 11.78
C GLU A 13 1.84 6.03 12.11
N ASP A 14 1.18 5.11 11.44
CA ASP A 14 -0.24 4.86 11.69
C ASP A 14 -0.41 3.63 12.57
N PHE A 15 -0.87 3.84 13.80
CA PHE A 15 -1.07 2.76 14.75
C PHE A 15 -2.11 1.75 14.25
N ARG A 16 -3.17 2.25 13.64
CA ARG A 16 -4.24 1.38 13.14
C ARG A 16 -3.70 0.37 12.13
N LEU A 17 -2.93 0.85 11.16
CA LEU A 17 -2.36 -0.03 10.14
C LEU A 17 -1.40 -1.02 10.76
N TRP A 18 -0.61 -0.58 11.74
CA TRP A 18 0.36 -1.45 12.39
C TRP A 18 -0.31 -2.66 13.03
N SER A 19 -1.36 -2.40 13.81
CA SER A 19 -2.07 -3.48 14.49
C SER A 19 -2.77 -4.41 13.52
N GLU A 20 -3.47 -3.82 12.56
CA GLU A 20 -4.21 -4.58 11.57
C GLU A 20 -3.29 -5.43 10.69
N TYR A 21 -2.19 -4.84 10.24
CA TYR A 21 -1.25 -5.56 9.37
C TYR A 21 -0.49 -6.63 10.15
N VAL A 22 -0.04 -6.27 11.35
CA VAL A 22 0.72 -7.21 12.16
C VAL A 22 -0.16 -8.38 12.59
N ASP A 23 -1.37 -8.07 13.06
CA ASP A 23 -2.30 -9.11 13.51
C ASP A 23 -3.62 -8.98 12.78
N THR A 24 -4.20 -10.11 12.39
CA THR A 24 -5.48 -10.11 11.69
C THR A 24 -6.62 -9.79 12.67
N ALA A 25 -6.52 -10.32 13.89
CA ALA A 25 -7.54 -10.08 14.89
C ALA A 25 -6.92 -9.51 16.17
N GLY A 26 -5.63 -9.74 16.36
CA GLY A 26 -4.94 -9.25 17.55
C GLY A 26 -4.81 -7.73 17.51
N GLU A 27 -4.84 -7.12 18.70
CA GLU A 27 -4.73 -5.66 18.80
C GLU A 27 -3.41 -5.27 19.46
N MET A 28 -2.93 -4.07 19.15
CA MET A 28 -1.68 -3.58 19.72
C MET A 28 -1.93 -2.27 20.48
N SER A 29 -1.58 -2.24 21.76
CA SER A 29 -1.78 -1.04 22.56
C SER A 29 -0.81 0.07 22.13
N LYS A 30 -1.26 1.31 22.25
CA LYS A 30 -0.43 2.45 21.87
C LYS A 30 0.78 2.62 22.79
N ASP A 31 0.64 2.21 24.05
CA ASP A 31 1.74 2.34 25.00
C ASP A 31 2.89 1.40 24.67
N GLU A 32 2.58 0.29 24.00
CA GLU A 32 3.59 -0.68 23.62
C GLU A 32 4.56 -0.07 22.62
N PHE A 33 4.03 0.75 21.71
CA PHE A 33 4.85 1.39 20.69
C PHE A 33 5.91 2.29 21.34
N ASN A 34 5.51 3.03 22.36
CA ASN A 34 6.44 3.93 23.04
C ASN A 34 7.58 3.15 23.69
N SER A 35 7.24 2.01 24.28
CA SER A 35 8.24 1.18 24.94
C SER A 35 9.30 0.67 23.96
N LEU A 36 8.85 0.29 22.76
CA LEU A 36 9.76 -0.22 21.75
C LEU A 36 10.45 0.91 20.99
N SER A 37 11.74 0.72 20.72
CA SER A 37 12.51 1.73 19.99
C SER A 37 12.07 1.77 18.53
N THR A 38 12.13 2.94 17.93
CA THR A 38 11.73 3.09 16.52
C THR A 38 12.58 2.19 15.63
N GLU A 39 13.88 2.18 15.87
CA GLU A 39 14.78 1.35 15.08
C GLU A 39 14.42 -0.12 15.25
N ASP A 40 14.11 -0.50 16.49
CA ASP A 40 13.74 -1.88 16.78
C ASP A 40 12.50 -2.30 16.00
N LYS A 41 11.55 -1.38 15.88
CA LYS A 41 10.32 -1.67 15.14
C LYS A 41 10.61 -2.02 13.69
N VAL A 42 11.56 -1.30 13.10
CA VAL A 42 11.94 -1.55 11.72
C VAL A 42 12.57 -2.93 11.57
N ARG A 43 13.41 -3.30 12.53
CA ARG A 43 14.09 -4.60 12.50
C ARG A 43 13.10 -5.75 12.48
N LEU A 44 12.06 -5.67 13.31
CA LEU A 44 11.06 -6.73 13.35
C LEU A 44 10.30 -6.83 12.03
N GLN A 45 9.89 -5.68 11.50
CA GLN A 45 9.14 -5.67 10.24
C GLN A 45 9.97 -6.16 9.06
N VAL A 46 11.24 -5.73 9.00
CA VAL A 46 12.10 -6.14 7.89
C VAL A 46 12.50 -7.60 8.02
N GLU A 47 12.62 -8.08 9.24
CA GLU A 47 13.02 -9.47 9.46
C GLU A 47 11.99 -10.44 8.86
N ALA A 48 10.71 -10.12 9.06
CA ALA A 48 9.64 -10.96 8.53
C ALA A 48 9.65 -11.04 7.00
N PHE A 49 9.93 -9.92 6.35
CA PHE A 49 9.95 -9.89 4.89
C PHE A 49 11.37 -9.93 4.33
N GLY A 50 12.36 -10.13 5.19
CA GLY A 50 13.74 -10.18 4.74
C GLY A 50 14.23 -8.80 4.34
N GLU A 51 15.29 -8.75 3.53
CA GLU A 51 15.83 -7.47 3.09
C GLU A 51 15.61 -7.27 1.59
N GLU A 52 15.24 -6.06 1.21
CA GLU A 52 14.99 -5.75 -0.20
C GLU A 52 15.77 -4.50 -0.61
N LYS A 53 16.29 -4.50 -1.84
CA LYS A 53 17.05 -3.36 -2.33
C LYS A 53 16.33 -2.68 -3.49
N SER A 54 15.69 -3.49 -4.34
CA SER A 54 14.97 -2.95 -5.49
C SER A 54 13.57 -2.49 -5.08
N PRO A 55 13.00 -1.53 -5.78
CA PRO A 55 11.64 -1.00 -5.48
C PRO A 55 10.54 -1.99 -5.90
N LYS A 56 9.42 -1.96 -5.19
CA LYS A 56 8.30 -2.84 -5.51
C LYS A 56 6.99 -2.07 -5.59
N PHE A 57 6.07 -2.55 -6.42
CA PHE A 57 4.77 -1.91 -6.59
C PHE A 57 3.80 -2.46 -5.56
N SER A 58 3.23 -1.58 -4.74
CA SER A 58 2.28 -2.01 -3.72
C SER A 58 1.06 -1.09 -3.66
N THR A 59 -0.09 -1.68 -3.41
CA THR A 59 -1.34 -0.93 -3.31
C THR A 59 -2.09 -1.30 -2.04
N LYS A 60 -3.02 -0.45 -1.62
CA LYS A 60 -3.79 -0.71 -0.41
C LYS A 60 -5.26 -0.39 -0.64
N VAL A 61 -6.14 -1.18 -0.04
CA VAL A 61 -7.58 -0.97 -0.20
C VAL A 61 -8.08 0.08 0.80
N THR A 62 -8.76 1.09 0.28
CA THR A 62 -9.29 2.16 1.12
C THR A 62 -10.74 2.42 0.83
N THR A 63 -11.39 3.08 1.77
CA THR A 63 -12.78 3.45 1.61
C THR A 63 -12.83 4.80 0.93
N LYS A 64 -13.92 5.05 0.24
CA LYS A 64 -14.08 6.31 -0.49
C LYS A 64 -13.67 7.49 0.40
N PRO A 65 -12.53 8.12 0.14
CA PRO A 65 -12.04 9.27 0.94
C PRO A 65 -12.82 10.55 0.65
N ASP A 66 -12.71 11.52 1.56
CA ASP A 66 -13.40 12.79 1.39
C ASP A 66 -12.63 13.69 0.42
N PHE A 67 -13.15 14.90 0.20
CA PHE A 67 -12.50 15.82 -0.71
C PHE A 67 -11.02 15.98 -0.35
N ASP A 68 -10.16 15.84 -1.35
CA ASP A 68 -8.73 15.94 -1.13
C ASP A 68 -8.02 16.39 -2.41
N GLY A 69 -6.69 16.44 -2.35
CA GLY A 69 -5.91 16.85 -3.52
C GLY A 69 -4.54 16.19 -3.51
N PHE A 70 -3.84 16.27 -4.64
CA PHE A 70 -2.51 15.67 -4.78
C PHE A 70 -2.57 14.17 -4.52
N GLN A 71 -3.74 13.57 -4.74
CA GLN A 71 -3.90 12.14 -4.55
C GLN A 71 -4.66 11.53 -5.72
N PHE A 72 -4.39 10.26 -6.00
CA PHE A 72 -5.05 9.57 -7.11
C PHE A 72 -5.71 8.28 -6.64
N TYR A 73 -6.98 8.11 -7.00
CA TYR A 73 -7.73 6.92 -6.62
C TYR A 73 -8.35 6.27 -7.86
N ILE A 74 -8.49 4.95 -7.83
CA ILE A 74 -9.08 4.23 -8.96
C ILE A 74 -10.43 3.63 -8.57
N GLU A 75 -11.47 4.00 -9.32
CA GLU A 75 -12.81 3.49 -9.05
C GLU A 75 -12.88 1.99 -9.30
N ALA A 76 -13.49 1.27 -8.37
CA ALA A 76 -13.63 -0.18 -8.50
C ALA A 76 -14.54 -0.52 -9.67
N GLY A 77 -14.22 -1.62 -10.35
CA GLY A 77 -15.01 -2.06 -11.49
C GLY A 77 -14.63 -1.32 -12.77
N ARG A 78 -13.63 -0.45 -12.69
CA ARG A 78 -13.19 0.31 -13.85
C ARG A 78 -11.84 -0.19 -14.33
N ASP A 79 -11.75 -0.52 -15.62
CA ASP A 79 -10.51 -1.00 -16.19
C ASP A 79 -9.42 0.06 -16.10
N PHE A 80 -8.20 -0.37 -15.81
CA PHE A 80 -7.08 0.56 -15.70
C PHE A 80 -5.90 0.09 -16.55
N ASP A 81 -5.56 0.87 -17.56
CA ASP A 81 -4.45 0.51 -18.44
C ASP A 81 -3.15 1.13 -17.97
N GLY A 82 -2.04 0.69 -18.56
CA GLY A 82 -0.74 1.23 -18.20
C GLY A 82 -0.57 2.66 -18.69
N ASP A 83 -1.29 3.01 -19.75
CA ASP A 83 -1.21 4.35 -20.32
C ASP A 83 -1.64 5.40 -19.30
N ALA A 84 -2.75 5.13 -18.60
CA ALA A 84 -3.26 6.07 -17.62
C ALA A 84 -2.23 6.28 -16.51
N TYR A 85 -1.58 5.20 -16.08
CA TYR A 85 -0.58 5.28 -15.02
C TYR A 85 0.57 6.18 -15.44
N THR A 86 1.07 5.97 -16.66
CA THR A 86 2.20 6.74 -17.15
C THR A 86 1.83 8.21 -17.29
N GLU A 87 0.59 8.48 -17.68
CA GLU A 87 0.14 9.87 -17.83
C GLU A 87 0.01 10.55 -16.47
N ALA A 88 -0.55 9.82 -15.51
CA ALA A 88 -0.77 10.36 -14.16
C ALA A 88 0.53 10.67 -13.42
N TYR A 89 1.52 9.80 -13.52
CA TYR A 89 2.78 10.02 -12.79
C TYR A 89 3.91 10.45 -13.72
N GLY A 90 3.72 10.27 -15.02
CA GLY A 90 4.76 10.65 -15.98
C GLY A 90 5.93 9.68 -15.98
N VAL A 91 5.71 8.47 -15.48
CA VAL A 91 6.77 7.47 -15.43
C VAL A 91 6.31 6.14 -16.04
N ALA A 92 7.26 5.37 -16.55
CA ALA A 92 6.96 4.08 -17.16
C ALA A 92 6.70 3.02 -16.10
N VAL A 93 5.89 2.02 -16.45
CA VAL A 93 5.56 0.94 -15.52
C VAL A 93 5.76 -0.41 -16.22
N PRO A 94 6.22 -1.43 -15.54
CA PRO A 94 6.42 -2.78 -16.15
C PRO A 94 5.13 -3.33 -16.77
N THR A 95 5.27 -3.95 -17.95
CA THR A 95 4.11 -4.49 -18.64
C THR A 95 3.44 -5.61 -17.83
N ASN A 96 4.24 -6.52 -17.28
CA ASN A 96 3.70 -7.64 -16.51
C ASN A 96 2.93 -7.15 -15.30
N ILE A 97 3.47 -6.16 -14.60
CA ILE A 97 2.80 -5.61 -13.42
C ILE A 97 1.52 -4.89 -13.81
N ALA A 98 1.58 -4.12 -14.90
CA ALA A 98 0.41 -3.38 -15.35
C ALA A 98 -0.73 -4.34 -15.69
N ALA A 99 -0.39 -5.45 -16.34
CA ALA A 99 -1.39 -6.44 -16.70
C ALA A 99 -2.04 -7.03 -15.44
N ARG A 100 -1.21 -7.27 -14.42
CA ARG A 100 -1.69 -7.81 -13.17
C ARG A 100 -2.71 -6.86 -12.52
N ILE A 101 -2.39 -5.57 -12.55
CA ILE A 101 -3.26 -4.56 -11.97
C ILE A 101 -4.63 -4.57 -12.66
N GLN A 102 -4.61 -4.63 -13.99
CA GLN A 102 -5.86 -4.64 -14.75
C GLN A 102 -6.69 -5.87 -14.40
N ALA A 103 -6.02 -7.02 -14.27
CA ALA A 103 -6.70 -8.25 -13.91
C ALA A 103 -7.36 -8.12 -12.54
N GLN A 104 -6.65 -7.47 -11.63
CA GLN A 104 -7.16 -7.27 -10.27
C GLN A 104 -8.44 -6.45 -10.30
N ALA A 105 -8.47 -5.44 -11.17
CA ALA A 105 -9.63 -4.57 -11.27
C ALA A 105 -10.88 -5.37 -11.65
N ALA A 106 -10.72 -6.33 -12.56
CA ALA A 106 -11.83 -7.15 -13.01
C ALA A 106 -12.42 -7.96 -11.85
N GLU A 107 -11.56 -8.49 -10.98
CA GLU A 107 -12.01 -9.28 -9.85
C GLU A 107 -12.14 -8.44 -8.58
N LEU A 108 -11.84 -7.15 -8.68
CA LEU A 108 -11.92 -6.27 -7.52
C LEU A 108 -13.37 -6.12 -7.06
N ASN A 109 -13.57 -6.19 -5.75
CA ASN A 109 -14.91 -6.06 -5.18
C ASN A 109 -15.33 -4.61 -5.11
N ALA A 110 -16.56 -4.32 -5.50
CA ALA A 110 -17.08 -2.96 -5.48
C ALA A 110 -17.01 -2.38 -4.07
N GLY A 111 -16.77 -1.07 -3.99
CA GLY A 111 -16.67 -0.41 -2.70
C GLY A 111 -15.23 -0.33 -2.21
N GLU A 112 -14.32 -1.01 -2.91
CA GLU A 112 -12.91 -1.00 -2.51
C GLU A 112 -12.08 -0.23 -3.55
N TRP A 113 -11.32 0.75 -3.06
CA TRP A 113 -10.48 1.56 -3.94
C TRP A 113 -9.00 1.29 -3.68
N LEU A 114 -8.20 1.29 -4.74
CA LEU A 114 -6.77 1.04 -4.60
C LEU A 114 -5.99 2.34 -4.77
N LEU A 115 -4.96 2.52 -3.94
CA LEU A 115 -4.14 3.72 -4.00
C LEU A 115 -2.76 3.38 -4.55
N VAL A 116 -2.33 4.12 -5.57
CA VAL A 116 -1.03 3.87 -6.18
C VAL A 116 -0.07 5.03 -5.86
N GLU A 117 1.09 4.69 -5.32
CA GLU A 117 2.09 5.70 -4.98
C GLU A 117 3.49 5.10 -5.05
N HIS A 118 4.50 5.96 -5.15
CA HIS A 118 5.88 5.50 -5.23
C HIS A 118 6.83 6.59 -4.74
N GLU A 119 8.06 6.20 -4.43
CA GLU A 119 9.06 7.15 -3.96
C GLU A 119 10.12 7.39 -5.02
N ALA A 120 10.38 8.65 -5.31
CA ALA A 120 11.38 9.01 -6.31
C ALA A 120 12.50 9.84 -5.69
N MET A 2 6.90 11.40 -2.02
CA MET A 2 6.99 10.53 -0.82
C MET A 2 5.63 10.46 -0.12
N SER A 3 4.77 11.45 -0.38
CA SER A 3 3.46 11.47 0.24
C SER A 3 2.65 10.25 -0.17
N THR A 4 2.71 9.90 -1.45
CA THR A 4 1.97 8.75 -1.95
C THR A 4 2.43 7.47 -1.25
N GLN A 5 3.74 7.30 -1.15
CA GLN A 5 4.30 6.13 -0.49
C GLN A 5 4.24 6.29 1.03
N TYR A 6 3.72 5.26 1.71
CA TYR A 6 3.61 5.31 3.16
C TYR A 6 4.95 4.92 3.80
N THR A 7 5.36 5.67 4.81
CA THR A 7 6.62 5.40 5.50
C THR A 7 6.44 4.30 6.55
N TYR A 8 7.54 3.73 7.00
CA TYR A 8 7.51 2.69 8.00
C TYR A 8 7.00 3.24 9.33
N GLN A 9 7.36 4.49 9.61
CA GLN A 9 6.95 5.13 10.86
C GLN A 9 5.43 5.25 10.94
N GLN A 10 4.79 5.57 9.82
CA GLN A 10 3.35 5.70 9.78
C GLN A 10 2.67 4.38 10.11
N ILE A 11 3.22 3.29 9.58
CA ILE A 11 2.68 1.96 9.83
C ILE A 11 2.74 1.63 11.32
N ALA A 12 3.89 1.92 11.94
CA ALA A 12 4.09 1.65 13.36
C ALA A 12 3.10 2.43 14.21
N GLU A 13 2.81 3.66 13.81
CA GLU A 13 1.88 4.51 14.56
C GLU A 13 0.45 3.98 14.47
N ASP A 14 0.09 3.41 13.32
CA ASP A 14 -1.26 2.88 13.15
C ASP A 14 -1.27 1.36 13.34
N PHE A 15 -2.10 0.91 14.27
CA PHE A 15 -2.20 -0.52 14.56
C PHE A 15 -2.74 -1.29 13.34
N ARG A 16 -3.71 -0.71 12.65
CA ARG A 16 -4.31 -1.37 11.50
C ARG A 16 -3.27 -1.61 10.40
N LEU A 17 -2.48 -0.59 10.09
CA LEU A 17 -1.45 -0.72 9.06
C LEU A 17 -0.41 -1.77 9.44
N TRP A 18 -0.02 -1.77 10.70
CA TRP A 18 0.99 -2.73 11.17
C TRP A 18 0.50 -4.16 10.95
N SER A 19 -0.72 -4.43 11.36
CA SER A 19 -1.30 -5.77 11.21
C SER A 19 -1.45 -6.13 9.74
N GLU A 20 -1.87 -5.17 8.92
CA GLU A 20 -2.08 -5.43 7.50
C GLU A 20 -0.78 -5.85 6.81
N TYR A 21 0.31 -5.13 7.07
CA TYR A 21 1.59 -5.45 6.45
C TYR A 21 2.17 -6.75 6.99
N VAL A 22 2.08 -6.94 8.30
CA VAL A 22 2.62 -8.15 8.91
C VAL A 22 1.85 -9.38 8.42
N ASP A 23 0.53 -9.30 8.44
CA ASP A 23 -0.32 -10.39 7.99
C ASP A 23 -1.78 -9.96 8.02
N THR A 24 -2.46 -10.06 6.87
CA THR A 24 -3.85 -9.68 6.80
C THR A 24 -4.71 -10.57 7.71
N ALA A 25 -4.49 -11.87 7.62
CA ALA A 25 -5.25 -12.82 8.44
C ALA A 25 -4.75 -12.83 9.87
N GLY A 26 -3.48 -12.44 10.07
CA GLY A 26 -2.90 -12.45 11.40
C GLY A 26 -3.43 -11.29 12.25
N GLU A 27 -3.81 -11.59 13.49
CA GLU A 27 -4.32 -10.58 14.40
C GLU A 27 -3.34 -10.36 15.54
N MET A 28 -3.12 -9.10 15.92
CA MET A 28 -2.20 -8.79 17.00
C MET A 28 -2.82 -7.77 17.96
N SER A 29 -2.85 -8.11 19.25
CA SER A 29 -3.42 -7.22 20.25
C SER A 29 -2.50 -6.02 20.50
N LYS A 30 -3.11 -4.89 20.84
CA LYS A 30 -2.35 -3.67 21.11
C LYS A 30 -1.45 -3.83 22.33
N ASP A 31 -1.73 -4.82 23.17
CA ASP A 31 -0.94 -5.04 24.38
C ASP A 31 0.53 -5.33 24.05
N GLU A 32 0.76 -6.13 23.01
CA GLU A 32 2.12 -6.46 22.61
C GLU A 32 2.85 -5.21 22.13
N PHE A 33 2.13 -4.36 21.43
CA PHE A 33 2.71 -3.12 20.91
C PHE A 33 3.22 -2.24 22.04
N ASN A 34 2.47 -2.20 23.13
CA ASN A 34 2.86 -1.39 24.28
C ASN A 34 4.19 -1.85 24.86
N SER A 35 4.38 -3.17 24.91
CA SER A 35 5.62 -3.74 25.44
C SER A 35 6.82 -3.29 24.62
N LEU A 36 6.68 -3.32 23.30
CA LEU A 36 7.77 -2.93 22.41
C LEU A 36 7.74 -1.43 22.17
N SER A 37 8.90 -0.80 22.14
CA SER A 37 8.99 0.64 21.90
C SER A 37 8.67 0.96 20.44
N THR A 38 8.34 2.22 20.18
CA THR A 38 8.02 2.64 18.83
C THR A 38 9.20 2.45 17.89
N GLU A 39 10.38 2.85 18.34
CA GLU A 39 11.59 2.72 17.53
C GLU A 39 11.90 1.25 17.23
N ASP A 40 11.70 0.39 18.23
CA ASP A 40 11.97 -1.04 18.05
C ASP A 40 11.10 -1.64 16.96
N LYS A 41 9.84 -1.21 16.90
CA LYS A 41 8.93 -1.73 15.89
C LYS A 41 9.41 -1.39 14.48
N VAL A 42 9.92 -0.18 14.30
CA VAL A 42 10.44 0.23 13.00
C VAL A 42 11.61 -0.65 12.58
N ARG A 43 12.51 -0.89 13.53
CA ARG A 43 13.69 -1.72 13.27
C ARG A 43 13.29 -3.14 12.92
N LEU A 44 12.26 -3.65 13.58
CA LEU A 44 11.80 -5.02 13.34
C LEU A 44 11.41 -5.22 11.88
N GLN A 45 10.63 -4.29 11.33
CA GLN A 45 10.22 -4.41 9.94
C GLN A 45 11.42 -4.36 9.00
N VAL A 46 12.36 -3.46 9.30
CA VAL A 46 13.55 -3.32 8.48
C VAL A 46 14.37 -4.62 8.49
N GLU A 47 14.55 -5.18 9.68
CA GLU A 47 15.31 -6.42 9.82
C GLU A 47 14.62 -7.59 9.14
N ALA A 48 13.29 -7.64 9.24
CA ALA A 48 12.51 -8.73 8.66
C ALA A 48 12.71 -8.80 7.15
N PHE A 49 12.72 -7.64 6.49
CA PHE A 49 12.89 -7.62 5.04
C PHE A 49 14.31 -7.22 4.64
N GLY A 50 15.16 -6.95 5.64
CA GLY A 50 16.54 -6.57 5.36
C GLY A 50 16.59 -5.18 4.72
N GLU A 51 17.70 -4.87 4.07
CA GLU A 51 17.86 -3.58 3.41
C GLU A 51 17.27 -3.64 2.00
N GLU A 52 16.67 -2.55 1.57
CA GLU A 52 16.07 -2.50 0.23
C GLU A 52 17.03 -1.84 -0.76
N LYS A 53 17.35 -2.56 -1.83
CA LYS A 53 18.25 -2.04 -2.85
C LYS A 53 17.48 -1.70 -4.13
N SER A 54 16.34 -2.37 -4.31
CA SER A 54 15.52 -2.14 -5.49
C SER A 54 14.07 -1.85 -5.08
N PRO A 55 13.38 -0.98 -5.78
CA PRO A 55 11.97 -0.63 -5.43
C PRO A 55 11.01 -1.79 -5.73
N LYS A 56 9.94 -1.88 -4.95
CA LYS A 56 8.96 -2.94 -5.14
C LYS A 56 7.54 -2.36 -5.22
N PHE A 57 6.67 -3.03 -5.95
CA PHE A 57 5.30 -2.57 -6.11
C PHE A 57 4.53 -2.76 -4.81
N SER A 58 3.87 -1.71 -4.35
CA SER A 58 3.11 -1.78 -3.10
C SER A 58 1.70 -1.21 -3.30
N THR A 59 0.76 -1.70 -2.50
CA THR A 59 -0.62 -1.24 -2.59
C THR A 59 -1.11 -0.77 -1.22
N LYS A 60 -2.14 0.07 -1.21
CA LYS A 60 -2.69 0.59 0.03
C LYS A 60 -4.17 0.92 -0.13
N VAL A 61 -4.98 0.49 0.82
CA VAL A 61 -6.42 0.75 0.77
C VAL A 61 -6.75 2.08 1.44
N THR A 62 -7.43 2.96 0.72
CA THR A 62 -7.79 4.26 1.27
C THR A 62 -9.25 4.57 1.11
N THR A 63 -9.72 5.48 1.94
CA THR A 63 -11.09 5.92 1.90
C THR A 63 -11.17 7.09 0.95
N LYS A 64 -12.34 7.30 0.37
CA LYS A 64 -12.55 8.38 -0.59
C LYS A 64 -11.95 9.69 -0.05
N PRO A 65 -10.83 10.15 -0.60
CA PRO A 65 -10.16 11.40 -0.14
C PRO A 65 -10.85 12.65 -0.67
N ASP A 66 -10.18 13.79 -0.52
CA ASP A 66 -10.74 15.05 -0.99
C ASP A 66 -10.60 15.17 -2.50
N PHE A 67 -11.48 15.97 -3.11
CA PHE A 67 -11.47 16.15 -4.55
C PHE A 67 -10.23 16.92 -5.00
N ASP A 68 -9.79 16.66 -6.23
CA ASP A 68 -8.62 17.32 -6.78
C ASP A 68 -7.36 17.00 -5.97
N GLY A 69 -6.93 15.74 -6.05
CA GLY A 69 -5.74 15.32 -5.34
C GLY A 69 -4.70 14.78 -6.31
N PHE A 70 -3.44 15.13 -6.09
CA PHE A 70 -2.36 14.67 -6.97
C PHE A 70 -2.17 13.15 -6.86
N GLN A 71 -2.62 12.59 -5.74
CA GLN A 71 -2.50 11.14 -5.53
C GLN A 71 -3.47 10.38 -6.44
N PHE A 72 -3.08 9.17 -6.84
CA PHE A 72 -3.90 8.37 -7.72
C PHE A 72 -4.71 7.33 -6.94
N TYR A 73 -6.02 7.29 -7.20
CA TYR A 73 -6.90 6.34 -6.53
C TYR A 73 -7.73 5.58 -7.56
N ILE A 74 -8.12 4.36 -7.20
CA ILE A 74 -8.93 3.53 -8.10
C ILE A 74 -10.30 3.28 -7.50
N GLU A 75 -11.34 3.64 -8.26
CA GLU A 75 -12.72 3.46 -7.80
C GLU A 75 -13.04 1.98 -7.62
N ALA A 76 -13.73 1.65 -6.53
CA ALA A 76 -14.10 0.27 -6.25
C ALA A 76 -15.06 -0.26 -7.33
N GLY A 77 -14.90 -1.53 -7.67
CA GLY A 77 -15.76 -2.15 -8.68
C GLY A 77 -15.36 -1.69 -10.08
N ARG A 78 -14.15 -1.16 -10.21
CA ARG A 78 -13.67 -0.70 -11.51
C ARG A 78 -12.35 -1.38 -11.85
N ASP A 79 -12.19 -1.78 -13.10
CA ASP A 79 -10.97 -2.44 -13.54
C ASP A 79 -9.82 -1.45 -13.62
N PHE A 80 -8.61 -1.97 -13.79
CA PHE A 80 -7.43 -1.12 -13.86
C PHE A 80 -6.62 -1.45 -15.11
N ASP A 81 -6.37 -0.43 -15.94
CA ASP A 81 -5.61 -0.64 -17.18
C ASP A 81 -4.16 -0.18 -17.02
N GLY A 82 -3.23 -1.09 -17.32
CA GLY A 82 -1.81 -0.77 -17.22
C GLY A 82 -1.42 0.35 -18.18
N ASP A 83 -2.01 0.32 -19.38
CA ASP A 83 -1.72 1.33 -20.39
C ASP A 83 -2.07 2.73 -19.87
N ALA A 84 -3.22 2.85 -19.23
CA ALA A 84 -3.65 4.14 -18.70
C ALA A 84 -2.64 4.64 -17.68
N TYR A 85 -2.15 3.73 -16.86
CA TYR A 85 -1.16 4.06 -15.84
C TYR A 85 0.11 4.60 -16.49
N THR A 86 0.52 3.94 -17.57
CA THR A 86 1.73 4.32 -18.29
C THR A 86 1.63 5.75 -18.81
N GLU A 87 0.49 6.08 -19.41
CA GLU A 87 0.29 7.42 -19.94
C GLU A 87 0.26 8.47 -18.83
N ALA A 88 -0.34 8.13 -17.70
CA ALA A 88 -0.46 9.05 -16.58
C ALA A 88 0.90 9.48 -16.02
N TYR A 89 1.84 8.54 -15.91
CA TYR A 89 3.15 8.86 -15.36
C TYR A 89 4.22 8.97 -16.46
N GLY A 90 3.87 8.56 -17.67
CA GLY A 90 4.82 8.64 -18.79
C GLY A 90 5.91 7.57 -18.69
N VAL A 91 5.68 6.55 -17.86
CA VAL A 91 6.66 5.48 -17.71
C VAL A 91 6.01 4.12 -17.88
N ALA A 92 6.78 3.17 -18.44
CA ALA A 92 6.28 1.82 -18.66
C ALA A 92 6.24 1.03 -17.36
N VAL A 93 5.25 0.15 -17.24
CA VAL A 93 5.12 -0.68 -16.05
C VAL A 93 4.84 -2.14 -16.43
N PRO A 94 5.16 -3.08 -15.59
CA PRO A 94 4.91 -4.53 -15.87
C PRO A 94 3.45 -4.82 -16.17
N THR A 95 3.21 -5.67 -17.17
CA THR A 95 1.84 -6.01 -17.55
C THR A 95 1.18 -6.90 -16.50
N ASN A 96 1.99 -7.66 -15.77
CA ASN A 96 1.46 -8.54 -14.73
C ASN A 96 0.74 -7.75 -13.65
N ILE A 97 1.32 -6.61 -13.27
CA ILE A 97 0.72 -5.77 -12.23
C ILE A 97 -0.65 -5.27 -12.64
N ALA A 98 -0.80 -4.85 -13.89
CA ALA A 98 -2.08 -4.35 -14.35
C ALA A 98 -3.13 -5.45 -14.22
N ALA A 99 -2.76 -6.67 -14.62
CA ALA A 99 -3.68 -7.80 -14.53
C ALA A 99 -4.01 -8.14 -13.08
N ARG A 100 -2.99 -8.15 -12.22
CA ARG A 100 -3.18 -8.47 -10.81
C ARG A 100 -4.03 -7.41 -10.12
N ILE A 101 -3.77 -6.16 -10.42
CA ILE A 101 -4.53 -5.05 -9.82
C ILE A 101 -6.00 -5.15 -10.20
N GLN A 102 -6.27 -5.42 -11.48
CA GLN A 102 -7.64 -5.51 -11.96
C GLN A 102 -8.40 -6.63 -11.23
N ALA A 103 -7.72 -7.76 -11.04
CA ALA A 103 -8.34 -8.89 -10.36
C ALA A 103 -8.68 -8.53 -8.92
N GLN A 104 -7.77 -7.82 -8.28
CA GLN A 104 -7.96 -7.39 -6.90
C GLN A 104 -9.14 -6.43 -6.78
N ALA A 105 -9.25 -5.52 -7.74
CA ALA A 105 -10.32 -4.55 -7.76
C ALA A 105 -11.69 -5.22 -7.83
N ALA A 106 -11.76 -6.30 -8.62
CA ALA A 106 -13.01 -7.03 -8.78
C ALA A 106 -13.51 -7.57 -7.44
N GLU A 107 -12.58 -8.04 -6.61
CA GLU A 107 -12.95 -8.57 -5.30
C GLU A 107 -13.18 -7.44 -4.30
N LEU A 108 -12.79 -6.23 -4.69
CA LEU A 108 -12.94 -5.06 -3.82
C LEU A 108 -14.38 -4.55 -3.84
N ASN A 109 -14.93 -4.32 -2.66
CA ASN A 109 -16.29 -3.81 -2.54
C ASN A 109 -16.29 -2.29 -2.65
N ALA A 110 -17.48 -1.70 -2.59
CA ALA A 110 -17.60 -0.25 -2.68
C ALA A 110 -17.09 0.43 -1.41
N GLY A 111 -16.56 1.64 -1.57
CA GLY A 111 -16.05 2.40 -0.42
C GLY A 111 -14.56 2.16 -0.19
N GLU A 112 -13.97 1.22 -0.91
CA GLU A 112 -12.54 0.96 -0.74
C GLU A 112 -11.78 1.19 -2.05
N TRP A 113 -10.76 2.05 -1.99
CA TRP A 113 -9.95 2.37 -3.16
C TRP A 113 -8.52 1.88 -2.98
N LEU A 114 -7.91 1.44 -4.07
CA LEU A 114 -6.52 0.95 -4.01
C LEU A 114 -5.56 2.00 -4.55
N LEU A 115 -4.40 2.11 -3.91
CA LEU A 115 -3.38 3.06 -4.32
C LEU A 115 -2.34 2.38 -5.20
N VAL A 116 -2.16 2.91 -6.41
CA VAL A 116 -1.18 2.36 -7.33
C VAL A 116 -0.10 3.39 -7.65
N GLU A 117 1.14 3.06 -7.31
CA GLU A 117 2.25 3.97 -7.56
C GLU A 117 3.53 3.19 -7.84
N HIS A 118 4.48 3.84 -8.50
CA HIS A 118 5.75 3.20 -8.82
C HIS A 118 6.89 4.21 -8.76
N GLU A 119 7.94 3.87 -8.03
CA GLU A 119 9.09 4.75 -7.88
C GLU A 119 10.38 4.01 -8.20
N ALA A 120 11.35 4.71 -8.77
CA ALA A 120 12.63 4.11 -9.12
C ALA A 120 13.69 5.18 -9.32
N MET A 2 4.00 17.94 0.81
CA MET A 2 3.29 16.67 1.16
C MET A 2 3.84 15.53 0.31
N SER A 3 3.82 14.33 0.86
CA SER A 3 4.33 13.15 0.15
C SER A 3 3.26 12.06 0.10
N THR A 4 3.26 11.29 -0.99
CA THR A 4 2.30 10.21 -1.15
C THR A 4 2.96 8.85 -0.98
N GLN A 5 4.29 8.82 -1.04
CA GLN A 5 5.03 7.57 -0.89
C GLN A 5 4.91 7.04 0.52
N TYR A 6 4.69 5.73 0.64
CA TYR A 6 4.55 5.10 1.95
C TYR A 6 5.83 4.36 2.32
N THR A 7 6.21 4.44 3.59
CA THR A 7 7.42 3.76 4.06
C THR A 7 7.13 2.90 5.28
N TYR A 8 8.04 1.99 5.58
CA TYR A 8 7.88 1.10 6.72
C TYR A 8 7.86 1.89 8.03
N GLN A 9 8.70 2.92 8.10
CA GLN A 9 8.77 3.74 9.31
C GLN A 9 7.43 4.42 9.60
N GLN A 10 6.76 4.89 8.55
CA GLN A 10 5.47 5.55 8.70
C GLN A 10 4.44 4.59 9.30
N ILE A 11 4.50 3.34 8.87
CA ILE A 11 3.57 2.32 9.36
C ILE A 11 3.75 2.14 10.87
N ALA A 12 5.00 2.10 11.30
CA ALA A 12 5.31 1.91 12.71
C ALA A 12 4.73 3.06 13.55
N GLU A 13 4.79 4.27 13.01
CA GLU A 13 4.27 5.43 13.73
C GLU A 13 2.75 5.38 13.85
N ASP A 14 2.08 4.82 12.84
CA ASP A 14 0.62 4.73 12.87
C ASP A 14 0.18 3.34 13.34
N PHE A 15 -0.48 3.30 14.48
CA PHE A 15 -0.96 2.03 15.03
C PHE A 15 -2.00 1.38 14.11
N ARG A 16 -2.91 2.20 13.58
CA ARG A 16 -3.95 1.69 12.69
C ARG A 16 -3.37 1.04 11.45
N LEU A 17 -2.43 1.73 10.82
CA LEU A 17 -1.80 1.21 9.61
C LEU A 17 -1.01 -0.06 9.91
N TRP A 18 -0.37 -0.11 11.07
CA TRP A 18 0.42 -1.28 11.45
C TRP A 18 -0.45 -2.53 11.49
N SER A 19 -1.61 -2.44 12.12
CA SER A 19 -2.51 -3.58 12.23
C SER A 19 -2.98 -4.04 10.84
N GLU A 20 -3.35 -3.08 10.00
CA GLU A 20 -3.83 -3.41 8.66
C GLU A 20 -2.77 -4.13 7.83
N TYR A 21 -1.54 -3.63 7.87
CA TYR A 21 -0.47 -4.26 7.10
C TYR A 21 -0.07 -5.62 7.65
N VAL A 22 0.05 -5.72 8.96
CA VAL A 22 0.43 -6.99 9.58
C VAL A 22 -0.66 -8.04 9.35
N ASP A 23 -1.90 -7.66 9.61
CA ASP A 23 -3.03 -8.56 9.42
C ASP A 23 -4.35 -7.83 9.65
N THR A 24 -5.23 -7.88 8.66
CA THR A 24 -6.52 -7.21 8.79
C THR A 24 -7.39 -7.89 9.85
N ALA A 25 -7.43 -9.22 9.81
CA ALA A 25 -8.23 -9.98 10.77
C ALA A 25 -7.53 -10.03 12.13
N GLY A 26 -6.20 -9.88 12.11
CA GLY A 26 -5.43 -9.93 13.36
C GLY A 26 -5.66 -8.68 14.20
N GLU A 27 -5.64 -8.85 15.52
CA GLU A 27 -5.84 -7.73 16.43
C GLU A 27 -4.54 -7.41 17.18
N MET A 28 -4.25 -6.13 17.31
CA MET A 28 -3.04 -5.70 18.01
C MET A 28 -3.35 -4.51 18.91
N SER A 29 -2.83 -4.54 20.14
CA SER A 29 -3.08 -3.46 21.09
C SER A 29 -1.84 -2.61 21.28
N LYS A 30 -2.05 -1.37 21.71
CA LYS A 30 -0.94 -0.44 21.94
C LYS A 30 -0.04 -0.94 23.06
N ASP A 31 -0.57 -1.82 23.91
CA ASP A 31 0.21 -2.35 25.03
C ASP A 31 1.43 -3.10 24.50
N GLU A 32 1.24 -3.84 23.42
CA GLU A 32 2.34 -4.60 22.82
C GLU A 32 3.40 -3.65 22.31
N PHE A 33 2.97 -2.53 21.75
CA PHE A 33 3.89 -1.53 21.21
C PHE A 33 4.83 -1.00 22.29
N ASN A 34 4.25 -0.62 23.43
CA ASN A 34 5.05 -0.10 24.54
C ASN A 34 6.05 -1.13 25.03
N SER A 35 5.61 -2.37 25.15
CA SER A 35 6.47 -3.45 25.63
C SER A 35 7.64 -3.71 24.68
N LEU A 36 7.48 -3.30 23.42
CA LEU A 36 8.53 -3.51 22.43
C LEU A 36 9.18 -2.18 22.03
N SER A 37 10.49 -2.21 21.83
CA SER A 37 11.23 -1.02 21.44
C SER A 37 10.86 -0.61 20.02
N THR A 38 10.97 0.68 19.72
CA THR A 38 10.63 1.17 18.39
C THR A 38 11.54 0.53 17.34
N GLU A 39 12.83 0.48 17.63
CA GLU A 39 13.79 -0.11 16.70
C GLU A 39 13.48 -1.59 16.51
N ASP A 40 13.14 -2.26 17.59
CA ASP A 40 12.82 -3.69 17.52
C ASP A 40 11.56 -3.91 16.70
N LYS A 41 10.57 -3.05 16.90
CA LYS A 41 9.30 -3.16 16.18
C LYS A 41 9.50 -3.01 14.68
N VAL A 42 10.26 -2.00 14.28
CA VAL A 42 10.51 -1.76 12.85
C VAL A 42 11.39 -2.85 12.29
N ARG A 43 12.31 -3.35 13.11
CA ARG A 43 13.22 -4.42 12.69
C ARG A 43 12.44 -5.68 12.34
N LEU A 44 11.46 -6.01 13.17
CA LEU A 44 10.65 -7.20 12.95
C LEU A 44 9.88 -7.11 11.64
N GLN A 45 9.35 -5.93 11.34
CA GLN A 45 8.56 -5.73 10.12
C GLN A 45 9.42 -5.92 8.88
N VAL A 46 10.65 -5.39 8.91
CA VAL A 46 11.54 -5.50 7.75
C VAL A 46 12.10 -6.91 7.61
N GLU A 47 12.39 -7.57 8.73
CA GLU A 47 12.91 -8.93 8.68
C GLU A 47 11.88 -9.89 8.11
N ALA A 48 10.63 -9.73 8.55
CA ALA A 48 9.55 -10.58 8.07
C ALA A 48 9.32 -10.39 6.58
N PHE A 49 9.39 -9.15 6.13
CA PHE A 49 9.19 -8.83 4.73
C PHE A 49 10.48 -9.01 3.92
N GLY A 50 11.60 -9.14 4.62
CA GLY A 50 12.89 -9.30 3.96
C GLY A 50 13.45 -7.94 3.54
N GLU A 51 14.65 -7.95 2.95
CA GLU A 51 15.27 -6.71 2.50
C GLU A 51 15.55 -6.77 1.01
N GLU A 52 15.40 -5.62 0.34
CA GLU A 52 15.64 -5.56 -1.10
C GLU A 52 16.34 -4.26 -1.47
N LYS A 53 17.48 -4.38 -2.14
CA LYS A 53 18.24 -3.20 -2.56
C LYS A 53 17.44 -2.40 -3.58
N SER A 54 16.85 -3.10 -4.53
CA SER A 54 16.07 -2.44 -5.58
C SER A 54 14.67 -2.09 -5.05
N PRO A 55 14.00 -1.13 -5.65
CA PRO A 55 12.63 -0.73 -5.22
C PRO A 55 11.59 -1.79 -5.58
N LYS A 56 10.50 -1.85 -4.80
CA LYS A 56 9.45 -2.82 -5.05
C LYS A 56 8.09 -2.15 -5.08
N PHE A 57 7.26 -2.53 -6.05
CA PHE A 57 5.92 -1.95 -6.17
C PHE A 57 5.03 -2.47 -5.05
N SER A 58 4.37 -1.55 -4.34
CA SER A 58 3.49 -1.92 -3.25
C SER A 58 2.12 -1.28 -3.40
N THR A 59 1.11 -1.93 -2.83
CA THR A 59 -0.26 -1.42 -2.90
C THR A 59 -0.86 -1.33 -1.50
N LYS A 60 -1.89 -0.49 -1.36
CA LYS A 60 -2.54 -0.32 -0.06
C LYS A 60 -4.04 -0.20 -0.24
N VAL A 61 -4.80 -0.95 0.57
CA VAL A 61 -6.25 -0.92 0.49
C VAL A 61 -6.80 0.23 1.33
N THR A 62 -7.59 1.10 0.71
CA THR A 62 -8.17 2.24 1.41
C THR A 62 -9.65 2.37 1.16
N THR A 63 -10.30 3.07 2.05
CA THR A 63 -11.71 3.33 1.92
C THR A 63 -11.88 4.61 1.11
N LYS A 64 -13.00 4.70 0.41
CA LYS A 64 -13.28 5.86 -0.44
C LYS A 64 -12.93 7.16 0.30
N PRO A 65 -11.83 7.81 -0.03
CA PRO A 65 -11.40 9.07 0.64
C PRO A 65 -12.23 10.28 0.19
N ASP A 66 -12.15 11.37 0.94
CA ASP A 66 -12.89 12.57 0.60
C ASP A 66 -12.19 13.31 -0.53
N PHE A 67 -12.86 14.33 -1.08
CA PHE A 67 -12.28 15.09 -2.18
C PHE A 67 -11.14 15.98 -1.67
N ASP A 68 -9.94 15.44 -1.69
CA ASP A 68 -8.76 16.18 -1.24
C ASP A 68 -7.49 15.48 -1.71
N GLY A 69 -6.40 16.25 -1.83
CA GLY A 69 -5.13 15.69 -2.27
C GLY A 69 -5.12 15.46 -3.77
N PHE A 70 -4.08 14.78 -4.25
CA PHE A 70 -3.96 14.50 -5.68
C PHE A 70 -3.52 13.05 -5.91
N GLN A 71 -3.71 12.20 -4.90
CA GLN A 71 -3.33 10.80 -5.02
C GLN A 71 -4.26 10.04 -5.97
N PHE A 72 -3.71 9.07 -6.67
CA PHE A 72 -4.49 8.27 -7.62
C PHE A 72 -5.22 7.15 -6.90
N TYR A 73 -6.50 6.98 -7.22
CA TYR A 73 -7.30 5.92 -6.60
C TYR A 73 -7.95 5.06 -7.67
N ILE A 74 -8.19 3.79 -7.35
CA ILE A 74 -8.81 2.88 -8.30
C ILE A 74 -10.20 2.47 -7.82
N GLU A 75 -11.19 2.67 -8.67
CA GLU A 75 -12.57 2.32 -8.34
C GLU A 75 -12.73 0.82 -8.12
N ALA A 76 -13.45 0.46 -7.06
CA ALA A 76 -13.68 -0.94 -6.74
C ALA A 76 -14.57 -1.60 -7.78
N GLY A 77 -14.31 -2.87 -8.06
CA GLY A 77 -15.10 -3.61 -9.04
C GLY A 77 -14.78 -3.12 -10.45
N ARG A 78 -13.63 -2.47 -10.61
CA ARG A 78 -13.23 -1.94 -11.90
C ARG A 78 -11.81 -2.39 -12.23
N ASP A 79 -11.53 -2.53 -13.53
CA ASP A 79 -10.20 -2.97 -13.96
C ASP A 79 -9.21 -1.80 -13.92
N PHE A 80 -7.94 -2.11 -14.11
CA PHE A 80 -6.90 -1.08 -14.09
C PHE A 80 -6.22 -0.99 -15.46
N ASP A 81 -6.26 0.19 -16.05
CA ASP A 81 -5.64 0.40 -17.36
C ASP A 81 -4.19 0.84 -17.21
N GLY A 82 -3.27 -0.08 -17.45
CA GLY A 82 -1.84 0.23 -17.35
C GLY A 82 -1.46 1.33 -18.34
N ASP A 83 -2.02 1.26 -19.55
CA ASP A 83 -1.72 2.25 -20.57
C ASP A 83 -2.12 3.65 -20.10
N ALA A 84 -3.30 3.76 -19.51
CA ALA A 84 -3.77 5.05 -19.02
C ALA A 84 -2.83 5.57 -17.95
N TYR A 85 -2.39 4.66 -17.08
CA TYR A 85 -1.47 5.01 -16.01
C TYR A 85 -0.17 5.57 -16.59
N THR A 86 0.34 4.90 -17.60
CA THR A 86 1.59 5.31 -18.24
C THR A 86 1.45 6.72 -18.83
N GLU A 87 0.35 6.96 -19.53
CA GLU A 87 0.12 8.28 -20.13
C GLU A 87 -0.02 9.36 -19.07
N ALA A 88 -0.73 9.05 -18.00
CA ALA A 88 -0.98 10.01 -16.92
C ALA A 88 0.31 10.48 -16.25
N TYR A 89 1.25 9.58 -16.01
CA TYR A 89 2.50 9.95 -15.35
C TYR A 89 3.66 10.10 -16.35
N GLY A 90 3.44 9.65 -17.58
CA GLY A 90 4.49 9.76 -18.60
C GLY A 90 5.61 8.76 -18.36
N VAL A 91 5.36 7.74 -17.55
CA VAL A 91 6.38 6.74 -17.27
C VAL A 91 5.85 5.33 -17.50
N ALA A 92 6.72 4.43 -17.93
CA ALA A 92 6.34 3.05 -18.19
C ALA A 92 6.26 2.24 -16.90
N VAL A 93 5.43 1.20 -16.91
CA VAL A 93 5.27 0.35 -15.73
C VAL A 93 5.43 -1.12 -16.13
N PRO A 94 5.85 -1.97 -15.22
CA PRO A 94 6.02 -3.44 -15.53
C PRO A 94 4.71 -4.07 -16.03
N THR A 95 4.83 -4.91 -17.04
CA THR A 95 3.67 -5.57 -17.62
C THR A 95 3.12 -6.66 -16.69
N ASN A 96 4.02 -7.43 -16.07
CA ASN A 96 3.59 -8.51 -15.18
C ASN A 96 2.80 -7.97 -13.99
N ILE A 97 3.31 -6.92 -13.36
CA ILE A 97 2.63 -6.33 -12.22
C ILE A 97 1.29 -5.73 -12.63
N ALA A 98 1.25 -5.05 -13.76
CA ALA A 98 0.02 -4.44 -14.23
C ALA A 98 -1.05 -5.51 -14.43
N ALA A 99 -0.65 -6.64 -15.00
CA ALA A 99 -1.60 -7.74 -15.21
C ALA A 99 -2.13 -8.25 -13.88
N ARG A 100 -1.24 -8.35 -12.90
CA ARG A 100 -1.62 -8.83 -11.58
C ARG A 100 -2.66 -7.90 -10.95
N ILE A 101 -2.42 -6.60 -11.06
CA ILE A 101 -3.35 -5.61 -10.48
C ILE A 101 -4.72 -5.74 -11.12
N GLN A 102 -4.76 -5.88 -12.44
CA GLN A 102 -6.03 -6.00 -13.14
C GLN A 102 -6.78 -7.26 -12.71
N ALA A 103 -6.04 -8.37 -12.59
CA ALA A 103 -6.66 -9.65 -12.20
C ALA A 103 -7.27 -9.57 -10.80
N GLN A 104 -6.53 -8.98 -9.86
CA GLN A 104 -7.03 -8.86 -8.49
C GLN A 104 -8.13 -7.80 -8.40
N ALA A 105 -8.05 -6.81 -9.26
CA ALA A 105 -9.02 -5.72 -9.27
C ALA A 105 -10.43 -6.23 -9.57
N ALA A 106 -10.55 -7.18 -10.49
CA ALA A 106 -11.85 -7.73 -10.86
C ALA A 106 -12.50 -8.42 -9.67
N GLU A 107 -11.70 -9.20 -8.96
CA GLU A 107 -12.19 -9.92 -7.79
C GLU A 107 -12.27 -9.01 -6.56
N LEU A 108 -11.65 -7.84 -6.65
CA LEU A 108 -11.66 -6.89 -5.53
C LEU A 108 -13.08 -6.66 -5.05
N ASN A 109 -13.25 -6.55 -3.74
CA ASN A 109 -14.57 -6.33 -3.16
C ASN A 109 -14.96 -4.86 -3.25
N ALA A 110 -16.25 -4.60 -3.44
CA ALA A 110 -16.75 -3.24 -3.55
C ALA A 110 -16.58 -2.50 -2.23
N GLY A 111 -16.41 -1.19 -2.33
CA GLY A 111 -16.24 -0.36 -1.13
C GLY A 111 -14.76 -0.17 -0.78
N GLU A 112 -13.89 -0.91 -1.46
CA GLU A 112 -12.45 -0.80 -1.20
C GLU A 112 -11.71 -0.37 -2.46
N TRP A 113 -10.85 0.63 -2.33
CA TRP A 113 -10.08 1.13 -3.46
C TRP A 113 -8.60 0.84 -3.27
N LEU A 114 -7.93 0.46 -4.35
CA LEU A 114 -6.50 0.16 -4.28
C LEU A 114 -5.66 1.40 -4.59
N LEU A 115 -4.79 1.74 -3.65
CA LEU A 115 -3.92 2.91 -3.82
C LEU A 115 -2.65 2.52 -4.55
N VAL A 116 -2.34 3.24 -5.64
CA VAL A 116 -1.15 2.95 -6.43
C VAL A 116 -0.19 4.13 -6.43
N GLU A 117 1.08 3.86 -6.09
CA GLU A 117 2.09 4.90 -6.06
C GLU A 117 3.35 4.44 -6.80
N HIS A 118 4.02 5.40 -7.45
CA HIS A 118 5.23 5.08 -8.20
C HIS A 118 6.10 6.33 -8.34
N GLU A 119 7.41 6.14 -8.25
CA GLU A 119 8.35 7.25 -8.36
C GLU A 119 8.25 7.88 -9.76
N ALA A 120 8.17 9.19 -9.80
CA ALA A 120 8.07 9.91 -11.08
C ALA A 120 9.39 10.61 -11.40
N MET A 2 12.66 7.88 -6.08
CA MET A 2 11.99 6.62 -6.50
C MET A 2 11.56 5.84 -5.26
N SER A 3 10.45 6.25 -4.66
CA SER A 3 9.95 5.58 -3.47
C SER A 3 8.47 5.22 -3.64
N THR A 4 8.20 4.19 -4.44
CA THR A 4 6.83 3.75 -4.68
C THR A 4 6.22 3.23 -3.38
N GLN A 5 6.99 2.44 -2.64
CA GLN A 5 6.53 1.88 -1.38
C GLN A 5 6.26 2.97 -0.36
N TYR A 6 5.31 2.71 0.53
CA TYR A 6 4.96 3.67 1.57
C TYR A 6 6.01 3.66 2.67
N THR A 7 6.18 4.79 3.35
CA THR A 7 7.18 4.89 4.41
C THR A 7 6.83 3.95 5.55
N TYR A 8 7.87 3.39 6.18
CA TYR A 8 7.69 2.48 7.30
C TYR A 8 7.21 3.23 8.54
N GLN A 9 7.65 4.47 8.68
CA GLN A 9 7.28 5.29 9.83
C GLN A 9 5.76 5.51 9.88
N GLN A 10 5.15 5.74 8.72
CA GLN A 10 3.71 5.97 8.68
C GLN A 10 2.96 4.75 9.19
N ILE A 11 3.40 3.57 8.79
CA ILE A 11 2.77 2.33 9.22
C ILE A 11 2.87 2.17 10.73
N ALA A 12 4.06 2.45 11.26
CA ALA A 12 4.30 2.34 12.70
C ALA A 12 3.39 3.26 13.51
N GLU A 13 3.15 4.46 13.00
CA GLU A 13 2.32 5.42 13.70
C GLU A 13 0.86 4.96 13.71
N ASP A 14 0.43 4.33 12.63
CA ASP A 14 -0.96 3.85 12.54
C ASP A 14 -1.02 2.37 12.89
N PHE A 15 -1.62 2.08 14.04
CA PHE A 15 -1.74 0.69 14.50
C PHE A 15 -2.59 -0.15 13.54
N ARG A 16 -3.67 0.44 13.04
CA ARG A 16 -4.55 -0.29 12.12
C ARG A 16 -3.81 -0.71 10.86
N LEU A 17 -3.00 0.19 10.31
CA LEU A 17 -2.25 -0.10 9.10
C LEU A 17 -1.18 -1.15 9.37
N TRP A 18 -0.59 -1.09 10.56
CA TRP A 18 0.45 -2.03 10.92
C TRP A 18 -0.07 -3.46 10.87
N SER A 19 -1.25 -3.68 11.45
CA SER A 19 -1.85 -5.00 11.46
C SER A 19 -2.21 -5.44 10.05
N GLU A 20 -2.77 -4.51 9.27
CA GLU A 20 -3.18 -4.81 7.91
C GLU A 20 -2.00 -5.21 7.03
N TYR A 21 -0.89 -4.48 7.15
CA TYR A 21 0.30 -4.78 6.36
C TYR A 21 0.95 -6.08 6.80
N VAL A 22 1.06 -6.27 8.11
CA VAL A 22 1.68 -7.47 8.65
C VAL A 22 0.87 -8.71 8.29
N ASP A 23 -0.44 -8.62 8.49
CA ASP A 23 -1.33 -9.74 8.18
C ASP A 23 -2.79 -9.28 8.22
N THR A 24 -3.50 -9.49 7.13
CA THR A 24 -4.90 -9.09 7.06
C THR A 24 -5.71 -9.82 8.12
N ALA A 25 -5.50 -11.13 8.23
CA ALA A 25 -6.23 -11.94 9.20
C ALA A 25 -5.67 -11.71 10.61
N GLY A 26 -4.41 -11.30 10.69
CA GLY A 26 -3.78 -11.06 11.99
C GLY A 26 -3.97 -9.64 12.46
N GLU A 27 -4.46 -9.48 13.70
CA GLU A 27 -4.69 -8.16 14.26
C GLU A 27 -3.71 -7.91 15.41
N MET A 28 -3.24 -6.67 15.52
CA MET A 28 -2.30 -6.32 16.60
C MET A 28 -2.98 -5.42 17.62
N SER A 29 -3.05 -5.89 18.87
CA SER A 29 -3.68 -5.11 19.93
C SER A 29 -2.79 -3.93 20.34
N LYS A 30 -3.42 -2.91 20.93
CA LYS A 30 -2.69 -1.74 21.38
C LYS A 30 -1.83 -2.05 22.61
N ASP A 31 -2.13 -3.16 23.28
CA ASP A 31 -1.38 -3.55 24.47
C ASP A 31 0.09 -3.78 24.14
N GLU A 32 0.36 -4.37 22.99
CA GLU A 32 1.73 -4.65 22.57
C GLU A 32 2.52 -3.36 22.39
N PHE A 33 1.85 -2.28 22.04
CA PHE A 33 2.52 -1.00 21.85
C PHE A 33 3.26 -0.58 23.10
N ASN A 34 2.59 -0.63 24.24
CA ASN A 34 3.23 -0.25 25.50
C ASN A 34 4.40 -1.18 25.82
N SER A 35 4.20 -2.47 25.61
CA SER A 35 5.22 -3.47 25.90
C SER A 35 6.48 -3.30 25.03
N LEU A 36 6.30 -3.01 23.75
CA LEU A 36 7.44 -2.86 22.85
C LEU A 36 7.58 -1.43 22.35
N SER A 37 8.82 -0.94 22.30
CA SER A 37 9.08 0.41 21.83
C SER A 37 8.78 0.54 20.34
N THR A 38 8.40 1.73 19.92
CA THR A 38 8.08 1.97 18.51
C THR A 38 9.29 1.70 17.63
N GLU A 39 10.46 2.18 18.05
CA GLU A 39 11.67 1.99 17.29
C GLU A 39 12.01 0.51 17.17
N ASP A 40 11.78 -0.25 18.24
CA ASP A 40 12.07 -1.68 18.24
C ASP A 40 11.21 -2.42 17.21
N LYS A 41 9.95 -2.02 17.09
CA LYS A 41 9.03 -2.68 16.17
C LYS A 41 9.47 -2.56 14.71
N VAL A 42 10.01 -1.41 14.31
CA VAL A 42 10.43 -1.24 12.92
C VAL A 42 11.50 -2.26 12.55
N ARG A 43 12.33 -2.64 13.52
CA ARG A 43 13.39 -3.61 13.25
C ARG A 43 12.78 -4.97 12.87
N LEU A 44 11.71 -5.34 13.57
CA LEU A 44 11.05 -6.61 13.28
C LEU A 44 10.37 -6.58 11.92
N GLN A 45 9.77 -5.44 11.59
CA GLN A 45 9.06 -5.28 10.32
C GLN A 45 10.00 -5.43 9.13
N VAL A 46 11.19 -4.84 9.22
CA VAL A 46 12.14 -4.94 8.10
C VAL A 46 12.69 -6.35 7.96
N GLU A 47 12.81 -7.06 9.06
CA GLU A 47 13.31 -8.43 9.03
C GLU A 47 12.35 -9.35 8.28
N ALA A 48 11.06 -9.13 8.46
CA ALA A 48 10.05 -9.94 7.79
C ALA A 48 10.17 -9.83 6.28
N PHE A 49 10.44 -8.63 5.79
CA PHE A 49 10.57 -8.42 4.35
C PHE A 49 12.04 -8.43 3.92
N GLY A 50 12.95 -8.57 4.88
CA GLY A 50 14.38 -8.59 4.56
C GLY A 50 14.89 -7.19 4.27
N GLU A 51 16.12 -7.10 3.79
CA GLU A 51 16.72 -5.81 3.48
C GLU A 51 16.19 -5.29 2.14
N GLU A 52 16.03 -3.98 2.04
CA GLU A 52 15.53 -3.37 0.81
C GLU A 52 16.68 -2.77 0.01
N LYS A 53 16.87 -3.27 -1.20
CA LYS A 53 17.93 -2.77 -2.08
C LYS A 53 17.36 -2.12 -3.33
N SER A 54 16.18 -2.60 -3.75
CA SER A 54 15.53 -2.06 -4.94
C SER A 54 14.08 -1.69 -4.63
N PRO A 55 13.52 -0.75 -5.36
CA PRO A 55 12.12 -0.31 -5.15
C PRO A 55 11.10 -1.38 -5.55
N LYS A 56 9.99 -1.44 -4.81
CA LYS A 56 8.95 -2.41 -5.08
C LYS A 56 7.58 -1.74 -5.13
N PHE A 57 6.76 -2.12 -6.10
CA PHE A 57 5.43 -1.53 -6.22
C PHE A 57 4.54 -2.03 -5.08
N SER A 58 3.93 -1.10 -4.36
CA SER A 58 3.08 -1.46 -3.24
C SER A 58 1.74 -0.73 -3.30
N THR A 59 0.74 -1.31 -2.65
CA THR A 59 -0.59 -0.71 -2.62
C THR A 59 -1.04 -0.53 -1.17
N LYS A 60 -1.98 0.38 -0.94
CA LYS A 60 -2.47 0.62 0.41
C LYS A 60 -3.99 0.81 0.40
N VAL A 61 -4.67 0.11 1.32
CA VAL A 61 -6.12 0.20 1.41
C VAL A 61 -6.52 1.40 2.27
N THR A 62 -7.34 2.28 1.72
CA THR A 62 -7.79 3.46 2.44
C THR A 62 -9.28 3.68 2.31
N THR A 63 -9.79 4.50 3.22
CA THR A 63 -11.19 4.85 3.19
C THR A 63 -11.34 6.07 2.30
N LYS A 64 -12.51 6.22 1.71
CA LYS A 64 -12.76 7.34 0.80
C LYS A 64 -12.21 8.65 1.37
N PRO A 65 -11.09 9.14 0.87
CA PRO A 65 -10.48 10.41 1.36
C PRO A 65 -11.09 11.63 0.69
N ASP A 66 -10.93 12.80 1.30
CA ASP A 66 -11.47 14.03 0.72
C ASP A 66 -10.36 14.98 0.31
N PHE A 67 -10.00 14.95 -0.98
CA PHE A 67 -8.97 15.83 -1.52
C PHE A 67 -9.36 16.32 -2.90
N ASP A 68 -8.90 17.51 -3.27
CA ASP A 68 -9.22 18.07 -4.57
C ASP A 68 -8.20 17.59 -5.62
N GLY A 69 -8.25 16.30 -5.93
CA GLY A 69 -7.34 15.73 -6.93
C GLY A 69 -5.91 15.67 -6.42
N PHE A 70 -5.73 15.78 -5.11
CA PHE A 70 -4.39 15.74 -4.53
C PHE A 70 -3.72 14.40 -4.81
N GLN A 71 -4.46 13.31 -4.62
CA GLN A 71 -3.93 11.97 -4.87
C GLN A 71 -4.89 11.16 -5.75
N PHE A 72 -4.32 10.22 -6.50
CA PHE A 72 -5.11 9.37 -7.38
C PHE A 72 -5.62 8.13 -6.65
N TYR A 73 -6.92 7.88 -6.75
CA TYR A 73 -7.52 6.72 -6.10
C TYR A 73 -8.31 5.89 -7.11
N ILE A 74 -8.39 4.59 -6.86
CA ILE A 74 -9.11 3.70 -7.76
C ILE A 74 -10.42 3.23 -7.12
N GLU A 75 -11.54 3.50 -7.79
CA GLU A 75 -12.85 3.11 -7.28
C GLU A 75 -12.96 1.59 -7.23
N ALA A 76 -13.45 1.08 -6.10
CA ALA A 76 -13.63 -0.35 -5.94
C ALA A 76 -14.66 -0.90 -6.93
N GLY A 77 -14.41 -2.10 -7.45
CA GLY A 77 -15.32 -2.70 -8.40
C GLY A 77 -15.17 -2.09 -9.79
N ARG A 78 -14.06 -1.38 -10.01
CA ARG A 78 -13.81 -0.76 -11.30
C ARG A 78 -12.50 -1.26 -11.88
N ASP A 79 -12.53 -1.65 -13.15
CA ASP A 79 -11.33 -2.16 -13.82
C ASP A 79 -10.23 -1.11 -13.83
N PHE A 80 -8.99 -1.56 -13.66
CA PHE A 80 -7.85 -0.66 -13.65
C PHE A 80 -7.12 -0.70 -14.99
N ASP A 81 -7.04 0.44 -15.66
CA ASP A 81 -6.36 0.53 -16.94
C ASP A 81 -4.90 0.89 -16.76
N GLY A 82 -4.02 -0.09 -16.95
CA GLY A 82 -2.58 0.14 -16.80
C GLY A 82 -2.10 1.20 -17.79
N ASP A 83 -2.63 1.15 -19.01
CA ASP A 83 -2.24 2.11 -20.04
C ASP A 83 -2.59 3.53 -19.61
N ALA A 84 -3.76 3.68 -19.00
CA ALA A 84 -4.19 5.00 -18.52
C ALA A 84 -3.22 5.52 -17.47
N TYR A 85 -2.79 4.62 -16.60
CA TYR A 85 -1.85 4.97 -15.55
C TYR A 85 -0.55 5.50 -16.16
N THR A 86 -0.04 4.77 -17.14
CA THR A 86 1.20 5.15 -17.80
C THR A 86 1.09 6.53 -18.44
N GLU A 87 0.00 6.77 -19.15
CA GLU A 87 -0.20 8.05 -19.80
C GLU A 87 -0.38 9.18 -18.78
N ALA A 88 -1.11 8.89 -17.71
CA ALA A 88 -1.37 9.89 -16.68
C ALA A 88 -0.10 10.36 -15.99
N TYR A 89 0.82 9.45 -15.70
CA TYR A 89 2.05 9.81 -15.02
C TYR A 89 3.23 9.94 -16.00
N GLY A 90 3.03 9.54 -17.25
CA GLY A 90 4.08 9.63 -18.25
C GLY A 90 5.20 8.64 -17.96
N VAL A 91 4.88 7.57 -17.25
CA VAL A 91 5.89 6.57 -16.92
C VAL A 91 5.36 5.16 -17.17
N ALA A 92 6.15 4.36 -17.87
CA ALA A 92 5.76 2.99 -18.19
C ALA A 92 5.76 2.11 -16.94
N VAL A 93 4.91 1.08 -16.94
CA VAL A 93 4.82 0.17 -15.82
C VAL A 93 4.98 -1.27 -16.29
N PRO A 94 5.42 -2.17 -15.43
CA PRO A 94 5.62 -3.60 -15.80
C PRO A 94 4.33 -4.25 -16.32
N THR A 95 4.45 -5.07 -17.34
CA THR A 95 3.30 -5.75 -17.91
C THR A 95 2.75 -6.80 -16.94
N ASN A 96 3.66 -7.54 -16.32
CA ASN A 96 3.28 -8.61 -15.39
C ASN A 96 2.51 -8.07 -14.18
N ILE A 97 2.99 -6.97 -13.60
CA ILE A 97 2.33 -6.41 -12.42
C ILE A 97 0.93 -5.92 -12.78
N ALA A 98 0.76 -5.47 -14.01
CA ALA A 98 -0.54 -4.97 -14.46
C ALA A 98 -1.59 -6.07 -14.37
N ALA A 99 -1.21 -7.29 -14.74
CA ALA A 99 -2.12 -8.41 -14.69
C ALA A 99 -2.57 -8.67 -13.26
N ARG A 100 -1.64 -8.56 -12.32
CA ARG A 100 -1.94 -8.78 -10.91
C ARG A 100 -2.96 -7.76 -10.42
N ILE A 101 -2.82 -6.52 -10.87
CA ILE A 101 -3.73 -5.45 -10.48
C ILE A 101 -5.15 -5.77 -10.91
N GLN A 102 -5.31 -6.24 -12.15
CA GLN A 102 -6.62 -6.58 -12.67
C GLN A 102 -7.26 -7.69 -11.84
N ALA A 103 -6.47 -8.69 -11.49
CA ALA A 103 -6.97 -9.79 -10.68
C ALA A 103 -7.45 -9.28 -9.32
N GLN A 104 -6.68 -8.36 -8.75
CA GLN A 104 -7.03 -7.78 -7.46
C GLN A 104 -8.36 -7.02 -7.56
N ALA A 105 -8.53 -6.30 -8.66
CA ALA A 105 -9.74 -5.53 -8.87
C ALA A 105 -10.97 -6.44 -8.89
N ALA A 106 -10.82 -7.60 -9.53
CA ALA A 106 -11.91 -8.55 -9.62
C ALA A 106 -12.35 -9.06 -8.25
N GLU A 107 -11.37 -9.28 -7.36
CA GLU A 107 -11.67 -9.77 -6.02
C GLU A 107 -11.78 -8.61 -5.02
N LEU A 108 -11.58 -7.39 -5.50
CA LEU A 108 -11.65 -6.22 -4.64
C LEU A 108 -13.07 -6.04 -4.09
N ASN A 109 -13.17 -5.80 -2.79
CA ASN A 109 -14.46 -5.61 -2.16
C ASN A 109 -14.82 -4.13 -2.05
N ALA A 110 -16.10 -3.82 -2.21
CA ALA A 110 -16.56 -2.44 -2.14
C ALA A 110 -16.29 -1.85 -0.77
N GLY A 111 -16.08 -0.53 -0.74
CA GLY A 111 -15.81 0.17 0.52
C GLY A 111 -14.30 0.31 0.76
N GLU A 112 -13.49 -0.34 -0.07
CA GLU A 112 -12.04 -0.25 0.08
C GLU A 112 -11.40 0.30 -1.20
N TRP A 113 -10.58 1.33 -1.05
CA TRP A 113 -9.91 1.95 -2.19
C TRP A 113 -8.40 1.70 -2.13
N LEU A 114 -7.80 1.48 -3.29
CA LEU A 114 -6.36 1.25 -3.35
C LEU A 114 -5.65 2.50 -3.85
N LEU A 115 -4.49 2.77 -3.26
CA LEU A 115 -3.71 3.95 -3.64
C LEU A 115 -2.53 3.55 -4.51
N VAL A 116 -2.46 4.14 -5.70
CA VAL A 116 -1.37 3.84 -6.63
C VAL A 116 -0.58 5.10 -6.94
N GLU A 117 0.74 5.04 -6.76
CA GLU A 117 1.59 6.18 -7.02
C GLU A 117 3.00 5.73 -7.42
N HIS A 118 3.67 6.55 -8.23
CA HIS A 118 5.02 6.24 -8.67
C HIS A 118 5.73 7.51 -9.13
N GLU A 119 7.04 7.56 -8.88
CA GLU A 119 7.82 8.73 -9.28
C GLU A 119 9.26 8.33 -9.61
N ALA A 120 9.94 9.18 -10.37
CA ALA A 120 11.32 8.91 -10.74
C ALA A 120 12.18 10.15 -10.57
N MET A 2 1.41 17.35 5.03
CA MET A 2 2.82 17.81 4.98
C MET A 2 3.62 16.87 4.08
N SER A 3 3.51 15.57 4.35
CA SER A 3 4.24 14.57 3.57
C SER A 3 3.26 13.59 2.92
N THR A 4 3.36 13.43 1.61
CA THR A 4 2.48 12.53 0.89
C THR A 4 2.81 11.08 1.23
N GLN A 5 4.08 10.79 1.44
CA GLN A 5 4.52 9.42 1.77
C GLN A 5 4.38 9.17 3.26
N TYR A 6 4.13 7.92 3.63
CA TYR A 6 3.99 7.55 5.02
C TYR A 6 5.18 6.72 5.50
N THR A 7 5.70 7.06 6.68
CA THR A 7 6.84 6.35 7.24
C THR A 7 6.39 5.05 7.91
N TYR A 8 7.35 4.18 8.19
CA TYR A 8 7.05 2.91 8.83
C TYR A 8 6.58 3.14 10.27
N GLN A 9 7.11 4.17 10.90
CA GLN A 9 6.76 4.50 12.28
C GLN A 9 5.26 4.80 12.42
N GLN A 10 4.70 5.51 11.45
CA GLN A 10 3.28 5.84 11.49
C GLN A 10 2.43 4.58 11.49
N ILE A 11 2.83 3.61 10.69
CA ILE A 11 2.10 2.34 10.60
C ILE A 11 2.12 1.63 11.96
N ALA A 12 3.27 1.66 12.61
CA ALA A 12 3.42 1.02 13.91
C ALA A 12 2.46 1.61 14.95
N GLU A 13 2.25 2.91 14.88
CA GLU A 13 1.36 3.57 15.83
C GLU A 13 -0.09 3.13 15.63
N ASP A 14 -0.48 2.91 14.37
CA ASP A 14 -1.84 2.47 14.08
C ASP A 14 -1.90 0.94 14.04
N PHE A 15 -2.52 0.36 15.06
CA PHE A 15 -2.63 -1.10 15.16
C PHE A 15 -3.42 -1.68 13.99
N ARG A 16 -4.51 -1.00 13.62
CA ARG A 16 -5.34 -1.48 12.53
C ARG A 16 -4.56 -1.58 11.22
N LEU A 17 -3.81 -0.53 10.89
CA LEU A 17 -3.03 -0.51 9.66
C LEU A 17 -1.95 -1.59 9.67
N TRP A 18 -1.32 -1.79 10.82
CA TRP A 18 -0.26 -2.78 10.92
C TRP A 18 -0.78 -4.17 10.55
N SER A 19 -1.92 -4.55 11.13
CA SER A 19 -2.50 -5.85 10.85
C SER A 19 -2.94 -5.96 9.39
N GLU A 20 -3.49 -4.89 8.86
CA GLU A 20 -3.98 -4.89 7.47
C GLU A 20 -2.84 -5.14 6.47
N TYR A 21 -1.73 -4.41 6.62
CA TYR A 21 -0.62 -4.57 5.69
C TYR A 21 0.12 -5.89 5.90
N VAL A 22 0.34 -6.25 7.16
CA VAL A 22 1.05 -7.49 7.46
C VAL A 22 0.22 -8.69 7.01
N ASP A 23 -1.08 -8.67 7.34
CA ASP A 23 -1.97 -9.76 6.96
C ASP A 23 -3.17 -9.20 6.21
N THR A 24 -3.60 -9.91 5.16
CA THR A 24 -4.75 -9.46 4.38
C THR A 24 -6.03 -9.51 5.21
N ALA A 25 -6.20 -10.58 5.98
CA ALA A 25 -7.39 -10.73 6.81
C ALA A 25 -7.02 -11.02 8.28
N GLY A 26 -5.78 -11.44 8.50
CA GLY A 26 -5.33 -11.75 9.85
C GLY A 26 -5.23 -10.50 10.72
N GLU A 27 -5.60 -10.65 12.00
CA GLU A 27 -5.54 -9.54 12.94
C GLU A 27 -4.46 -9.79 13.99
N MET A 28 -3.78 -8.73 14.40
CA MET A 28 -2.73 -8.86 15.41
C MET A 28 -3.19 -8.25 16.73
N SER A 29 -3.15 -9.05 17.80
CA SER A 29 -3.56 -8.58 19.11
C SER A 29 -2.59 -7.55 19.65
N LYS A 30 -3.10 -6.60 20.43
CA LYS A 30 -2.27 -5.56 21.01
C LYS A 30 -1.28 -6.15 22.02
N ASP A 31 -1.57 -7.35 22.50
CA ASP A 31 -0.70 -8.01 23.47
C ASP A 31 0.68 -8.22 22.87
N GLU A 32 0.72 -8.63 21.61
CA GLU A 32 1.99 -8.87 20.93
C GLU A 32 2.80 -7.58 20.85
N PHE A 33 2.10 -6.47 20.60
CA PHE A 33 2.76 -5.17 20.50
C PHE A 33 3.49 -4.83 21.79
N ASN A 34 2.82 -5.01 22.92
CA ASN A 34 3.42 -4.70 24.22
C ASN A 34 4.65 -5.57 24.48
N SER A 35 4.58 -6.83 24.06
CA SER A 35 5.68 -7.77 24.29
C SER A 35 6.97 -7.29 23.61
N LEU A 36 6.87 -6.76 22.41
CA LEU A 36 8.06 -6.30 21.68
C LEU A 36 8.13 -4.77 21.67
N SER A 37 9.35 -4.25 21.67
CA SER A 37 9.55 -2.79 21.65
C SER A 37 9.13 -2.20 20.31
N THR A 38 8.87 -0.90 20.30
CA THR A 38 8.46 -0.21 19.09
C THR A 38 9.56 -0.26 18.03
N GLU A 39 10.81 -0.05 18.47
CA GLU A 39 11.94 -0.08 17.56
C GLU A 39 12.07 -1.43 16.89
N ASP A 40 11.83 -2.49 17.65
CA ASP A 40 11.94 -3.85 17.13
C ASP A 40 10.95 -4.04 15.96
N LYS A 41 9.74 -3.52 16.12
CA LYS A 41 8.73 -3.66 15.08
C LYS A 41 9.19 -3.03 13.77
N VAL A 42 9.79 -1.85 13.86
CA VAL A 42 10.27 -1.16 12.66
C VAL A 42 11.35 -1.98 11.96
N ARG A 43 12.31 -2.47 12.74
CA ARG A 43 13.40 -3.26 12.16
C ARG A 43 12.86 -4.53 11.52
N LEU A 44 11.98 -5.22 12.22
CA LEU A 44 11.39 -6.45 11.71
C LEU A 44 10.57 -6.18 10.46
N GLN A 45 9.79 -5.11 10.49
CA GLN A 45 8.95 -4.76 9.36
C GLN A 45 9.81 -4.45 8.14
N VAL A 46 10.87 -3.69 8.34
CA VAL A 46 11.77 -3.34 7.25
C VAL A 46 12.44 -4.60 6.71
N GLU A 47 12.89 -5.46 7.61
CA GLU A 47 13.55 -6.70 7.23
C GLU A 47 12.63 -7.59 6.41
N ALA A 48 11.36 -7.63 6.78
CA ALA A 48 10.39 -8.46 6.07
C ALA A 48 10.29 -8.05 4.60
N PHE A 49 10.32 -6.74 4.34
CA PHE A 49 10.24 -6.24 2.97
C PHE A 49 11.63 -5.90 2.43
N GLY A 50 12.66 -6.13 3.23
CA GLY A 50 14.02 -5.83 2.80
C GLY A 50 14.31 -4.34 2.88
N GLU A 51 15.38 -3.91 2.21
CA GLU A 51 15.74 -2.50 2.22
C GLU A 51 15.73 -1.93 0.80
N GLU A 52 15.67 -0.61 0.69
CA GLU A 52 15.63 0.01 -0.63
C GLU A 52 16.49 1.27 -0.67
N LYS A 53 17.14 1.49 -1.81
CA LYS A 53 17.98 2.67 -1.99
C LYS A 53 17.39 3.59 -3.05
N SER A 54 16.54 3.02 -3.91
CA SER A 54 15.92 3.79 -4.98
C SER A 54 14.40 3.58 -4.94
N PRO A 55 13.64 4.48 -5.53
CA PRO A 55 12.15 4.37 -5.54
C PRO A 55 11.67 3.03 -6.09
N LYS A 56 10.66 2.46 -5.44
CA LYS A 56 10.11 1.18 -5.87
C LYS A 56 8.59 1.26 -5.98
N PHE A 57 8.00 0.38 -6.79
CA PHE A 57 6.56 0.38 -6.96
C PHE A 57 5.89 -0.15 -5.70
N SER A 58 5.04 0.69 -5.09
CA SER A 58 4.34 0.30 -3.87
C SER A 58 2.89 0.75 -3.91
N THR A 59 2.06 0.14 -3.06
CA THR A 59 0.65 0.50 -2.98
C THR A 59 0.26 0.73 -1.52
N LYS A 60 -0.81 1.48 -1.32
CA LYS A 60 -1.28 1.76 0.05
C LYS A 60 -2.76 2.10 0.04
N VAL A 61 -3.45 1.76 1.12
CA VAL A 61 -4.88 2.01 1.22
C VAL A 61 -5.13 3.44 1.70
N THR A 62 -5.95 4.18 0.95
CA THR A 62 -6.25 5.56 1.30
C THR A 62 -7.74 5.83 1.34
N THR A 63 -8.07 6.94 1.95
CA THR A 63 -9.44 7.37 2.06
C THR A 63 -9.70 8.42 1.00
N LYS A 64 -10.95 8.53 0.59
CA LYS A 64 -11.34 9.48 -0.45
C LYS A 64 -10.66 10.84 -0.22
N PRO A 65 -9.66 11.18 -1.01
CA PRO A 65 -8.94 12.48 -0.89
C PRO A 65 -9.72 13.64 -1.50
N ASP A 66 -9.08 14.81 -1.55
CA ASP A 66 -9.73 15.99 -2.11
C ASP A 66 -9.71 15.93 -3.63
N PHE A 67 -10.49 16.80 -4.26
CA PHE A 67 -10.57 16.83 -5.72
C PHE A 67 -9.24 17.27 -6.32
N ASP A 68 -8.95 16.76 -7.52
CA ASP A 68 -7.70 17.09 -8.20
C ASP A 68 -6.49 16.66 -7.36
N GLY A 69 -6.31 15.35 -7.23
CA GLY A 69 -5.20 14.82 -6.46
C GLY A 69 -4.04 14.44 -7.37
N PHE A 70 -2.82 14.78 -6.96
CA PHE A 70 -1.63 14.47 -7.74
C PHE A 70 -1.49 12.96 -7.96
N GLN A 71 -1.63 12.20 -6.88
CA GLN A 71 -1.50 10.75 -6.96
C GLN A 71 -2.68 10.13 -7.70
N PHE A 72 -2.42 9.02 -8.38
CA PHE A 72 -3.45 8.33 -9.14
C PHE A 72 -4.25 7.41 -8.21
N TYR A 73 -5.57 7.48 -8.31
CA TYR A 73 -6.44 6.65 -7.47
C TYR A 73 -7.31 5.74 -8.33
N ILE A 74 -7.62 4.56 -7.78
CA ILE A 74 -8.44 3.59 -8.50
C ILE A 74 -9.79 3.41 -7.80
N GLU A 75 -10.88 3.59 -8.55
CA GLU A 75 -12.21 3.44 -8.00
C GLU A 75 -12.45 2.01 -7.53
N ALA A 76 -12.97 1.87 -6.31
CA ALA A 76 -13.24 0.55 -5.75
C ALA A 76 -14.36 -0.14 -6.54
N GLY A 77 -14.26 -1.46 -6.64
CA GLY A 77 -15.28 -2.23 -7.36
C GLY A 77 -15.04 -2.21 -8.88
N ARG A 78 -13.95 -1.58 -9.31
CA ARG A 78 -13.63 -1.51 -10.73
C ARG A 78 -12.37 -2.29 -11.03
N ASP A 79 -12.43 -3.15 -12.06
CA ASP A 79 -11.28 -3.96 -12.44
C ASP A 79 -10.17 -3.06 -12.96
N PHE A 80 -9.00 -3.16 -12.34
CA PHE A 80 -7.86 -2.35 -12.75
C PHE A 80 -7.30 -2.82 -14.09
N ASP A 81 -7.16 -1.88 -15.02
CA ASP A 81 -6.64 -2.21 -16.34
C ASP A 81 -5.16 -1.82 -16.45
N GLY A 82 -4.30 -2.81 -16.42
CA GLY A 82 -2.86 -2.56 -16.52
C GLY A 82 -2.52 -1.87 -17.83
N ASP A 83 -3.18 -2.30 -18.91
CA ASP A 83 -2.94 -1.72 -20.22
C ASP A 83 -3.28 -0.23 -20.21
N ALA A 84 -4.42 0.11 -19.61
CA ALA A 84 -4.84 1.50 -19.53
C ALA A 84 -3.81 2.33 -18.76
N TYR A 85 -3.31 1.75 -17.67
CA TYR A 85 -2.30 2.43 -16.85
C TYR A 85 -1.04 2.71 -17.66
N THR A 86 -0.56 1.70 -18.38
CA THR A 86 0.65 1.83 -19.18
C THR A 86 0.51 2.90 -20.26
N GLU A 87 -0.60 2.88 -20.99
CA GLU A 87 -0.83 3.87 -22.05
C GLU A 87 -1.10 5.25 -21.47
N ALA A 88 -1.79 5.30 -20.33
CA ALA A 88 -2.13 6.58 -19.71
C ALA A 88 -0.89 7.37 -19.32
N TYR A 89 0.13 6.69 -18.81
CA TYR A 89 1.35 7.37 -18.40
C TYR A 89 2.49 7.13 -19.39
N GLY A 90 2.28 6.22 -20.34
CA GLY A 90 3.29 5.91 -21.34
C GLY A 90 4.44 5.12 -20.72
N VAL A 91 4.20 4.50 -19.57
CA VAL A 91 5.24 3.72 -18.90
C VAL A 91 4.81 2.26 -18.75
N ALA A 92 5.64 1.36 -19.26
CA ALA A 92 5.35 -0.07 -19.19
C ALA A 92 5.42 -0.56 -17.75
N VAL A 93 4.60 -1.56 -17.43
CA VAL A 93 4.58 -2.12 -16.08
C VAL A 93 4.73 -3.64 -16.14
N PRO A 94 5.29 -4.26 -15.11
CA PRO A 94 5.47 -5.74 -15.07
C PRO A 94 4.16 -6.49 -15.23
N THR A 95 4.19 -7.59 -15.96
CA THR A 95 2.99 -8.39 -16.17
C THR A 95 2.57 -9.09 -14.88
N ASN A 96 3.55 -9.65 -14.17
CA ASN A 96 3.28 -10.38 -12.94
C ASN A 96 2.70 -9.49 -11.83
N ILE A 97 3.23 -8.27 -11.69
CA ILE A 97 2.73 -7.37 -10.65
C ILE A 97 1.34 -6.86 -10.99
N ALA A 98 1.06 -6.73 -12.28
CA ALA A 98 -0.24 -6.25 -12.73
C ALA A 98 -1.34 -7.19 -12.26
N ALA A 99 -1.08 -8.49 -12.34
CA ALA A 99 -2.05 -9.49 -11.91
C ALA A 99 -2.35 -9.35 -10.42
N ARG A 100 -1.31 -9.09 -9.64
CA ARG A 100 -1.46 -8.92 -8.20
C ARG A 100 -2.34 -7.72 -7.89
N ILE A 101 -2.15 -6.65 -8.66
CA ILE A 101 -2.94 -5.43 -8.46
C ILE A 101 -4.42 -5.71 -8.66
N GLN A 102 -4.74 -6.43 -9.74
CA GLN A 102 -6.13 -6.76 -10.04
C GLN A 102 -6.73 -7.60 -8.91
N ALA A 103 -5.94 -8.55 -8.40
CA ALA A 103 -6.41 -9.41 -7.33
C ALA A 103 -6.78 -8.58 -6.11
N GLN A 104 -5.97 -7.57 -5.82
CA GLN A 104 -6.22 -6.70 -4.68
C GLN A 104 -7.55 -5.96 -4.85
N ALA A 105 -7.84 -5.58 -6.09
CA ALA A 105 -9.08 -4.87 -6.39
C ALA A 105 -10.28 -5.72 -6.02
N ALA A 106 -10.19 -7.02 -6.28
CA ALA A 106 -11.29 -7.93 -5.95
C ALA A 106 -11.56 -7.93 -4.45
N GLU A 107 -10.48 -7.91 -3.66
CA GLU A 107 -10.61 -7.91 -2.20
C GLU A 107 -10.61 -6.49 -1.63
N LEU A 108 -10.53 -5.48 -2.51
CA LEU A 108 -10.51 -4.09 -2.06
C LEU A 108 -11.66 -3.83 -1.09
N ASN A 109 -11.36 -3.15 0.00
CA ASN A 109 -12.38 -2.84 1.01
C ASN A 109 -13.18 -1.61 0.60
N ALA A 110 -14.48 -1.65 0.84
CA ALA A 110 -15.35 -0.54 0.49
C ALA A 110 -15.03 0.68 1.34
N GLY A 111 -15.21 1.87 0.76
CA GLY A 111 -14.95 3.11 1.46
C GLY A 111 -13.46 3.49 1.40
N GLU A 112 -12.66 2.68 0.71
CA GLU A 112 -11.23 2.96 0.60
C GLU A 112 -10.79 2.86 -0.86
N TRP A 113 -9.86 3.72 -1.25
CA TRP A 113 -9.35 3.74 -2.61
C TRP A 113 -7.87 3.38 -2.66
N LEU A 114 -7.47 2.65 -3.69
CA LEU A 114 -6.08 2.25 -3.86
C LEU A 114 -5.36 3.27 -4.74
N LEU A 115 -4.05 3.41 -4.53
CA LEU A 115 -3.27 4.37 -5.31
C LEU A 115 -2.12 3.68 -6.02
N VAL A 116 -1.77 4.20 -7.20
CA VAL A 116 -0.69 3.65 -8.00
C VAL A 116 0.41 4.69 -8.20
N GLU A 117 1.65 4.31 -7.89
CA GLU A 117 2.77 5.22 -8.04
C GLU A 117 3.86 4.59 -8.91
N HIS A 118 4.64 5.43 -9.58
CA HIS A 118 5.71 4.94 -10.44
C HIS A 118 6.84 5.97 -10.53
N GLU A 119 8.01 5.51 -10.96
CA GLU A 119 9.17 6.39 -11.08
C GLU A 119 8.95 7.41 -12.19
N ALA A 120 9.59 8.58 -12.05
CA ALA A 120 9.45 9.64 -13.04
C ALA A 120 10.02 9.18 -14.38
N MET A 2 5.70 13.84 1.90
CA MET A 2 5.72 12.39 1.53
C MET A 2 4.58 11.67 2.24
N SER A 3 3.52 12.41 2.55
CA SER A 3 2.38 11.83 3.25
C SER A 3 1.73 10.73 2.40
N THR A 4 1.77 10.91 1.09
CA THR A 4 1.18 9.93 0.17
C THR A 4 1.99 8.64 0.19
N GLN A 5 3.28 8.76 0.46
CA GLN A 5 4.16 7.59 0.50
C GLN A 5 4.02 6.87 1.85
N TYR A 6 4.15 5.56 1.82
CA TYR A 6 4.06 4.77 3.05
C TYR A 6 5.41 4.19 3.43
N THR A 7 5.76 4.31 4.71
CA THR A 7 7.04 3.80 5.19
C THR A 7 6.86 2.99 6.47
N TYR A 8 7.92 2.32 6.90
CA TYR A 8 7.86 1.51 8.11
C TYR A 8 7.53 2.37 9.32
N GLN A 9 8.08 3.57 9.35
CA GLN A 9 7.84 4.49 10.47
C GLN A 9 6.36 4.84 10.56
N GLN A 10 5.73 5.08 9.41
CA GLN A 10 4.32 5.42 9.39
C GLN A 10 3.48 4.27 9.94
N ILE A 11 3.86 3.05 9.58
CA ILE A 11 3.16 1.86 10.06
C ILE A 11 3.27 1.76 11.58
N ALA A 12 4.46 2.02 12.09
CA ALA A 12 4.71 1.95 13.52
C ALA A 12 3.83 2.95 14.28
N GLU A 13 3.62 4.12 13.69
CA GLU A 13 2.80 5.14 14.33
C GLU A 13 1.34 4.69 14.39
N ASP A 14 0.88 3.99 13.37
CA ASP A 14 -0.50 3.51 13.35
C ASP A 14 -0.55 2.04 13.76
N PHE A 15 -1.01 1.79 14.98
CA PHE A 15 -1.11 0.43 15.49
C PHE A 15 -2.10 -0.40 14.69
N ARG A 16 -3.23 0.22 14.32
CA ARG A 16 -4.25 -0.49 13.56
C ARG A 16 -3.68 -0.97 12.23
N LEU A 17 -2.99 -0.08 11.51
CA LEU A 17 -2.39 -0.44 10.24
C LEU A 17 -1.30 -1.49 10.45
N TRP A 18 -0.53 -1.33 11.52
CA TRP A 18 0.55 -2.25 11.83
C TRP A 18 0.01 -3.66 12.01
N SER A 19 -1.07 -3.80 12.76
CA SER A 19 -1.66 -5.11 13.00
C SER A 19 -2.13 -5.73 11.69
N GLU A 20 -2.75 -4.91 10.84
CA GLU A 20 -3.27 -5.40 9.56
C GLU A 20 -2.15 -5.91 8.66
N TYR A 21 -1.04 -5.18 8.60
CA TYR A 21 0.08 -5.59 7.75
C TYR A 21 0.76 -6.83 8.30
N VAL A 22 0.92 -6.89 9.62
CA VAL A 22 1.56 -8.03 10.24
C VAL A 22 0.75 -9.30 10.02
N ASP A 23 -0.55 -9.21 10.25
CA ASP A 23 -1.43 -10.36 10.07
C ASP A 23 -2.90 -9.93 10.19
N THR A 24 -3.69 -10.22 9.18
CA THR A 24 -5.09 -9.85 9.20
C THR A 24 -5.85 -10.67 10.26
N ALA A 25 -5.46 -11.93 10.41
CA ALA A 25 -6.11 -12.80 11.39
C ALA A 25 -5.44 -12.67 12.75
N GLY A 26 -4.21 -12.17 12.76
CA GLY A 26 -3.46 -12.02 14.01
C GLY A 26 -4.02 -10.86 14.84
N GLU A 27 -3.84 -10.94 16.15
CA GLU A 27 -4.31 -9.89 17.04
C GLU A 27 -3.14 -9.14 17.65
N MET A 28 -3.28 -7.82 17.75
CA MET A 28 -2.21 -7.00 18.32
C MET A 28 -2.79 -6.02 19.34
N SER A 29 -2.12 -5.88 20.47
CA SER A 29 -2.59 -4.98 21.53
C SER A 29 -1.54 -3.92 21.86
N LYS A 30 -2.00 -2.77 22.31
CA LYS A 30 -1.10 -1.67 22.66
C LYS A 30 -0.15 -2.08 23.78
N ASP A 31 -0.51 -3.13 24.52
CA ASP A 31 0.33 -3.59 25.62
C ASP A 31 1.71 -3.98 25.10
N GLU A 32 1.72 -4.63 23.94
CA GLU A 32 2.98 -5.04 23.33
C GLU A 32 3.85 -3.83 23.02
N PHE A 33 3.22 -2.76 22.56
CA PHE A 33 3.95 -1.54 22.22
C PHE A 33 4.73 -1.00 23.43
N ASN A 34 4.07 -0.91 24.57
CA ASN A 34 4.72 -0.40 25.77
C ASN A 34 5.90 -1.29 26.17
N SER A 35 5.71 -2.61 26.03
CA SER A 35 6.74 -3.56 26.39
C SER A 35 8.01 -3.39 25.56
N LEU A 36 7.85 -3.18 24.25
CA LEU A 36 9.02 -3.03 23.36
C LEU A 36 9.26 -1.57 22.99
N SER A 37 10.51 -1.23 22.76
CA SER A 37 10.88 0.14 22.39
C SER A 37 10.29 0.49 21.02
N THR A 38 10.06 1.77 20.78
CA THR A 38 9.50 2.21 19.51
C THR A 38 10.42 1.83 18.35
N GLU A 39 11.71 2.05 18.52
CA GLU A 39 12.68 1.73 17.48
C GLU A 39 12.70 0.23 17.21
N ASP A 40 12.31 -0.56 18.21
CA ASP A 40 12.30 -2.02 18.07
C ASP A 40 11.33 -2.43 16.96
N LYS A 41 10.20 -1.75 16.87
CA LYS A 41 9.19 -2.08 15.87
C LYS A 41 9.78 -1.93 14.47
N VAL A 42 10.57 -0.90 14.25
CA VAL A 42 11.17 -0.67 12.95
C VAL A 42 12.09 -1.83 12.58
N ARG A 43 12.92 -2.25 13.54
CA ARG A 43 13.84 -3.35 13.30
C ARG A 43 13.08 -4.63 12.97
N LEU A 44 12.03 -4.91 13.75
CA LEU A 44 11.23 -6.11 13.53
C LEU A 44 10.57 -6.09 12.16
N GLN A 45 10.05 -4.93 11.77
CA GLN A 45 9.40 -4.81 10.47
C GLN A 45 10.40 -5.02 9.34
N VAL A 46 11.59 -4.45 9.50
CA VAL A 46 12.63 -4.59 8.49
C VAL A 46 13.04 -6.06 8.33
N GLU A 47 13.23 -6.73 9.46
CA GLU A 47 13.62 -8.13 9.45
C GLU A 47 12.53 -9.01 8.82
N ALA A 48 11.27 -8.69 9.14
CA ALA A 48 10.15 -9.47 8.62
C ALA A 48 10.11 -9.45 7.10
N PHE A 49 10.37 -8.29 6.50
CA PHE A 49 10.36 -8.17 5.05
C PHE A 49 11.77 -8.15 4.47
N GLY A 50 12.77 -8.34 5.33
CA GLY A 50 14.16 -8.34 4.87
C GLY A 50 14.67 -6.91 4.69
N GLU A 51 15.94 -6.78 4.33
CA GLU A 51 16.53 -5.46 4.12
C GLU A 51 16.20 -4.93 2.74
N GLU A 52 16.23 -3.61 2.58
CA GLU A 52 15.92 -3.01 1.30
C GLU A 52 17.06 -3.23 0.30
N LYS A 53 16.70 -3.63 -0.92
CA LYS A 53 17.69 -3.89 -1.96
C LYS A 53 16.99 -4.23 -3.26
N SER A 54 15.84 -4.89 -3.16
CA SER A 54 15.07 -5.28 -4.33
C SER A 54 13.63 -4.80 -4.18
N PRO A 55 13.33 -3.57 -4.53
CA PRO A 55 11.95 -3.01 -4.41
C PRO A 55 10.98 -3.66 -5.38
N LYS A 56 9.73 -3.77 -4.96
CA LYS A 56 8.68 -4.38 -5.79
C LYS A 56 7.46 -3.48 -5.82
N PHE A 57 6.65 -3.61 -6.88
CA PHE A 57 5.46 -2.79 -7.01
C PHE A 57 4.41 -3.22 -5.98
N SER A 58 3.91 -2.26 -5.22
CA SER A 58 2.91 -2.55 -4.19
C SER A 58 1.79 -1.52 -4.21
N THR A 59 0.59 -1.94 -3.83
CA THR A 59 -0.56 -1.04 -3.80
C THR A 59 -1.24 -1.09 -2.44
N LYS A 60 -2.03 -0.06 -2.14
CA LYS A 60 -2.73 0.00 -0.87
C LYS A 60 -4.16 0.48 -1.07
N VAL A 61 -5.09 -0.06 -0.27
CA VAL A 61 -6.49 0.31 -0.38
C VAL A 61 -6.78 1.58 0.40
N THR A 62 -7.45 2.53 -0.25
CA THR A 62 -7.79 3.79 0.38
C THR A 62 -9.26 4.10 0.29
N THR A 63 -9.70 4.99 1.17
CA THR A 63 -11.07 5.41 1.19
C THR A 63 -11.22 6.60 0.26
N LYS A 64 -12.41 6.79 -0.24
CA LYS A 64 -12.67 7.89 -1.17
C LYS A 64 -12.05 9.19 -0.66
N PRO A 65 -10.98 9.66 -1.26
CA PRO A 65 -10.30 10.92 -0.82
C PRO A 65 -11.08 12.15 -1.24
N ASP A 66 -10.73 13.29 -0.66
CA ASP A 66 -11.42 14.55 -0.98
C ASP A 66 -10.91 15.13 -2.30
N PHE A 67 -11.46 16.27 -2.69
CA PHE A 67 -11.07 16.92 -3.93
C PHE A 67 -9.60 17.36 -3.88
N ASP A 68 -9.04 17.66 -5.05
CA ASP A 68 -7.66 18.08 -5.14
C ASP A 68 -6.73 17.07 -4.47
N GLY A 69 -6.62 15.89 -5.06
CA GLY A 69 -5.76 14.85 -4.53
C GLY A 69 -4.56 14.60 -5.43
N PHE A 70 -3.37 14.64 -4.84
CA PHE A 70 -2.15 14.43 -5.61
C PHE A 70 -2.07 13.00 -6.13
N GLN A 71 -2.52 12.06 -5.31
CA GLN A 71 -2.49 10.64 -5.68
C GLN A 71 -3.68 10.29 -6.56
N PHE A 72 -3.47 9.33 -7.46
CA PHE A 72 -4.52 8.88 -8.36
C PHE A 72 -5.10 7.55 -7.88
N TYR A 73 -6.42 7.49 -7.75
CA TYR A 73 -7.07 6.28 -7.26
C TYR A 73 -8.02 5.70 -8.32
N ILE A 74 -8.21 4.39 -8.26
CA ILE A 74 -9.09 3.69 -9.20
C ILE A 74 -10.42 3.36 -8.53
N GLU A 75 -11.51 3.79 -9.16
CA GLU A 75 -12.84 3.54 -8.62
C GLU A 75 -13.10 2.04 -8.53
N ALA A 76 -13.66 1.60 -7.41
CA ALA A 76 -13.96 0.18 -7.22
C ALA A 76 -14.95 -0.31 -8.27
N GLY A 77 -14.75 -1.54 -8.72
CA GLY A 77 -15.64 -2.12 -9.73
C GLY A 77 -15.25 -1.67 -11.14
N ARG A 78 -14.16 -0.91 -11.25
CA ARG A 78 -13.70 -0.44 -12.54
C ARG A 78 -12.40 -1.15 -12.94
N ASP A 79 -12.33 -1.58 -14.20
CA ASP A 79 -11.13 -2.28 -14.67
C ASP A 79 -9.97 -1.32 -14.80
N PHE A 80 -8.77 -1.87 -15.02
CA PHE A 80 -7.57 -1.05 -15.14
C PHE A 80 -6.78 -1.42 -16.39
N ASP A 81 -6.51 -0.42 -17.23
CA ASP A 81 -5.75 -0.65 -18.45
C ASP A 81 -4.36 -0.03 -18.34
N GLY A 82 -3.34 -0.85 -18.51
CA GLY A 82 -1.96 -0.36 -18.41
C GLY A 82 -1.68 0.69 -19.49
N ASP A 83 -2.18 0.45 -20.69
CA ASP A 83 -1.95 1.38 -21.80
C ASP A 83 -2.58 2.74 -21.49
N ALA A 84 -3.84 2.73 -21.07
CA ALA A 84 -4.54 3.98 -20.76
C ALA A 84 -3.85 4.69 -19.59
N TYR A 85 -3.46 3.91 -18.59
CA TYR A 85 -2.80 4.45 -17.42
C TYR A 85 -1.49 5.13 -17.79
N THR A 86 -0.70 4.44 -18.62
CA THR A 86 0.60 4.96 -19.03
C THR A 86 0.46 6.28 -19.78
N GLU A 87 -0.47 6.34 -20.73
CA GLU A 87 -0.66 7.57 -21.50
C GLU A 87 -1.13 8.72 -20.62
N ALA A 88 -2.10 8.45 -19.76
CA ALA A 88 -2.65 9.49 -18.88
C ALA A 88 -1.61 9.97 -17.86
N TYR A 89 -0.91 9.03 -17.24
CA TYR A 89 0.09 9.35 -16.24
C TYR A 89 1.34 9.95 -16.88
N GLY A 90 1.70 9.42 -18.05
CA GLY A 90 2.88 9.89 -18.76
C GLY A 90 4.13 9.10 -18.39
N VAL A 91 3.96 8.02 -17.62
CA VAL A 91 5.10 7.19 -17.22
C VAL A 91 4.85 5.73 -17.60
N ALA A 92 5.82 5.14 -18.29
CA ALA A 92 5.71 3.75 -18.72
C ALA A 92 5.72 2.80 -17.52
N VAL A 93 4.92 1.74 -17.61
CA VAL A 93 4.85 0.76 -16.52
C VAL A 93 4.96 -0.66 -17.08
N PRO A 94 5.40 -1.61 -16.29
CA PRO A 94 5.55 -3.02 -16.75
C PRO A 94 4.24 -3.59 -17.30
N THR A 95 4.32 -4.34 -18.38
CA THR A 95 3.12 -4.94 -18.97
C THR A 95 2.53 -6.01 -18.06
N ASN A 96 3.40 -6.83 -17.48
CA ASN A 96 2.97 -7.92 -16.60
C ASN A 96 2.24 -7.41 -15.35
N ILE A 97 2.72 -6.32 -14.77
CA ILE A 97 2.10 -5.78 -13.56
C ILE A 97 0.66 -5.35 -13.83
N ALA A 98 0.39 -4.93 -15.06
CA ALA A 98 -0.95 -4.50 -15.42
C ALA A 98 -1.96 -5.64 -15.25
N ALA A 99 -1.55 -6.85 -15.63
CA ALA A 99 -2.42 -8.01 -15.52
C ALA A 99 -2.77 -8.27 -14.05
N ARG A 100 -1.79 -8.08 -13.16
CA ARG A 100 -2.00 -8.29 -11.74
C ARG A 100 -3.04 -7.31 -11.20
N ILE A 101 -2.98 -6.08 -11.68
CA ILE A 101 -3.92 -5.05 -11.23
C ILE A 101 -5.35 -5.45 -11.56
N GLN A 102 -5.57 -5.92 -12.78
CA GLN A 102 -6.90 -6.32 -13.20
C GLN A 102 -7.43 -7.45 -12.31
N ALA A 103 -6.57 -8.43 -12.03
CA ALA A 103 -6.95 -9.54 -11.18
C ALA A 103 -7.30 -9.04 -9.77
N GLN A 104 -6.50 -8.10 -9.29
CA GLN A 104 -6.70 -7.53 -7.96
C GLN A 104 -8.03 -6.80 -7.88
N ALA A 105 -8.39 -6.09 -8.95
CA ALA A 105 -9.64 -5.35 -8.98
C ALA A 105 -10.83 -6.27 -8.78
N ALA A 106 -10.76 -7.46 -9.38
CA ALA A 106 -11.85 -8.44 -9.25
C ALA A 106 -12.04 -8.82 -7.78
N GLU A 107 -10.94 -9.00 -7.07
CA GLU A 107 -11.00 -9.36 -5.65
C GLU A 107 -11.50 -8.17 -4.84
N LEU A 108 -11.14 -6.98 -5.31
CA LEU A 108 -11.53 -5.75 -4.65
C LEU A 108 -13.04 -5.55 -4.70
N ASN A 109 -13.62 -5.17 -3.57
CA ASN A 109 -15.06 -4.94 -3.50
C ASN A 109 -15.36 -3.44 -3.56
N ALA A 110 -16.64 -3.11 -3.69
CA ALA A 110 -17.06 -1.71 -3.77
C ALA A 110 -16.71 -0.98 -2.47
N GLY A 111 -16.38 0.30 -2.58
CA GLY A 111 -16.04 1.11 -1.42
C GLY A 111 -14.54 1.13 -1.17
N GLU A 112 -13.79 0.31 -1.91
CA GLU A 112 -12.34 0.26 -1.74
C GLU A 112 -11.64 0.67 -3.03
N TRP A 113 -10.73 1.63 -2.93
CA TRP A 113 -9.99 2.11 -4.10
C TRP A 113 -8.52 1.72 -4.01
N LEU A 114 -7.93 1.38 -5.16
CA LEU A 114 -6.53 0.98 -5.19
C LEU A 114 -5.64 2.18 -5.52
N LEU A 115 -4.47 2.22 -4.89
CA LEU A 115 -3.53 3.31 -5.11
C LEU A 115 -2.33 2.83 -5.92
N VAL A 116 -2.02 3.54 -7.00
CA VAL A 116 -0.90 3.18 -7.85
C VAL A 116 0.20 4.24 -7.79
N GLU A 117 1.41 3.82 -7.45
CA GLU A 117 2.53 4.73 -7.36
C GLU A 117 3.85 3.99 -7.61
N HIS A 118 4.90 4.75 -7.90
CA HIS A 118 6.21 4.15 -8.15
C HIS A 118 7.32 5.13 -7.79
N GLU A 119 8.54 4.61 -7.66
CA GLU A 119 9.68 5.44 -7.31
C GLU A 119 10.11 6.28 -8.52
N ALA A 120 10.55 7.50 -8.26
CA ALA A 120 10.99 8.39 -9.33
C ALA A 120 9.90 8.53 -10.39
N MET A 2 -1.79 14.45 4.75
CA MET A 2 -0.52 15.23 4.89
C MET A 2 0.48 14.73 3.86
N SER A 3 0.69 13.40 3.83
CA SER A 3 1.63 12.81 2.88
C SER A 3 0.95 11.72 2.06
N THR A 4 1.38 11.58 0.81
CA THR A 4 0.80 10.57 -0.07
C THR A 4 1.65 9.29 -0.08
N GLN A 5 2.78 9.32 0.62
CA GLN A 5 3.66 8.16 0.67
C GLN A 5 3.64 7.53 2.06
N TYR A 6 3.48 6.21 2.10
CA TYR A 6 3.44 5.49 3.38
C TYR A 6 4.77 4.79 3.63
N THR A 7 5.24 4.86 4.86
CA THR A 7 6.52 4.23 5.23
C THR A 7 6.35 3.38 6.48
N TYR A 8 7.35 2.54 6.75
CA TYR A 8 7.31 1.67 7.92
C TYR A 8 7.25 2.49 9.20
N GLN A 9 7.98 3.59 9.23
CA GLN A 9 8.01 4.45 10.42
C GLN A 9 6.62 4.98 10.74
N GLN A 10 5.89 5.43 9.71
CA GLN A 10 4.55 5.96 9.91
C GLN A 10 3.63 4.87 10.43
N ILE A 11 3.77 3.67 9.88
CA ILE A 11 2.95 2.55 10.30
C ILE A 11 3.22 2.21 11.76
N ALA A 12 4.49 2.20 12.14
CA ALA A 12 4.88 1.88 13.50
C ALA A 12 4.28 2.88 14.49
N GLU A 13 4.23 4.15 14.09
CA GLU A 13 3.68 5.18 14.97
C GLU A 13 2.17 5.00 15.14
N ASP A 14 1.50 4.55 14.08
CA ASP A 14 0.06 4.34 14.15
C ASP A 14 -0.25 2.85 14.32
N PHE A 15 -0.72 2.49 15.51
CA PHE A 15 -1.04 1.09 15.81
C PHE A 15 -2.16 0.59 14.91
N ARG A 16 -3.11 1.47 14.60
CA ARG A 16 -4.24 1.08 13.75
C ARG A 16 -3.76 0.59 12.39
N LEU A 17 -2.81 1.31 11.79
CA LEU A 17 -2.28 0.92 10.49
C LEU A 17 -1.54 -0.42 10.59
N TRP A 18 -0.85 -0.63 11.69
CA TRP A 18 -0.08 -1.86 11.88
C TRP A 18 -0.99 -3.08 11.83
N SER A 19 -2.08 -3.04 12.58
CA SER A 19 -3.02 -4.16 12.62
C SER A 19 -3.95 -4.15 11.40
N GLU A 20 -3.97 -3.03 10.67
CA GLU A 20 -4.83 -2.92 9.49
C GLU A 20 -4.44 -3.94 8.43
N TYR A 21 -3.14 -4.11 8.21
CA TYR A 21 -2.66 -5.05 7.20
C TYR A 21 -2.19 -6.35 7.82
N VAL A 22 -1.63 -6.28 9.02
CA VAL A 22 -1.13 -7.48 9.69
C VAL A 22 -2.27 -8.44 9.99
N ASP A 23 -3.35 -7.93 10.54
CA ASP A 23 -4.51 -8.77 10.86
C ASP A 23 -5.68 -7.91 11.33
N THR A 24 -6.81 -8.05 10.65
CA THR A 24 -8.00 -7.28 11.01
C THR A 24 -8.48 -7.65 12.41
N ALA A 25 -8.54 -8.95 12.68
CA ALA A 25 -8.99 -9.44 13.98
C ALA A 25 -7.85 -9.44 15.01
N GLY A 26 -6.62 -9.31 14.54
CA GLY A 26 -5.47 -9.32 15.44
C GLY A 26 -5.50 -8.11 16.38
N GLU A 27 -5.11 -8.33 17.63
CA GLU A 27 -5.08 -7.25 18.61
C GLU A 27 -3.65 -6.90 19.00
N MET A 28 -3.36 -5.60 19.08
CA MET A 28 -2.02 -5.15 19.44
C MET A 28 -2.11 -3.99 20.41
N SER A 29 -1.23 -4.00 21.42
CA SER A 29 -1.23 -2.94 22.42
C SER A 29 0.11 -2.19 22.40
N LYS A 30 0.05 -0.91 22.76
CA LYS A 30 1.26 -0.09 22.79
C LYS A 30 2.27 -0.61 23.80
N ASP A 31 1.78 -1.38 24.77
CA ASP A 31 2.67 -1.94 25.79
C ASP A 31 3.72 -2.84 25.17
N GLU A 32 3.31 -3.62 24.18
CA GLU A 32 4.23 -4.51 23.49
C GLU A 32 5.32 -3.71 22.79
N PHE A 33 4.91 -2.62 22.16
CA PHE A 33 5.86 -1.77 21.43
C PHE A 33 6.93 -1.23 22.37
N ASN A 34 6.51 -0.71 23.51
CA ASN A 34 7.44 -0.16 24.49
C ASN A 34 8.41 -1.23 24.99
N SER A 35 7.89 -2.44 25.20
CA SER A 35 8.71 -3.54 25.69
C SER A 35 9.84 -3.86 24.71
N LEU A 36 9.52 -3.82 23.42
CA LEU A 36 10.51 -4.11 22.39
C LEU A 36 11.18 -2.83 21.90
N SER A 37 12.45 -2.94 21.51
CA SER A 37 13.19 -1.78 21.03
C SER A 37 12.55 -1.24 19.75
N THR A 38 12.61 0.07 19.55
CA THR A 38 12.03 0.69 18.37
C THR A 38 12.66 0.16 17.10
N GLU A 39 13.99 0.09 17.10
CA GLU A 39 14.71 -0.40 15.92
C GLU A 39 14.36 -1.88 15.67
N ASP A 40 14.28 -2.65 16.75
CA ASP A 40 13.96 -4.06 16.65
C ASP A 40 12.56 -4.26 16.08
N LYS A 41 11.64 -3.41 16.50
CA LYS A 41 10.26 -3.50 16.03
C LYS A 41 10.20 -3.34 14.51
N VAL A 42 10.91 -2.33 14.00
CA VAL A 42 10.96 -2.07 12.56
C VAL A 42 11.66 -3.21 11.83
N ARG A 43 12.73 -3.72 12.43
CA ARG A 43 13.50 -4.80 11.82
C ARG A 43 12.62 -6.02 11.58
N LEU A 44 11.79 -6.36 12.56
CA LEU A 44 10.90 -7.50 12.43
C LEU A 44 9.96 -7.29 11.24
N GLN A 45 9.42 -6.08 11.14
CA GLN A 45 8.51 -5.75 10.05
C GLN A 45 9.22 -5.82 8.70
N VAL A 46 10.44 -5.30 8.66
CA VAL A 46 11.21 -5.29 7.42
C VAL A 46 11.52 -6.71 6.93
N GLU A 47 11.99 -7.56 7.84
CA GLU A 47 12.32 -8.93 7.47
C GLU A 47 11.06 -9.73 7.17
N ALA A 48 9.92 -9.26 7.68
CA ALA A 48 8.66 -9.95 7.44
C ALA A 48 8.34 -9.97 5.95
N PHE A 49 8.61 -8.85 5.28
CA PHE A 49 8.37 -8.74 3.85
C PHE A 49 9.68 -8.82 3.06
N GLY A 50 10.78 -9.13 3.74
CA GLY A 50 12.07 -9.23 3.08
C GLY A 50 12.75 -7.86 2.99
N GLU A 51 13.97 -7.84 2.47
CA GLU A 51 14.73 -6.61 2.34
C GLU A 51 14.89 -6.23 0.86
N GLU A 52 14.68 -4.96 0.56
CA GLU A 52 14.79 -4.49 -0.82
C GLU A 52 15.47 -3.13 -0.88
N LYS A 53 16.22 -2.89 -1.95
CA LYS A 53 16.91 -1.62 -2.12
C LYS A 53 16.21 -0.76 -3.15
N SER A 54 16.06 -1.31 -4.36
CA SER A 54 15.40 -0.58 -5.44
C SER A 54 13.88 -0.52 -5.20
N PRO A 55 13.22 0.47 -5.72
CA PRO A 55 11.74 0.61 -5.54
C PRO A 55 10.95 -0.43 -6.33
N LYS A 56 9.84 -0.89 -5.76
CA LYS A 56 9.00 -1.87 -6.42
C LYS A 56 7.54 -1.43 -6.41
N PHE A 57 6.76 -1.93 -7.35
CA PHE A 57 5.34 -1.57 -7.43
C PHE A 57 4.58 -2.20 -6.26
N SER A 58 3.82 -1.36 -5.55
CA SER A 58 3.05 -1.83 -4.41
C SER A 58 1.64 -1.23 -4.42
N THR A 59 0.74 -1.84 -3.65
CA THR A 59 -0.63 -1.35 -3.59
C THR A 59 -1.05 -1.15 -2.13
N LYS A 60 -2.08 -0.34 -1.93
CA LYS A 60 -2.58 -0.06 -0.59
C LYS A 60 -4.10 -0.03 -0.58
N VAL A 61 -4.69 -0.56 0.49
CA VAL A 61 -6.15 -0.60 0.61
C VAL A 61 -6.68 0.72 1.15
N THR A 62 -7.59 1.34 0.41
CA THR A 62 -8.17 2.61 0.81
C THR A 62 -9.67 2.63 0.70
N THR A 63 -10.26 3.58 1.39
CA THR A 63 -11.69 3.78 1.36
C THR A 63 -11.95 4.99 0.48
N LYS A 64 -13.13 5.03 -0.11
CA LYS A 64 -13.49 6.12 -1.01
C LYS A 64 -13.12 7.47 -0.38
N PRO A 65 -12.08 8.13 -0.87
CA PRO A 65 -11.63 9.44 -0.32
C PRO A 65 -12.53 10.60 -0.77
N ASP A 66 -12.17 11.81 -0.38
CA ASP A 66 -12.95 12.98 -0.74
C ASP A 66 -12.71 13.37 -2.19
N PHE A 67 -13.70 14.01 -2.79
CA PHE A 67 -13.60 14.42 -4.19
C PHE A 67 -12.53 15.50 -4.36
N ASP A 68 -11.92 15.53 -5.54
CA ASP A 68 -10.88 16.51 -5.83
C ASP A 68 -9.70 16.34 -4.87
N GLY A 69 -8.99 15.22 -5.01
CA GLY A 69 -7.84 14.94 -4.16
C GLY A 69 -6.57 14.83 -4.99
N PHE A 70 -5.44 15.20 -4.39
CA PHE A 70 -4.16 15.15 -5.09
C PHE A 70 -3.80 13.70 -5.43
N GLN A 71 -4.10 12.79 -4.51
CA GLN A 71 -3.79 11.38 -4.72
C GLN A 71 -4.71 10.78 -5.77
N PHE A 72 -4.19 9.82 -6.53
CA PHE A 72 -4.96 9.17 -7.58
C PHE A 72 -5.43 7.79 -7.11
N TYR A 73 -6.73 7.54 -7.25
CA TYR A 73 -7.31 6.26 -6.82
C TYR A 73 -7.99 5.56 -7.99
N ILE A 74 -8.04 4.23 -7.91
CA ILE A 74 -8.68 3.44 -8.97
C ILE A 74 -10.10 3.07 -8.55
N GLU A 75 -11.07 3.45 -9.36
CA GLU A 75 -12.46 3.15 -9.08
C GLU A 75 -12.70 1.64 -9.11
N ALA A 76 -13.40 1.14 -8.09
CA ALA A 76 -13.68 -0.30 -8.00
C ALA A 76 -14.55 -0.73 -9.18
N GLY A 77 -14.28 -1.92 -9.70
CA GLY A 77 -15.04 -2.45 -10.82
C GLY A 77 -14.54 -1.89 -12.16
N ARG A 78 -13.48 -1.08 -12.11
CA ARG A 78 -12.93 -0.49 -13.32
C ARG A 78 -11.67 -1.24 -13.75
N ASP A 79 -11.62 -1.64 -15.01
CA ASP A 79 -10.46 -2.36 -15.53
C ASP A 79 -9.21 -1.50 -15.44
N PHE A 80 -8.08 -2.14 -15.14
CA PHE A 80 -6.82 -1.42 -15.02
C PHE A 80 -6.00 -1.59 -16.28
N ASP A 81 -5.67 -0.46 -16.93
CA ASP A 81 -4.88 -0.49 -18.15
C ASP A 81 -3.45 -0.06 -17.88
N GLY A 82 -2.49 -0.86 -18.36
CA GLY A 82 -1.08 -0.54 -18.17
C GLY A 82 -0.72 0.77 -18.84
N ASP A 83 -1.28 0.99 -20.03
CA ASP A 83 -0.99 2.22 -20.77
C ASP A 83 -1.42 3.45 -19.98
N ALA A 84 -2.58 3.36 -19.32
CA ALA A 84 -3.07 4.49 -18.53
C ALA A 84 -2.09 4.79 -17.41
N TYR A 85 -1.58 3.74 -16.78
CA TYR A 85 -0.61 3.90 -15.69
C TYR A 85 0.63 4.62 -16.19
N THR A 86 1.15 4.16 -17.32
CA THR A 86 2.34 4.75 -17.91
C THR A 86 2.12 6.20 -18.28
N GLU A 87 0.99 6.49 -18.91
CA GLU A 87 0.68 7.85 -19.34
C GLU A 87 0.48 8.79 -18.14
N ALA A 88 -0.14 8.27 -17.08
CA ALA A 88 -0.42 9.08 -15.89
C ALA A 88 0.86 9.61 -15.23
N TYR A 89 1.90 8.77 -15.14
CA TYR A 89 3.14 9.21 -14.50
C TYR A 89 4.26 9.45 -15.52
N GLY A 90 4.02 9.09 -16.77
CA GLY A 90 5.03 9.28 -17.81
C GLY A 90 6.17 8.28 -17.66
N VAL A 91 5.92 7.20 -16.91
CA VAL A 91 6.95 6.18 -16.70
C VAL A 91 6.45 4.82 -17.15
N ALA A 92 7.24 4.14 -17.99
CA ALA A 92 6.86 2.83 -18.49
C ALA A 92 6.72 1.84 -17.35
N VAL A 93 5.79 0.90 -17.51
CA VAL A 93 5.55 -0.11 -16.47
C VAL A 93 5.66 -1.52 -17.08
N PRO A 94 6.16 -2.50 -16.36
CA PRO A 94 6.28 -3.89 -16.90
C PRO A 94 4.93 -4.47 -17.32
N THR A 95 4.93 -5.24 -18.40
CA THR A 95 3.70 -5.83 -18.90
C THR A 95 3.20 -6.91 -17.94
N ASN A 96 4.12 -7.73 -17.43
CA ASN A 96 3.75 -8.83 -16.54
C ASN A 96 3.12 -8.33 -15.23
N ILE A 97 3.67 -7.28 -14.65
CA ILE A 97 3.13 -6.75 -13.40
C ILE A 97 1.79 -6.05 -13.64
N ALA A 98 1.66 -5.44 -14.81
CA ALA A 98 0.42 -4.74 -15.15
C ALA A 98 -0.75 -5.70 -15.19
N ALA A 99 -0.52 -6.90 -15.73
CA ALA A 99 -1.57 -7.91 -15.81
C ALA A 99 -2.06 -8.30 -14.42
N ARG A 100 -1.12 -8.43 -13.48
CA ARG A 100 -1.47 -8.80 -12.13
C ARG A 100 -2.38 -7.75 -11.48
N ILE A 101 -2.10 -6.48 -11.76
CA ILE A 101 -2.90 -5.40 -11.21
C ILE A 101 -4.35 -5.53 -11.66
N GLN A 102 -4.53 -5.79 -12.95
CA GLN A 102 -5.88 -5.93 -13.51
C GLN A 102 -6.60 -7.10 -12.86
N ALA A 103 -5.85 -8.19 -12.65
CA ALA A 103 -6.42 -9.40 -12.04
C ALA A 103 -6.93 -9.09 -10.63
N GLN A 104 -6.18 -8.26 -9.91
CA GLN A 104 -6.56 -7.90 -8.55
C GLN A 104 -7.92 -7.20 -8.54
N ALA A 105 -8.14 -6.34 -9.51
CA ALA A 105 -9.41 -5.61 -9.61
C ALA A 105 -10.57 -6.58 -9.78
N ALA A 106 -10.35 -7.63 -10.58
CA ALA A 106 -11.37 -8.63 -10.84
C ALA A 106 -11.80 -9.33 -9.55
N GLU A 107 -10.83 -9.57 -8.66
CA GLU A 107 -11.12 -10.24 -7.39
C GLU A 107 -11.40 -9.20 -6.31
N LEU A 108 -11.11 -7.95 -6.63
CA LEU A 108 -11.33 -6.87 -5.69
C LEU A 108 -12.83 -6.62 -5.50
N ASN A 109 -13.25 -6.57 -4.24
CA ASN A 109 -14.66 -6.35 -3.92
C ASN A 109 -15.01 -4.88 -3.99
N ALA A 110 -16.28 -4.59 -4.26
CA ALA A 110 -16.75 -3.22 -4.36
C ALA A 110 -16.63 -2.51 -3.01
N GLY A 111 -16.43 -1.20 -3.06
CA GLY A 111 -16.30 -0.41 -1.83
C GLY A 111 -14.83 -0.26 -1.42
N GLU A 112 -13.93 -0.98 -2.10
CA GLU A 112 -12.51 -0.90 -1.79
C GLU A 112 -11.74 -0.38 -3.00
N TRP A 113 -10.98 0.69 -2.79
CA TRP A 113 -10.19 1.27 -3.87
C TRP A 113 -8.71 1.07 -3.63
N LEU A 114 -7.97 0.78 -4.69
CA LEU A 114 -6.53 0.55 -4.57
C LEU A 114 -5.76 1.83 -4.90
N LEU A 115 -4.65 2.04 -4.21
CA LEU A 115 -3.83 3.22 -4.43
C LEU A 115 -2.59 2.86 -5.24
N VAL A 116 -2.38 3.56 -6.35
CA VAL A 116 -1.22 3.31 -7.21
C VAL A 116 -0.02 4.11 -6.71
N GLU A 117 1.09 3.41 -6.48
CA GLU A 117 2.30 4.07 -6.01
C GLU A 117 3.43 3.87 -7.01
N HIS A 118 4.25 4.91 -7.18
CA HIS A 118 5.37 4.84 -8.11
C HIS A 118 6.53 5.70 -7.62
N GLU A 119 7.73 5.13 -7.61
CA GLU A 119 8.91 5.86 -7.16
C GLU A 119 10.02 5.79 -8.21
N ALA A 120 10.81 6.85 -8.31
CA ALA A 120 11.90 6.88 -9.27
C ALA A 120 12.96 7.90 -8.84
N MET A 2 5.08 12.81 8.13
CA MET A 2 3.75 13.46 7.99
C MET A 2 3.54 13.90 6.54
N SER A 3 3.03 12.98 5.73
CA SER A 3 2.79 13.29 4.32
C SER A 3 1.67 12.40 3.77
N THR A 4 1.12 12.80 2.62
CA THR A 4 0.05 12.03 2.00
C THR A 4 0.53 10.62 1.66
N GLN A 5 1.73 10.53 1.08
CA GLN A 5 2.29 9.24 0.71
C GLN A 5 2.49 8.37 1.96
N TYR A 6 2.41 7.06 1.77
CA TYR A 6 2.58 6.13 2.87
C TYR A 6 3.89 5.36 2.76
N THR A 7 4.58 5.19 3.88
CA THR A 7 5.84 4.48 3.89
C THR A 7 5.84 3.40 4.98
N TYR A 8 6.78 2.47 4.89
CA TYR A 8 6.86 1.39 5.87
C TYR A 8 7.11 1.98 7.26
N GLN A 9 7.98 2.99 7.33
CA GLN A 9 8.29 3.63 8.60
C GLN A 9 7.05 4.29 9.19
N GLN A 10 6.28 4.97 8.34
CA GLN A 10 5.08 5.65 8.79
C GLN A 10 4.08 4.64 9.38
N ILE A 11 3.94 3.50 8.71
CA ILE A 11 3.03 2.46 9.18
C ILE A 11 3.45 1.96 10.55
N ALA A 12 4.75 1.74 10.70
CA ALA A 12 5.29 1.25 11.97
C ALA A 12 5.02 2.25 13.10
N GLU A 13 5.13 3.53 12.79
CA GLU A 13 4.90 4.57 13.80
C GLU A 13 3.42 4.62 14.19
N ASP A 14 2.55 4.34 13.24
CA ASP A 14 1.11 4.34 13.50
C ASP A 14 0.65 2.95 13.90
N PHE A 15 0.15 2.83 15.14
CA PHE A 15 -0.32 1.55 15.64
C PHE A 15 -1.51 1.04 14.84
N ARG A 16 -2.43 1.95 14.50
CA ARG A 16 -3.62 1.56 13.75
C ARG A 16 -3.26 0.99 12.39
N LEU A 17 -2.33 1.63 11.70
CA LEU A 17 -1.92 1.17 10.38
C LEU A 17 -1.20 -0.18 10.47
N TRP A 18 -0.39 -0.34 11.50
CA TRP A 18 0.35 -1.59 11.68
C TRP A 18 -0.60 -2.78 11.80
N SER A 19 -1.62 -2.63 12.64
CA SER A 19 -2.58 -3.70 12.84
C SER A 19 -3.40 -3.94 11.57
N GLU A 20 -3.72 -2.86 10.86
CA GLU A 20 -4.51 -2.97 9.64
C GLU A 20 -3.80 -3.79 8.57
N TYR A 21 -2.52 -3.50 8.35
CA TYR A 21 -1.76 -4.24 7.34
C TYR A 21 -1.49 -5.67 7.77
N VAL A 22 -1.17 -5.85 9.05
CA VAL A 22 -0.89 -7.18 9.57
C VAL A 22 -2.12 -8.08 9.49
N ASP A 23 -3.26 -7.54 9.95
CA ASP A 23 -4.50 -8.28 9.92
C ASP A 23 -5.66 -7.40 10.38
N THR A 24 -6.68 -7.28 9.54
CA THR A 24 -7.83 -6.46 9.89
C THR A 24 -8.54 -7.01 11.12
N ALA A 25 -8.76 -8.32 11.13
CA ALA A 25 -9.42 -8.97 12.26
C ALA A 25 -8.47 -9.13 13.45
N GLY A 26 -7.18 -9.12 13.17
CA GLY A 26 -6.17 -9.28 14.22
C GLY A 26 -6.13 -8.06 15.13
N GLU A 27 -5.75 -8.30 16.38
CA GLU A 27 -5.67 -7.22 17.37
C GLU A 27 -4.21 -6.95 17.72
N MET A 28 -3.87 -5.69 17.95
CA MET A 28 -2.51 -5.32 18.30
C MET A 28 -2.49 -4.31 19.45
N SER A 29 -1.55 -4.47 20.36
CA SER A 29 -1.43 -3.57 21.50
C SER A 29 -0.07 -2.85 21.48
N LYS A 30 -0.05 -1.64 22.04
CA LYS A 30 1.19 -0.86 22.09
C LYS A 30 2.28 -1.61 22.83
N ASP A 31 1.87 -2.53 23.71
CA ASP A 31 2.84 -3.31 24.49
C ASP A 31 3.73 -4.13 23.57
N GLU A 32 3.13 -4.68 22.51
CA GLU A 32 3.86 -5.50 21.56
C GLU A 32 4.94 -4.67 20.88
N PHE A 33 4.60 -3.43 20.53
CA PHE A 33 5.54 -2.55 19.86
C PHE A 33 6.75 -2.28 20.75
N ASN A 34 6.50 -2.07 22.04
CA ASN A 34 7.59 -1.80 22.98
C ASN A 34 8.55 -2.98 23.05
N SER A 35 7.99 -4.20 23.06
CA SER A 35 8.81 -5.40 23.13
C SER A 35 9.71 -5.51 21.90
N LEU A 36 9.14 -5.24 20.72
CA LEU A 36 9.90 -5.33 19.48
C LEU A 36 10.75 -4.08 19.27
N SER A 37 11.95 -4.28 18.73
CA SER A 37 12.85 -3.17 18.48
C SER A 37 12.41 -2.39 17.24
N THR A 38 12.86 -1.15 17.12
CA THR A 38 12.50 -0.32 15.98
C THR A 38 12.97 -0.96 14.68
N GLU A 39 14.20 -1.45 14.67
CA GLU A 39 14.73 -2.10 13.49
C GLU A 39 14.06 -3.45 13.23
N ASP A 40 13.78 -4.18 14.31
CA ASP A 40 13.18 -5.52 14.21
C ASP A 40 11.78 -5.51 13.59
N LYS A 41 10.93 -4.55 13.95
CA LYS A 41 9.58 -4.52 13.40
C LYS A 41 9.61 -4.30 11.89
N VAL A 42 10.65 -3.63 11.41
CA VAL A 42 10.78 -3.39 9.97
C VAL A 42 10.90 -4.72 9.23
N ARG A 43 11.69 -5.62 9.80
CA ARG A 43 11.90 -6.93 9.21
C ARG A 43 10.60 -7.71 9.10
N LEU A 44 9.74 -7.57 10.10
CA LEU A 44 8.48 -8.31 10.11
C LEU A 44 7.60 -7.93 8.91
N GLN A 45 7.47 -6.64 8.63
CA GLN A 45 6.64 -6.20 7.50
C GLN A 45 7.18 -6.68 6.15
N VAL A 46 8.49 -6.58 5.97
CA VAL A 46 9.11 -6.98 4.70
C VAL A 46 9.18 -8.51 4.59
N GLU A 47 9.43 -9.16 5.71
CA GLU A 47 9.55 -10.62 5.73
C GLU A 47 8.21 -11.29 5.40
N ALA A 48 7.13 -10.74 5.93
CA ALA A 48 5.80 -11.31 5.71
C ALA A 48 5.43 -11.33 4.23
N PHE A 49 5.75 -10.27 3.51
CA PHE A 49 5.42 -10.20 2.09
C PHE A 49 6.63 -10.54 1.21
N GLY A 50 7.80 -10.66 1.82
CA GLY A 50 9.01 -10.99 1.08
C GLY A 50 9.42 -9.82 0.18
N GLU A 51 9.00 -8.62 0.54
CA GLU A 51 9.32 -7.44 -0.24
C GLU A 51 10.45 -6.65 0.41
N GLU A 52 11.60 -6.58 -0.26
CA GLU A 52 12.75 -5.86 0.26
C GLU A 52 13.42 -5.03 -0.85
N LYS A 53 13.83 -3.82 -0.52
CA LYS A 53 14.48 -2.96 -1.49
C LYS A 53 13.67 -2.89 -2.78
N SER A 54 12.35 -2.90 -2.64
CA SER A 54 11.46 -2.84 -3.79
C SER A 54 11.33 -1.40 -4.31
N PRO A 55 10.87 -1.23 -5.52
CA PRO A 55 10.69 0.13 -6.12
C PRO A 55 9.75 0.98 -5.28
N LYS A 56 9.97 2.29 -5.29
CA LYS A 56 9.13 3.19 -4.50
C LYS A 56 7.67 3.07 -4.91
N PHE A 57 6.93 2.23 -4.21
CA PHE A 57 5.52 2.03 -4.48
C PHE A 57 4.76 1.75 -3.19
N SER A 58 3.72 2.54 -2.92
CA SER A 58 2.95 2.37 -1.69
C SER A 58 1.44 2.31 -2.00
N THR A 59 0.72 1.57 -1.16
CA THR A 59 -0.73 1.44 -1.34
C THR A 59 -1.45 1.72 -0.02
N LYS A 60 -2.72 2.08 -0.10
CA LYS A 60 -3.50 2.37 1.08
C LYS A 60 -4.99 2.20 0.80
N VAL A 61 -5.71 1.57 1.71
CA VAL A 61 -7.15 1.36 1.53
C VAL A 61 -7.93 2.55 2.05
N THR A 62 -8.72 3.16 1.17
CA THR A 62 -9.52 4.32 1.53
C THR A 62 -10.95 4.19 1.07
N THR A 63 -11.79 5.01 1.66
CA THR A 63 -13.19 5.06 1.30
C THR A 63 -13.34 6.06 0.18
N LYS A 64 -14.34 5.82 -0.66
CA LYS A 64 -14.59 6.69 -1.81
C LYS A 64 -14.50 8.16 -1.41
N PRO A 65 -13.42 8.84 -1.78
CA PRO A 65 -13.22 10.28 -1.43
C PRO A 65 -13.99 11.22 -2.38
N ASP A 66 -13.84 12.51 -2.15
CA ASP A 66 -14.51 13.50 -3.00
C ASP A 66 -13.72 13.67 -4.30
N PHE A 67 -14.19 14.56 -5.17
CA PHE A 67 -13.52 14.78 -6.44
C PHE A 67 -12.03 15.03 -6.22
N ASP A 68 -11.21 14.20 -6.84
CA ASP A 68 -9.76 14.33 -6.70
C ASP A 68 -9.16 15.25 -7.76
N GLY A 69 -7.84 15.38 -7.72
CA GLY A 69 -7.15 16.23 -8.68
C GLY A 69 -5.98 15.48 -9.31
N PHE A 70 -4.76 15.83 -8.89
CA PHE A 70 -3.57 15.18 -9.42
C PHE A 70 -3.55 13.70 -9.05
N GLN A 71 -4.01 13.40 -7.83
CA GLN A 71 -4.03 12.01 -7.36
C GLN A 71 -5.09 11.22 -8.10
N PHE A 72 -4.82 9.92 -8.28
CA PHE A 72 -5.74 9.04 -8.98
C PHE A 72 -6.08 7.81 -8.13
N TYR A 73 -7.36 7.53 -7.98
CA TYR A 73 -7.80 6.38 -7.19
C TYR A 73 -8.14 5.20 -8.10
N ILE A 74 -7.89 4.00 -7.60
CA ILE A 74 -8.18 2.79 -8.37
C ILE A 74 -9.55 2.22 -7.99
N GLU A 75 -10.43 2.12 -8.97
CA GLU A 75 -11.77 1.59 -8.72
C GLU A 75 -11.71 0.11 -8.31
N ALA A 76 -12.41 -0.22 -7.24
CA ALA A 76 -12.43 -1.59 -6.75
C ALA A 76 -13.14 -2.51 -7.74
N GLY A 77 -12.63 -3.72 -7.89
CA GLY A 77 -13.24 -4.69 -8.81
C GLY A 77 -12.79 -4.45 -10.25
N ARG A 78 -11.90 -3.48 -10.45
CA ARG A 78 -11.41 -3.18 -11.79
C ARG A 78 -9.92 -3.53 -11.91
N ASP A 79 -9.57 -4.28 -12.95
CA ASP A 79 -8.19 -4.68 -13.16
C ASP A 79 -7.31 -3.45 -13.39
N PHE A 80 -6.09 -3.51 -12.90
CA PHE A 80 -5.16 -2.39 -13.04
C PHE A 80 -4.33 -2.55 -14.32
N ASP A 81 -4.47 -1.59 -15.22
CA ASP A 81 -3.73 -1.62 -16.48
C ASP A 81 -2.42 -0.84 -16.34
N GLY A 82 -1.30 -1.57 -16.27
CA GLY A 82 -0.01 -0.93 -16.15
C GLY A 82 0.28 -0.04 -17.35
N ASP A 83 -0.10 -0.50 -18.53
CA ASP A 83 0.12 0.27 -19.75
C ASP A 83 -0.62 1.60 -19.68
N ALA A 84 -1.88 1.55 -19.25
CA ALA A 84 -2.68 2.76 -19.13
C ALA A 84 -2.04 3.71 -18.11
N TYR A 85 -1.56 3.13 -17.02
CA TYR A 85 -0.92 3.91 -15.96
C TYR A 85 0.30 4.64 -16.52
N THR A 86 1.12 3.91 -17.26
CA THR A 86 2.32 4.48 -17.84
C THR A 86 1.99 5.65 -18.77
N GLU A 87 1.01 5.44 -19.64
CA GLU A 87 0.61 6.48 -20.59
C GLU A 87 0.03 7.69 -19.86
N ALA A 88 -0.79 7.43 -18.85
CA ALA A 88 -1.44 8.50 -18.10
C ALA A 88 -0.43 9.41 -17.40
N TYR A 89 0.61 8.83 -16.80
CA TYR A 89 1.61 9.62 -16.09
C TYR A 89 2.84 9.90 -16.95
N GLY A 90 2.93 9.23 -18.10
CA GLY A 90 4.08 9.42 -18.98
C GLY A 90 5.35 8.85 -18.39
N VAL A 91 5.19 7.89 -17.48
CA VAL A 91 6.34 7.26 -16.83
C VAL A 91 6.20 5.74 -16.83
N ALA A 92 7.25 5.06 -17.29
CA ALA A 92 7.23 3.60 -17.35
C ALA A 92 7.32 2.99 -15.95
N VAL A 93 6.66 1.85 -15.77
CA VAL A 93 6.67 1.16 -14.48
C VAL A 93 7.03 -0.32 -14.66
N PRO A 94 7.60 -0.95 -13.67
CA PRO A 94 7.99 -2.40 -13.76
C PRO A 94 6.79 -3.29 -14.11
N THR A 95 7.01 -4.26 -14.99
CA THR A 95 5.93 -5.16 -15.38
C THR A 95 5.59 -6.13 -14.25
N ASN A 96 6.60 -6.48 -13.45
CA ASN A 96 6.41 -7.42 -12.34
C ASN A 96 5.43 -6.90 -11.29
N ILE A 97 5.52 -5.62 -10.96
CA ILE A 97 4.63 -5.05 -9.95
C ILE A 97 3.20 -4.99 -10.44
N ALA A 98 3.04 -4.81 -11.76
CA ALA A 98 1.71 -4.74 -12.35
C ALA A 98 0.94 -6.03 -12.10
N ALA A 99 1.62 -7.16 -12.24
CA ALA A 99 0.98 -8.46 -12.03
C ALA A 99 0.49 -8.58 -10.60
N ARG A 100 1.30 -8.12 -9.65
CA ARG A 100 0.94 -8.18 -8.25
C ARG A 100 -0.33 -7.36 -7.98
N ILE A 101 -0.37 -6.16 -8.57
CA ILE A 101 -1.52 -5.28 -8.39
C ILE A 101 -2.79 -5.93 -8.92
N GLN A 102 -2.70 -6.53 -10.11
CA GLN A 102 -3.85 -7.18 -10.71
C GLN A 102 -4.36 -8.30 -9.82
N ALA A 103 -3.43 -9.09 -9.27
CA ALA A 103 -3.81 -10.19 -8.40
C ALA A 103 -4.53 -9.65 -7.17
N GLN A 104 -4.04 -8.54 -6.64
CA GLN A 104 -4.65 -7.92 -5.47
C GLN A 104 -6.08 -7.48 -5.77
N ALA A 105 -6.29 -6.97 -6.98
CA ALA A 105 -7.61 -6.49 -7.38
C ALA A 105 -8.62 -7.64 -7.34
N ALA A 106 -8.19 -8.82 -7.77
CA ALA A 106 -9.07 -9.99 -7.79
C ALA A 106 -9.54 -10.33 -6.38
N GLU A 107 -8.64 -10.23 -5.40
CA GLU A 107 -8.98 -10.55 -4.02
C GLU A 107 -9.42 -9.30 -3.25
N LEU A 108 -9.39 -8.15 -3.91
CA LEU A 108 -9.79 -6.91 -3.27
C LEU A 108 -11.29 -6.91 -2.97
N ASN A 109 -11.65 -6.51 -1.76
CA ASN A 109 -13.05 -6.46 -1.37
C ASN A 109 -13.72 -5.19 -1.90
N ALA A 110 -14.90 -5.35 -2.48
CA ALA A 110 -15.63 -4.21 -3.03
C ALA A 110 -15.85 -3.15 -1.96
N GLY A 111 -15.85 -1.89 -2.38
CA GLY A 111 -16.03 -0.78 -1.45
C GLY A 111 -14.70 -0.23 -0.95
N GLU A 112 -13.60 -0.90 -1.29
CA GLU A 112 -12.28 -0.46 -0.87
C GLU A 112 -11.46 0.02 -2.08
N TRP A 113 -10.92 1.23 -1.98
CA TRP A 113 -10.12 1.80 -3.06
C TRP A 113 -8.65 1.92 -2.65
N LEU A 114 -7.76 1.69 -3.60
CA LEU A 114 -6.33 1.79 -3.34
C LEU A 114 -5.77 3.09 -3.91
N LEU A 115 -4.81 3.69 -3.19
CA LEU A 115 -4.21 4.94 -3.64
C LEU A 115 -2.84 4.67 -4.23
N VAL A 116 -2.61 5.15 -5.46
CA VAL A 116 -1.33 4.96 -6.13
C VAL A 116 -0.63 6.30 -6.33
N GLU A 117 0.62 6.37 -5.87
CA GLU A 117 1.40 7.60 -6.00
C GLU A 117 2.76 7.30 -6.64
N HIS A 118 3.28 8.26 -7.39
CA HIS A 118 4.56 8.09 -8.05
C HIS A 118 5.24 9.45 -8.27
N GLU A 119 6.56 9.48 -8.11
CA GLU A 119 7.31 10.71 -8.29
C GLU A 119 8.46 10.50 -9.27
N ALA A 120 8.78 11.53 -10.03
CA ALA A 120 9.87 11.44 -11.01
C ALA A 120 10.62 12.77 -11.08
N MET A 2 2.24 14.93 -0.13
CA MET A 2 3.60 14.35 0.06
C MET A 2 3.49 13.06 0.86
N SER A 3 4.45 12.17 0.64
CA SER A 3 4.46 10.89 1.34
C SER A 3 3.15 10.14 1.13
N THR A 4 2.64 10.20 -0.10
CA THR A 4 1.39 9.53 -0.43
C THR A 4 1.51 8.02 -0.22
N GLN A 5 2.63 7.47 -0.68
CA GLN A 5 2.87 6.03 -0.54
C GLN A 5 3.10 5.68 0.93
N TYR A 6 2.50 4.58 1.37
CA TYR A 6 2.65 4.15 2.76
C TYR A 6 4.05 3.62 3.00
N THR A 7 4.59 3.91 4.19
CA THR A 7 5.94 3.46 4.54
C THR A 7 5.94 2.83 5.92
N TYR A 8 7.02 2.13 6.24
CA TYR A 8 7.15 1.47 7.54
C TYR A 8 7.09 2.49 8.67
N GLN A 9 7.73 3.64 8.46
CA GLN A 9 7.76 4.68 9.48
C GLN A 9 6.34 5.17 9.77
N GLN A 10 5.55 5.36 8.73
CA GLN A 10 4.17 5.82 8.91
C GLN A 10 3.36 4.79 9.68
N ILE A 11 3.55 3.52 9.34
CA ILE A 11 2.84 2.44 10.01
C ILE A 11 3.22 2.39 11.48
N ALA A 12 4.52 2.52 11.76
CA ALA A 12 5.03 2.49 13.12
C ALA A 12 4.45 3.66 13.93
N GLU A 13 4.32 4.82 13.28
CA GLU A 13 3.79 6.00 13.95
C GLU A 13 2.31 5.81 14.29
N ASP A 14 1.58 5.15 13.41
CA ASP A 14 0.15 4.91 13.64
C ASP A 14 -0.06 3.53 14.25
N PHE A 15 -0.46 3.50 15.52
CA PHE A 15 -0.70 2.24 16.21
C PHE A 15 -1.84 1.46 15.56
N ARG A 16 -2.90 2.16 15.20
CA ARG A 16 -4.05 1.51 14.59
C ARG A 16 -3.67 0.90 13.24
N LEU A 17 -2.89 1.63 12.47
CA LEU A 17 -2.46 1.15 11.16
C LEU A 17 -1.57 -0.08 11.31
N TRP A 18 -0.68 -0.03 12.30
CA TRP A 18 0.23 -1.14 12.58
C TRP A 18 -0.53 -2.42 12.89
N SER A 19 -1.52 -2.32 13.79
CA SER A 19 -2.30 -3.48 14.20
C SER A 19 -3.10 -4.04 13.03
N GLU A 20 -3.72 -3.15 12.27
CA GLU A 20 -4.54 -3.56 11.13
C GLU A 20 -3.70 -4.28 10.07
N TYR A 21 -2.52 -3.76 9.79
CA TYR A 21 -1.65 -4.36 8.79
C TYR A 21 -1.09 -5.69 9.26
N VAL A 22 -0.63 -5.73 10.50
CA VAL A 22 -0.08 -6.97 11.05
C VAL A 22 -1.13 -8.06 11.13
N ASP A 23 -2.29 -7.71 11.67
CA ASP A 23 -3.39 -8.66 11.80
C ASP A 23 -4.63 -7.96 12.36
N THR A 24 -5.74 -8.07 11.65
CA THR A 24 -6.98 -7.43 12.10
C THR A 24 -7.51 -8.15 13.33
N ALA A 25 -7.38 -9.47 13.34
CA ALA A 25 -7.86 -10.27 14.46
C ALA A 25 -6.89 -10.18 15.63
N GLY A 26 -5.62 -9.88 15.34
CA GLY A 26 -4.61 -9.79 16.38
C GLY A 26 -4.82 -8.56 17.26
N GLU A 27 -4.49 -8.70 18.54
CA GLU A 27 -4.64 -7.61 19.48
C GLU A 27 -3.28 -7.09 19.93
N MET A 28 -3.07 -5.77 19.83
CA MET A 28 -1.81 -5.18 20.22
C MET A 28 -2.06 -3.89 21.01
N SER A 29 -1.28 -3.67 22.06
CA SER A 29 -1.44 -2.48 22.88
C SER A 29 -0.17 -1.64 22.89
N LYS A 30 -0.31 -0.36 23.24
CA LYS A 30 0.81 0.56 23.29
C LYS A 30 1.85 0.10 24.31
N ASP A 31 1.45 -0.76 25.24
CA ASP A 31 2.36 -1.25 26.26
C ASP A 31 3.53 -1.98 25.61
N GLU A 32 3.23 -2.81 24.62
CA GLU A 32 4.26 -3.55 23.91
C GLU A 32 5.21 -2.59 23.20
N PHE A 33 4.65 -1.53 22.64
CA PHE A 33 5.44 -0.53 21.92
C PHE A 33 6.50 0.08 22.84
N ASN A 34 6.09 0.50 24.03
CA ASN A 34 7.02 1.10 24.98
C ASN A 34 8.10 0.11 25.40
N SER A 35 7.71 -1.15 25.57
CA SER A 35 8.66 -2.18 25.98
C SER A 35 9.77 -2.37 24.96
N LEU A 36 9.41 -2.37 23.67
CA LEU A 36 10.40 -2.56 22.61
C LEU A 36 10.86 -1.20 22.06
N SER A 37 12.13 -1.15 21.66
CA SER A 37 12.69 0.08 21.11
C SER A 37 12.00 0.44 19.81
N THR A 38 11.89 1.74 19.52
CA THR A 38 11.24 2.19 18.29
C THR A 38 11.98 1.65 17.06
N GLU A 39 13.30 1.77 17.06
CA GLU A 39 14.09 1.28 15.94
C GLU A 39 13.96 -0.24 15.81
N ASP A 40 13.98 -0.92 16.95
CA ASP A 40 13.85 -2.37 16.96
C ASP A 40 12.51 -2.81 16.41
N LYS A 41 11.46 -2.07 16.78
CA LYS A 41 10.11 -2.39 16.33
C LYS A 41 10.01 -2.33 14.81
N VAL A 42 10.56 -1.27 14.23
CA VAL A 42 10.54 -1.11 12.78
C VAL A 42 11.34 -2.23 12.10
N ARG A 43 12.50 -2.53 12.67
CA ARG A 43 13.37 -3.57 12.13
C ARG A 43 12.67 -4.93 12.11
N LEU A 44 11.95 -5.23 13.18
CA LEU A 44 11.25 -6.51 13.28
C LEU A 44 10.26 -6.68 12.13
N GLN A 45 9.46 -5.65 11.89
CA GLN A 45 8.46 -5.72 10.83
C GLN A 45 9.14 -5.76 9.45
N VAL A 46 10.19 -4.97 9.29
CA VAL A 46 10.92 -4.91 8.02
C VAL A 46 11.54 -6.26 7.66
N GLU A 47 12.22 -6.88 8.62
CA GLU A 47 12.86 -8.17 8.36
C GLU A 47 11.82 -9.27 8.16
N ALA A 48 10.59 -9.02 8.61
CA ALA A 48 9.54 -10.01 8.46
C ALA A 48 9.28 -10.29 6.99
N PHE A 49 9.31 -9.22 6.18
CA PHE A 49 9.10 -9.36 4.75
C PHE A 49 10.41 -9.23 3.98
N GLY A 50 11.53 -9.20 4.71
CA GLY A 50 12.84 -9.07 4.08
C GLY A 50 13.25 -7.61 3.96
N GLU A 51 14.54 -7.37 3.79
CA GLU A 51 15.06 -6.01 3.67
C GLU A 51 14.74 -5.43 2.30
N GLU A 52 14.63 -4.11 2.23
CA GLU A 52 14.34 -3.45 0.95
C GLU A 52 15.54 -3.51 0.02
N LYS A 53 15.30 -3.97 -1.21
CA LYS A 53 16.36 -4.07 -2.20
C LYS A 53 15.75 -4.10 -3.60
N SER A 54 15.26 -5.27 -4.00
CA SER A 54 14.64 -5.42 -5.31
C SER A 54 13.23 -4.81 -5.28
N PRO A 55 12.90 -3.92 -6.20
CA PRO A 55 11.55 -3.29 -6.21
C PRO A 55 10.45 -4.31 -6.54
N LYS A 56 9.34 -4.21 -5.82
CA LYS A 56 8.23 -5.13 -6.03
C LYS A 56 6.92 -4.35 -6.14
N PHE A 57 6.09 -4.71 -7.12
CA PHE A 57 4.82 -4.04 -7.31
C PHE A 57 3.86 -4.45 -6.20
N SER A 58 3.27 -3.46 -5.53
CA SER A 58 2.35 -3.74 -4.43
C SER A 58 1.12 -2.85 -4.50
N THR A 59 -0.02 -3.41 -4.09
CA THR A 59 -1.28 -2.67 -4.10
C THR A 59 -1.95 -2.77 -2.73
N LYS A 60 -2.86 -1.84 -2.45
CA LYS A 60 -3.55 -1.84 -1.16
C LYS A 60 -5.04 -1.54 -1.36
N VAL A 61 -5.88 -2.36 -0.73
CA VAL A 61 -7.32 -2.17 -0.83
C VAL A 61 -7.80 -1.21 0.24
N THR A 62 -8.47 -0.14 -0.18
CA THR A 62 -8.95 0.87 0.76
C THR A 62 -10.38 1.26 0.48
N THR A 63 -10.97 1.91 1.46
CA THR A 63 -12.32 2.40 1.34
C THR A 63 -12.25 3.79 0.73
N LYS A 64 -13.32 4.17 0.06
CA LYS A 64 -13.36 5.48 -0.61
C LYS A 64 -12.82 6.58 0.31
N PRO A 65 -11.61 7.05 0.07
CA PRO A 65 -10.98 8.12 0.90
C PRO A 65 -11.46 9.52 0.52
N ASP A 66 -11.32 10.47 1.42
CA ASP A 66 -11.75 11.84 1.15
C ASP A 66 -10.55 12.80 1.16
N PHE A 67 -10.05 13.11 -0.03
CA PHE A 67 -8.92 14.03 -0.18
C PHE A 67 -9.12 14.95 -1.38
N ASP A 68 -8.55 16.15 -1.31
CA ASP A 68 -8.68 17.10 -2.41
C ASP A 68 -7.66 16.79 -3.50
N GLY A 69 -7.87 15.67 -4.20
CA GLY A 69 -6.97 15.27 -5.28
C GLY A 69 -5.61 14.86 -4.74
N PHE A 70 -4.60 14.95 -5.59
CA PHE A 70 -3.23 14.59 -5.21
C PHE A 70 -3.09 13.08 -4.97
N GLN A 71 -4.15 12.32 -5.25
CA GLN A 71 -4.10 10.88 -5.05
C GLN A 71 -4.72 10.15 -6.25
N PHE A 72 -4.24 8.94 -6.51
CA PHE A 72 -4.74 8.15 -7.63
C PHE A 72 -5.43 6.89 -7.12
N TYR A 73 -6.68 6.69 -7.54
CA TYR A 73 -7.43 5.51 -7.13
C TYR A 73 -8.05 4.82 -8.35
N ILE A 74 -8.23 3.51 -8.26
CA ILE A 74 -8.82 2.75 -9.35
C ILE A 74 -10.19 2.20 -8.95
N GLU A 75 -11.20 2.54 -9.73
CA GLU A 75 -12.57 2.08 -9.45
C GLU A 75 -12.68 0.58 -9.71
N ALA A 76 -13.29 -0.13 -8.77
CA ALA A 76 -13.47 -1.56 -8.91
C ALA A 76 -14.41 -1.87 -10.08
N GLY A 77 -14.10 -2.95 -10.79
CA GLY A 77 -14.92 -3.34 -11.94
C GLY A 77 -14.56 -2.54 -13.19
N ARG A 78 -13.55 -1.68 -13.08
CA ARG A 78 -13.12 -0.87 -14.21
C ARG A 78 -11.76 -1.35 -14.74
N ASP A 79 -11.68 -1.56 -16.05
CA ASP A 79 -10.44 -2.02 -16.66
C ASP A 79 -9.32 -1.03 -16.40
N PHE A 80 -8.11 -1.55 -16.15
CA PHE A 80 -6.96 -0.70 -15.89
C PHE A 80 -5.99 -0.72 -17.06
N ASP A 81 -5.76 0.45 -17.65
CA ASP A 81 -4.85 0.55 -18.78
C ASP A 81 -3.51 1.13 -18.34
N GLY A 82 -2.43 0.41 -18.65
CA GLY A 82 -1.09 0.87 -18.28
C GLY A 82 -0.76 2.19 -18.96
N ASP A 83 -1.15 2.31 -20.23
CA ASP A 83 -0.87 3.54 -20.98
C ASP A 83 -1.54 4.75 -20.33
N ALA A 84 -2.77 4.58 -19.88
CA ALA A 84 -3.48 5.68 -19.23
C ALA A 84 -2.76 6.10 -17.96
N TYR A 85 -2.31 5.10 -17.21
CA TYR A 85 -1.58 5.35 -15.97
C TYR A 85 -0.30 6.12 -16.24
N THR A 86 0.44 5.67 -17.26
CA THR A 86 1.70 6.30 -17.61
C THR A 86 1.51 7.77 -17.98
N GLU A 87 0.51 8.06 -18.81
CA GLU A 87 0.27 9.43 -19.21
C GLU A 87 -0.16 10.31 -18.03
N ALA A 88 -1.07 9.78 -17.20
CA ALA A 88 -1.56 10.53 -16.05
C ALA A 88 -0.45 10.81 -15.04
N TYR A 89 0.31 9.78 -14.70
CA TYR A 89 1.39 9.91 -13.72
C TYR A 89 2.57 10.67 -14.33
N GLY A 90 2.83 10.41 -15.60
CA GLY A 90 3.95 11.04 -16.29
C GLY A 90 5.20 10.19 -16.18
N VAL A 91 5.04 8.94 -15.72
CA VAL A 91 6.18 8.04 -15.57
C VAL A 91 5.91 6.72 -16.28
N ALA A 92 6.90 6.22 -17.01
CA ALA A 92 6.75 4.96 -17.73
C ALA A 92 6.71 3.78 -16.78
N VAL A 93 5.87 2.80 -17.10
CA VAL A 93 5.75 1.61 -16.25
C VAL A 93 5.76 0.34 -17.12
N PRO A 94 6.17 -0.77 -16.58
CA PRO A 94 6.21 -2.07 -17.36
C PRO A 94 4.83 -2.44 -17.91
N THR A 95 4.80 -2.94 -19.13
CA THR A 95 3.53 -3.34 -19.74
C THR A 95 2.98 -4.60 -19.08
N ASN A 96 3.89 -5.48 -18.66
CA ASN A 96 3.49 -6.74 -18.02
C ASN A 96 2.73 -6.50 -16.72
N ILE A 97 3.23 -5.58 -15.89
CA ILE A 97 2.58 -5.30 -14.61
C ILE A 97 1.19 -4.73 -14.81
N ALA A 98 1.00 -4.00 -15.90
CA ALA A 98 -0.30 -3.39 -16.18
C ALA A 98 -1.39 -4.45 -16.29
N ALA A 99 -1.05 -5.56 -16.96
CA ALA A 99 -2.00 -6.64 -17.12
C ALA A 99 -2.40 -7.21 -15.76
N ARG A 100 -1.42 -7.34 -14.88
CA ARG A 100 -1.67 -7.87 -13.54
C ARG A 100 -2.64 -6.97 -12.78
N ILE A 101 -2.46 -5.66 -12.91
CA ILE A 101 -3.33 -4.71 -12.22
C ILE A 101 -4.77 -4.87 -12.67
N GLN A 102 -4.98 -4.99 -13.98
CA GLN A 102 -6.32 -5.15 -14.51
C GLN A 102 -6.96 -6.43 -13.98
N ALA A 103 -6.17 -7.49 -13.91
CA ALA A 103 -6.65 -8.77 -13.40
C ALA A 103 -7.09 -8.62 -11.95
N GLN A 104 -6.31 -7.86 -11.18
CA GLN A 104 -6.61 -7.66 -9.77
C GLN A 104 -7.96 -6.95 -9.61
N ALA A 105 -8.23 -5.99 -10.46
CA ALA A 105 -9.49 -5.25 -10.41
C ALA A 105 -10.68 -6.18 -10.58
N ALA A 106 -10.53 -7.17 -11.45
CA ALA A 106 -11.60 -8.12 -11.73
C ALA A 106 -11.97 -8.91 -10.48
N GLU A 107 -10.96 -9.29 -9.70
CA GLU A 107 -11.21 -10.05 -8.48
C GLU A 107 -11.68 -9.13 -7.35
N LEU A 108 -11.43 -7.84 -7.51
CA LEU A 108 -11.83 -6.86 -6.51
C LEU A 108 -13.34 -6.67 -6.49
N ASN A 109 -13.92 -6.71 -5.30
CA ASN A 109 -15.35 -6.54 -5.15
C ASN A 109 -15.73 -5.07 -5.19
N ALA A 110 -16.94 -4.77 -5.63
CA ALA A 110 -17.41 -3.39 -5.70
C ALA A 110 -17.38 -2.74 -4.33
N GLY A 111 -17.11 -1.44 -4.30
CA GLY A 111 -17.05 -0.71 -3.03
C GLY A 111 -15.62 -0.65 -2.49
N GLU A 112 -14.70 -1.37 -3.13
CA GLU A 112 -13.31 -1.37 -2.70
C GLU A 112 -12.42 -0.78 -3.79
N TRP A 113 -11.49 0.08 -3.38
CA TRP A 113 -10.58 0.71 -4.34
C TRP A 113 -9.16 0.20 -4.16
N LEU A 114 -8.47 0.01 -5.28
CA LEU A 114 -7.09 -0.47 -5.26
C LEU A 114 -6.11 0.67 -5.47
N LEU A 115 -5.16 0.82 -4.56
CA LEU A 115 -4.17 1.89 -4.67
C LEU A 115 -2.87 1.36 -5.27
N VAL A 116 -2.41 2.02 -6.33
CA VAL A 116 -1.18 1.61 -7.00
C VAL A 116 0.01 2.41 -6.46
N GLU A 117 1.03 1.68 -6.00
CA GLU A 117 2.21 2.33 -5.45
C GLU A 117 3.48 1.78 -6.11
N HIS A 118 4.50 2.62 -6.22
CA HIS A 118 5.76 2.22 -6.82
C HIS A 118 6.90 3.07 -6.28
N GLU A 119 8.12 2.59 -6.47
CA GLU A 119 9.30 3.32 -5.99
C GLU A 119 10.53 2.98 -6.84
N ALA A 120 11.53 3.85 -6.80
CA ALA A 120 12.76 3.62 -7.56
C ALA A 120 13.97 3.62 -6.64
N MET A 2 2.59 11.79 6.02
CA MET A 2 2.33 13.14 5.42
C MET A 2 2.66 13.10 3.93
N SER A 3 3.81 12.53 3.60
CA SER A 3 4.23 12.44 2.21
C SER A 3 3.38 11.41 1.47
N THR A 4 3.39 11.48 0.14
CA THR A 4 2.63 10.55 -0.67
C THR A 4 3.10 9.12 -0.44
N GLN A 5 4.41 8.93 -0.42
CA GLN A 5 4.98 7.60 -0.21
C GLN A 5 4.87 7.20 1.26
N TYR A 6 4.75 5.90 1.51
CA TYR A 6 4.64 5.40 2.87
C TYR A 6 5.74 4.38 3.14
N THR A 7 6.25 4.38 4.37
CA THR A 7 7.30 3.44 4.75
C THR A 7 6.95 2.71 6.04
N TYR A 8 7.59 1.57 6.25
CA TYR A 8 7.34 0.76 7.45
C TYR A 8 7.80 1.49 8.71
N GLN A 9 8.91 2.22 8.61
CA GLN A 9 9.45 2.94 9.75
C GLN A 9 8.45 3.99 10.25
N GLN A 10 7.80 4.68 9.32
CA GLN A 10 6.83 5.70 9.70
C GLN A 10 5.67 5.06 10.47
N ILE A 11 5.22 3.91 10.00
CA ILE A 11 4.14 3.20 10.66
C ILE A 11 4.54 2.79 12.08
N ALA A 12 5.77 2.30 12.20
CA ALA A 12 6.30 1.87 13.49
C ALA A 12 6.35 3.04 14.46
N GLU A 13 6.72 4.21 13.95
CA GLU A 13 6.83 5.40 14.79
C GLU A 13 5.46 5.85 15.29
N ASP A 14 4.43 5.69 14.45
CA ASP A 14 3.08 6.08 14.84
C ASP A 14 2.32 4.88 15.39
N PHE A 15 2.03 4.91 16.68
CA PHE A 15 1.30 3.81 17.32
C PHE A 15 -0.10 3.66 16.73
N ARG A 16 -0.77 4.79 16.53
CA ARG A 16 -2.12 4.78 15.99
C ARG A 16 -2.14 4.18 14.58
N LEU A 17 -1.20 4.62 13.75
CA LEU A 17 -1.12 4.13 12.37
C LEU A 17 -0.81 2.64 12.35
N TRP A 18 0.10 2.21 13.24
CA TRP A 18 0.47 0.81 13.31
C TRP A 18 -0.74 -0.06 13.65
N SER A 19 -1.51 0.38 14.62
CA SER A 19 -2.70 -0.36 15.06
C SER A 19 -3.72 -0.49 13.93
N GLU A 20 -3.86 0.58 13.14
CA GLU A 20 -4.83 0.57 12.05
C GLU A 20 -4.52 -0.52 11.02
N TYR A 21 -3.26 -0.65 10.63
CA TYR A 21 -2.87 -1.65 9.65
C TYR A 21 -2.97 -3.07 10.21
N VAL A 22 -2.53 -3.23 11.45
CA VAL A 22 -2.57 -4.55 12.08
C VAL A 22 -4.01 -5.03 12.27
N ASP A 23 -4.85 -4.14 12.80
CA ASP A 23 -6.25 -4.46 13.03
C ASP A 23 -7.00 -3.25 13.54
N THR A 24 -8.07 -2.88 12.85
CA THR A 24 -8.86 -1.71 13.26
C THR A 24 -9.58 -2.00 14.57
N ALA A 25 -10.01 -3.25 14.76
CA ALA A 25 -10.72 -3.64 15.98
C ALA A 25 -9.74 -4.16 17.03
N GLY A 26 -8.50 -4.43 16.63
CA GLY A 26 -7.50 -4.95 17.56
C GLY A 26 -7.05 -3.88 18.54
N GLU A 27 -6.57 -4.31 19.71
CA GLU A 27 -6.10 -3.38 20.73
C GLU A 27 -4.58 -3.45 20.87
N MET A 28 -3.93 -2.30 20.82
CA MET A 28 -2.48 -2.25 20.94
C MET A 28 -2.08 -1.17 21.95
N SER A 29 -1.14 -1.50 22.83
CA SER A 29 -0.69 -0.55 23.84
C SER A 29 0.81 -0.29 23.69
N LYS A 30 1.22 0.93 24.05
CA LYS A 30 2.63 1.31 23.96
C LYS A 30 3.49 0.45 24.88
N ASP A 31 2.88 -0.11 25.91
CA ASP A 31 3.62 -0.95 26.85
C ASP A 31 4.22 -2.15 26.13
N GLU A 32 3.42 -2.80 25.30
CA GLU A 32 3.88 -3.95 24.55
C GLU A 32 5.00 -3.55 23.60
N PHE A 33 4.82 -2.41 22.94
CA PHE A 33 5.80 -1.91 22.00
C PHE A 33 7.15 -1.69 22.68
N ASN A 34 7.12 -1.01 23.82
CA ASN A 34 8.35 -0.73 24.57
C ASN A 34 9.06 -2.01 24.99
N SER A 35 8.27 -3.00 25.41
CA SER A 35 8.83 -4.28 25.86
C SER A 35 9.62 -4.98 24.76
N LEU A 36 9.07 -4.99 23.54
CA LEU A 36 9.74 -5.66 22.42
C LEU A 36 10.49 -4.65 21.55
N SER A 37 11.63 -5.06 21.02
CA SER A 37 12.42 -4.17 20.16
C SER A 37 11.61 -3.78 18.93
N THR A 38 11.71 -2.51 18.54
CA THR A 38 10.98 -2.01 17.39
C THR A 38 11.42 -2.76 16.12
N GLU A 39 12.67 -3.18 16.08
CA GLU A 39 13.19 -3.91 14.93
C GLU A 39 12.42 -5.21 14.73
N ASP A 40 12.18 -5.92 15.83
CA ASP A 40 11.45 -7.18 15.76
C ASP A 40 10.03 -6.96 15.22
N LYS A 41 9.40 -5.89 15.68
CA LYS A 41 8.04 -5.58 15.24
C LYS A 41 8.02 -5.31 13.74
N VAL A 42 9.04 -4.61 13.25
CA VAL A 42 9.12 -4.29 11.82
C VAL A 42 9.20 -5.57 11.00
N ARG A 43 10.01 -6.51 11.44
CA ARG A 43 10.16 -7.77 10.72
C ARG A 43 8.83 -8.50 10.63
N LEU A 44 8.09 -8.53 11.74
CA LEU A 44 6.79 -9.22 11.77
C LEU A 44 5.82 -8.58 10.77
N GLN A 45 5.72 -7.26 10.81
CA GLN A 45 4.81 -6.55 9.91
C GLN A 45 5.26 -6.71 8.46
N VAL A 46 6.56 -6.61 8.23
CA VAL A 46 7.12 -6.75 6.89
C VAL A 46 6.87 -8.14 6.33
N GLU A 47 7.01 -9.15 7.19
CA GLU A 47 6.80 -10.53 6.75
C GLU A 47 5.40 -10.71 6.18
N ALA A 48 4.43 -10.05 6.79
CA ALA A 48 3.05 -10.14 6.32
C ALA A 48 2.95 -9.62 4.88
N PHE A 49 3.70 -8.56 4.59
CA PHE A 49 3.68 -7.98 3.25
C PHE A 49 4.86 -8.48 2.40
N GLY A 50 5.62 -9.42 2.94
CA GLY A 50 6.77 -9.97 2.21
C GLY A 50 8.03 -9.13 2.41
N GLU A 51 9.13 -9.56 1.78
CA GLU A 51 10.39 -8.84 1.90
C GLU A 51 10.78 -8.23 0.56
N GLU A 52 11.38 -7.04 0.61
CA GLU A 52 11.80 -6.36 -0.61
C GLU A 52 13.27 -5.97 -0.53
N LYS A 53 14.00 -6.18 -1.61
CA LYS A 53 15.42 -5.85 -1.65
C LYS A 53 15.67 -4.65 -2.57
N SER A 54 14.84 -4.53 -3.60
CA SER A 54 14.97 -3.44 -4.56
C SER A 54 13.61 -2.76 -4.74
N PRO A 55 13.58 -1.52 -5.13
CA PRO A 55 12.29 -0.78 -5.33
C PRO A 55 11.51 -1.31 -6.53
N LYS A 56 10.25 -1.66 -6.29
CA LYS A 56 9.39 -2.17 -7.35
C LYS A 56 8.05 -1.46 -7.35
N PHE A 57 7.34 -1.50 -8.47
CA PHE A 57 6.04 -0.86 -8.54
C PHE A 57 5.04 -1.66 -7.71
N SER A 58 4.45 -1.01 -6.70
CA SER A 58 3.50 -1.68 -5.83
C SER A 58 2.29 -0.81 -5.54
N THR A 59 1.23 -1.43 -5.04
CA THR A 59 0.01 -0.72 -4.69
C THR A 59 -0.37 -1.03 -3.25
N LYS A 60 -1.16 -0.16 -2.64
CA LYS A 60 -1.58 -0.34 -1.26
C LYS A 60 -3.10 -0.47 -1.17
N VAL A 61 -3.55 -1.40 -0.35
CA VAL A 61 -4.99 -1.63 -0.18
C VAL A 61 -5.57 -0.65 0.84
N THR A 62 -6.60 0.08 0.42
CA THR A 62 -7.24 1.05 1.30
C THR A 62 -8.75 0.91 1.26
N THR A 63 -9.37 1.51 2.26
CA THR A 63 -10.81 1.51 2.34
C THR A 63 -11.32 2.73 1.58
N LYS A 64 -12.52 2.60 1.04
CA LYS A 64 -13.11 3.67 0.24
C LYS A 64 -12.90 5.03 0.93
N PRO A 65 -12.00 5.85 0.44
CA PRO A 65 -11.71 7.19 1.04
C PRO A 65 -12.76 8.23 0.65
N ASP A 66 -12.74 9.37 1.33
CA ASP A 66 -13.69 10.44 1.03
C ASP A 66 -13.20 11.22 -0.18
N PHE A 67 -13.94 12.25 -0.57
CA PHE A 67 -13.56 13.05 -1.73
C PHE A 67 -12.62 14.16 -1.33
N ASP A 68 -11.31 13.87 -1.35
CA ASP A 68 -10.31 14.87 -1.00
C ASP A 68 -8.92 14.37 -1.35
N GLY A 69 -8.02 15.30 -1.69
CA GLY A 69 -6.65 14.94 -2.04
C GLY A 69 -6.51 14.63 -3.53
N PHE A 70 -7.63 14.56 -4.24
CA PHE A 70 -7.59 14.26 -5.67
C PHE A 70 -6.82 12.98 -5.93
N GLN A 71 -6.82 12.08 -4.96
CA GLN A 71 -6.11 10.81 -5.09
C GLN A 71 -6.83 9.89 -6.08
N PHE A 72 -6.07 9.21 -6.92
CA PHE A 72 -6.64 8.32 -7.92
C PHE A 72 -6.58 6.86 -7.45
N TYR A 73 -7.73 6.19 -7.48
CA TYR A 73 -7.81 4.79 -7.06
C TYR A 73 -8.35 3.91 -8.18
N ILE A 74 -7.97 2.63 -8.14
CA ILE A 74 -8.43 1.68 -9.15
C ILE A 74 -9.63 0.90 -8.64
N GLU A 75 -10.73 0.96 -9.38
CA GLU A 75 -11.94 0.24 -8.98
C GLU A 75 -11.70 -1.26 -8.95
N ALA A 76 -12.12 -1.90 -7.87
CA ALA A 76 -11.93 -3.34 -7.73
C ALA A 76 -12.75 -4.09 -8.77
N GLY A 77 -12.20 -5.18 -9.29
CA GLY A 77 -12.89 -5.97 -10.30
C GLY A 77 -12.73 -5.37 -11.69
N ARG A 78 -11.97 -4.28 -11.80
CA ARG A 78 -11.77 -3.63 -13.09
C ARG A 78 -10.31 -3.74 -13.52
N ASP A 79 -10.09 -4.18 -14.76
CA ASP A 79 -8.73 -4.33 -15.28
C ASP A 79 -8.01 -2.99 -15.30
N PHE A 80 -6.72 -3.01 -15.02
CA PHE A 80 -5.93 -1.80 -15.00
C PHE A 80 -5.40 -1.48 -16.40
N ASP A 81 -5.74 -0.30 -16.90
CA ASP A 81 -5.30 0.11 -18.23
C ASP A 81 -3.98 0.86 -18.14
N GLY A 82 -2.90 0.20 -18.55
CA GLY A 82 -1.57 0.82 -18.52
C GLY A 82 -1.54 2.07 -19.40
N ASP A 83 -2.19 1.99 -20.56
CA ASP A 83 -2.21 3.12 -21.47
C ASP A 83 -2.87 4.32 -20.82
N ALA A 84 -3.94 4.09 -20.08
CA ALA A 84 -4.65 5.17 -19.40
C ALA A 84 -3.72 5.84 -18.40
N TYR A 85 -2.93 5.04 -17.71
CA TYR A 85 -1.98 5.54 -16.72
C TYR A 85 -0.98 6.48 -17.39
N THR A 86 -0.44 6.04 -18.52
CA THR A 86 0.54 6.82 -19.25
C THR A 86 -0.02 8.17 -19.66
N GLU A 87 -1.23 8.18 -20.21
CA GLU A 87 -1.85 9.43 -20.63
C GLU A 87 -2.17 10.33 -19.43
N ALA A 88 -2.66 9.72 -18.36
CA ALA A 88 -3.03 10.46 -17.16
C ALA A 88 -1.85 11.18 -16.50
N TYR A 89 -0.70 10.51 -16.43
CA TYR A 89 0.48 11.12 -15.80
C TYR A 89 1.49 11.64 -16.81
N GLY A 90 1.31 11.28 -18.08
CA GLY A 90 2.22 11.75 -19.12
C GLY A 90 3.59 11.06 -19.03
N VAL A 91 3.63 9.89 -18.39
CA VAL A 91 4.90 9.17 -18.26
C VAL A 91 4.75 7.72 -18.75
N ALA A 92 5.83 7.17 -19.30
CA ALA A 92 5.81 5.81 -19.81
C ALA A 92 6.06 4.80 -18.70
N VAL A 93 5.45 3.62 -18.84
CA VAL A 93 5.61 2.56 -17.86
C VAL A 93 5.94 1.23 -18.56
N PRO A 94 6.61 0.32 -17.91
CA PRO A 94 6.97 -1.00 -18.52
C PRO A 94 5.73 -1.76 -18.99
N THR A 95 5.84 -2.41 -20.14
CA THR A 95 4.72 -3.17 -20.69
C THR A 95 4.51 -4.47 -19.90
N ASN A 96 5.61 -5.15 -19.58
CA ASN A 96 5.53 -6.42 -18.86
C ASN A 96 4.92 -6.26 -17.45
N ILE A 97 5.31 -5.20 -16.75
CA ILE A 97 4.80 -4.99 -15.39
C ILE A 97 3.32 -4.67 -15.42
N ALA A 98 2.86 -4.02 -16.50
CA ALA A 98 1.46 -3.67 -16.62
C ALA A 98 0.58 -4.92 -16.59
N ALA A 99 1.04 -5.98 -17.25
CA ALA A 99 0.29 -7.23 -17.29
C ALA A 99 0.13 -7.79 -15.88
N ARG A 100 1.18 -7.67 -15.08
CA ARG A 100 1.15 -8.16 -13.71
C ARG A 100 0.07 -7.45 -12.90
N ILE A 101 -0.03 -6.14 -13.10
CA ILE A 101 -1.03 -5.35 -12.38
C ILE A 101 -2.44 -5.84 -12.70
N GLN A 102 -2.70 -6.08 -13.98
CA GLN A 102 -4.02 -6.55 -14.40
C GLN A 102 -4.32 -7.90 -13.75
N ALA A 103 -3.32 -8.78 -13.70
CA ALA A 103 -3.49 -10.09 -13.10
C ALA A 103 -3.84 -9.96 -11.62
N GLN A 104 -3.21 -8.99 -10.95
CA GLN A 104 -3.46 -8.77 -9.54
C GLN A 104 -4.92 -8.39 -9.30
N ALA A 105 -5.48 -7.59 -10.20
CA ALA A 105 -6.87 -7.17 -10.08
C ALA A 105 -7.79 -8.37 -10.10
N ALA A 106 -7.47 -9.34 -10.95
CA ALA A 106 -8.27 -10.55 -11.07
C ALA A 106 -8.28 -11.32 -9.74
N GLU A 107 -7.25 -11.09 -8.93
CA GLU A 107 -7.15 -11.76 -7.63
C GLU A 107 -7.57 -10.81 -6.52
N LEU A 108 -7.70 -9.53 -6.86
CA LEU A 108 -8.10 -8.52 -5.90
C LEU A 108 -9.52 -8.78 -5.41
N ASN A 109 -9.69 -8.78 -4.10
CA ASN A 109 -11.01 -9.02 -3.50
C ASN A 109 -11.85 -7.75 -3.51
N ALA A 110 -13.12 -7.89 -3.82
CA ALA A 110 -14.03 -6.75 -3.87
C ALA A 110 -14.08 -6.05 -2.51
N GLY A 111 -14.31 -4.74 -2.54
CA GLY A 111 -14.36 -3.96 -1.31
C GLY A 111 -13.00 -3.36 -0.97
N GLU A 112 -11.98 -3.74 -1.71
CA GLU A 112 -10.64 -3.21 -1.48
C GLU A 112 -10.18 -2.37 -2.66
N TRP A 113 -9.66 -1.19 -2.38
CA TRP A 113 -9.21 -0.28 -3.44
C TRP A 113 -7.68 -0.17 -3.44
N LEU A 114 -7.11 -0.13 -4.64
CA LEU A 114 -5.67 -0.01 -4.79
C LEU A 114 -5.32 1.37 -5.34
N LEU A 115 -4.16 1.89 -4.96
CA LEU A 115 -3.71 3.20 -5.43
C LEU A 115 -2.42 3.08 -6.22
N VAL A 116 -2.26 3.95 -7.20
CA VAL A 116 -1.07 3.95 -8.03
C VAL A 116 -0.16 5.12 -7.70
N GLU A 117 1.10 4.83 -7.40
CA GLU A 117 2.05 5.86 -7.06
C GLU A 117 3.47 5.45 -7.48
N HIS A 118 4.33 6.45 -7.66
CA HIS A 118 5.71 6.17 -8.06
C HIS A 118 6.64 7.24 -7.50
N GLU A 119 7.79 6.80 -6.99
CA GLU A 119 8.76 7.73 -6.42
C GLU A 119 9.81 8.10 -7.46
N ALA A 120 10.02 9.40 -7.64
CA ALA A 120 10.99 9.89 -8.61
C ALA A 120 11.15 11.40 -8.51
N MET A 2 5.24 13.46 7.18
CA MET A 2 3.92 13.79 6.58
C MET A 2 4.06 13.86 5.06
N SER A 3 3.71 12.77 4.39
CA SER A 3 3.80 12.71 2.93
C SER A 3 2.82 11.68 2.38
N THR A 4 2.53 11.79 1.09
CA THR A 4 1.60 10.86 0.44
C THR A 4 2.13 9.44 0.51
N GLN A 5 3.42 9.27 0.24
CA GLN A 5 4.03 7.95 0.27
C GLN A 5 4.06 7.42 1.71
N TYR A 6 3.68 6.16 1.88
CA TYR A 6 3.66 5.54 3.19
C TYR A 6 5.08 5.20 3.64
N THR A 7 5.33 5.32 4.94
CA THR A 7 6.64 5.03 5.49
C THR A 7 6.53 4.08 6.67
N TYR A 8 7.65 3.45 7.03
CA TYR A 8 7.66 2.51 8.14
C TYR A 8 7.30 3.20 9.45
N GLN A 9 7.80 4.41 9.65
CA GLN A 9 7.51 5.15 10.87
C GLN A 9 6.02 5.44 10.98
N GLN A 10 5.40 5.83 9.87
CA GLN A 10 3.97 6.11 9.86
C GLN A 10 3.20 4.86 10.22
N ILE A 11 3.61 3.73 9.65
CA ILE A 11 2.97 2.46 9.92
C ILE A 11 3.12 2.10 11.39
N ALA A 12 4.33 2.34 11.90
CA ALA A 12 4.64 2.04 13.29
C ALA A 12 3.72 2.82 14.24
N GLU A 13 3.43 4.07 13.89
CA GLU A 13 2.58 4.90 14.73
C GLU A 13 1.14 4.39 14.74
N ASP A 14 0.70 3.83 13.61
CA ASP A 14 -0.65 3.31 13.53
C ASP A 14 -0.64 1.79 13.62
N PHE A 15 -1.09 1.27 14.76
CA PHE A 15 -1.13 -0.18 14.97
C PHE A 15 -2.09 -0.85 14.01
N ARG A 16 -3.22 -0.20 13.75
CA ARG A 16 -4.22 -0.77 12.85
C ARG A 16 -3.63 -0.95 11.45
N LEU A 17 -2.94 0.08 10.97
CA LEU A 17 -2.32 0.00 9.65
C LEU A 17 -1.20 -1.05 9.66
N TRP A 18 -0.47 -1.12 10.76
CA TRP A 18 0.62 -2.09 10.88
C TRP A 18 0.10 -3.51 10.69
N SER A 19 -1.01 -3.83 11.36
CA SER A 19 -1.59 -5.15 11.25
C SER A 19 -2.01 -5.44 9.82
N GLU A 20 -2.56 -4.43 9.15
CA GLU A 20 -3.02 -4.58 7.78
C GLU A 20 -1.86 -4.93 6.83
N TYR A 21 -0.73 -4.23 6.99
CA TYR A 21 0.43 -4.49 6.13
C TYR A 21 1.05 -5.85 6.43
N VAL A 22 1.15 -6.19 7.70
CA VAL A 22 1.74 -7.46 8.09
C VAL A 22 0.89 -8.63 7.60
N ASP A 23 -0.42 -8.53 7.84
CA ASP A 23 -1.37 -9.56 7.42
C ASP A 23 -2.77 -9.24 7.95
N THR A 24 -3.77 -9.44 7.10
CA THR A 24 -5.15 -9.16 7.48
C THR A 24 -5.63 -10.12 8.57
N ALA A 25 -5.30 -11.40 8.44
CA ALA A 25 -5.72 -12.40 9.41
C ALA A 25 -4.92 -12.32 10.71
N GLY A 26 -3.73 -11.74 10.65
CA GLY A 26 -2.90 -11.63 11.84
C GLY A 26 -3.53 -10.72 12.88
N GLU A 27 -3.35 -11.07 14.16
CA GLU A 27 -3.91 -10.28 15.24
C GLU A 27 -2.78 -9.61 16.04
N MET A 28 -2.91 -8.30 16.24
CA MET A 28 -1.90 -7.56 16.99
C MET A 28 -2.55 -6.75 18.11
N SER A 29 -1.95 -6.79 19.29
CA SER A 29 -2.48 -6.06 20.43
C SER A 29 -1.46 -5.05 20.95
N LYS A 30 -1.97 -3.96 21.52
CA LYS A 30 -1.10 -2.92 22.06
C LYS A 30 -0.21 -3.46 23.19
N ASP A 31 -0.64 -4.57 23.79
CA ASP A 31 0.13 -5.17 24.87
C ASP A 31 1.51 -5.56 24.37
N GLU A 32 1.56 -6.15 23.17
CA GLU A 32 2.82 -6.56 22.58
C GLU A 32 3.72 -5.35 22.34
N PHE A 33 3.11 -4.26 21.91
CA PHE A 33 3.85 -3.04 21.63
C PHE A 33 4.61 -2.55 22.87
N ASN A 34 3.92 -2.49 24.00
CA ASN A 34 4.56 -2.03 25.24
C ASN A 34 5.74 -2.93 25.60
N SER A 35 5.54 -4.24 25.48
CA SER A 35 6.59 -5.20 25.81
C SER A 35 7.82 -5.03 24.91
N LEU A 36 7.60 -4.84 23.62
CA LEU A 36 8.71 -4.68 22.68
C LEU A 36 9.10 -3.22 22.50
N SER A 37 10.38 -2.98 22.26
CA SER A 37 10.87 -1.62 22.07
C SER A 37 10.38 -1.07 20.72
N THR A 38 10.25 0.26 20.66
CA THR A 38 9.78 0.89 19.43
C THR A 38 10.73 0.60 18.27
N GLU A 39 12.03 0.72 18.53
CA GLU A 39 13.03 0.45 17.50
C GLU A 39 12.95 -1.00 17.04
N ASP A 40 12.78 -1.92 17.99
CA ASP A 40 12.68 -3.33 17.67
C ASP A 40 11.50 -3.60 16.75
N LYS A 41 10.37 -2.97 17.05
CA LYS A 41 9.17 -3.15 16.24
C LYS A 41 9.42 -2.73 14.80
N VAL A 42 10.05 -1.58 14.63
CA VAL A 42 10.36 -1.08 13.28
C VAL A 42 11.29 -2.04 12.56
N ARG A 43 12.29 -2.54 13.28
CA ARG A 43 13.26 -3.47 12.71
C ARG A 43 12.56 -4.72 12.19
N LEU A 44 11.58 -5.20 12.95
CA LEU A 44 10.84 -6.40 12.53
C LEU A 44 10.13 -6.17 11.21
N GLN A 45 9.58 -4.97 11.02
CA GLN A 45 8.86 -4.66 9.79
C GLN A 45 9.78 -4.74 8.57
N VAL A 46 11.00 -4.22 8.69
CA VAL A 46 11.94 -4.24 7.57
C VAL A 46 12.51 -5.64 7.37
N GLU A 47 12.73 -6.36 8.46
CA GLU A 47 13.28 -7.71 8.36
C GLU A 47 12.30 -8.65 7.66
N ALA A 48 11.02 -8.47 7.93
CA ALA A 48 9.99 -9.32 7.33
C ALA A 48 9.99 -9.17 5.80
N PHE A 49 10.16 -7.96 5.31
CA PHE A 49 10.18 -7.71 3.87
C PHE A 49 11.61 -7.55 3.34
N GLY A 50 12.60 -7.74 4.20
CA GLY A 50 13.99 -7.61 3.79
C GLY A 50 14.38 -6.15 3.61
N GLU A 51 15.50 -5.91 2.95
CA GLU A 51 15.97 -4.55 2.70
C GLU A 51 16.07 -4.27 1.21
N GLU A 52 15.77 -3.04 0.82
CA GLU A 52 15.82 -2.65 -0.58
C GLU A 52 16.40 -1.26 -0.75
N LYS A 53 16.99 -0.99 -1.91
CA LYS A 53 17.58 0.32 -2.18
C LYS A 53 17.02 0.91 -3.48
N SER A 54 15.96 0.29 -4.01
CA SER A 54 15.34 0.77 -5.24
C SER A 54 13.84 0.95 -5.05
N PRO A 55 13.20 1.74 -5.87
CA PRO A 55 11.73 1.98 -5.77
C PRO A 55 10.93 0.67 -5.83
N LYS A 56 9.89 0.58 -5.01
CA LYS A 56 9.05 -0.61 -4.98
C LYS A 56 7.58 -0.23 -5.09
N PHE A 57 6.87 -0.90 -5.98
CA PHE A 57 5.44 -0.63 -6.17
C PHE A 57 4.64 -1.13 -4.98
N SER A 58 3.83 -0.25 -4.40
CA SER A 58 3.02 -0.61 -3.24
C SER A 58 1.61 -0.05 -3.37
N THR A 59 0.63 -0.78 -2.84
CA THR A 59 -0.76 -0.33 -2.89
C THR A 59 -1.36 -0.33 -1.50
N LYS A 60 -2.42 0.47 -1.32
CA LYS A 60 -3.08 0.56 -0.03
C LYS A 60 -4.56 0.92 -0.20
N VAL A 61 -5.41 0.33 0.62
CA VAL A 61 -6.84 0.59 0.55
C VAL A 61 -7.19 1.84 1.35
N THR A 62 -7.87 2.78 0.70
CA THR A 62 -8.25 4.02 1.36
C THR A 62 -9.71 4.36 1.14
N THR A 63 -10.19 5.24 1.99
CA THR A 63 -11.56 5.70 1.89
C THR A 63 -11.60 6.90 0.96
N LYS A 64 -12.74 7.12 0.35
CA LYS A 64 -12.90 8.21 -0.60
C LYS A 64 -12.29 9.50 -0.03
N PRO A 65 -11.15 9.93 -0.54
CA PRO A 65 -10.46 11.17 -0.07
C PRO A 65 -11.11 12.44 -0.62
N ASP A 66 -10.74 13.58 -0.04
CA ASP A 66 -11.28 14.86 -0.50
C ASP A 66 -10.54 15.31 -1.76
N PHE A 67 -10.91 16.47 -2.29
CA PHE A 67 -10.27 16.97 -3.50
C PHE A 67 -8.76 17.02 -3.31
N ASP A 68 -8.04 16.37 -4.22
CA ASP A 68 -6.58 16.33 -4.14
C ASP A 68 -5.97 16.70 -5.50
N GLY A 69 -4.76 17.25 -5.47
CA GLY A 69 -4.08 17.64 -6.69
C GLY A 69 -2.93 16.69 -6.99
N PHE A 70 -2.77 16.36 -8.27
CA PHE A 70 -1.70 15.45 -8.70
C PHE A 70 -1.85 14.07 -8.07
N GLN A 71 -3.10 13.61 -7.93
CA GLN A 71 -3.36 12.30 -7.34
C GLN A 71 -4.24 11.47 -8.27
N PHE A 72 -4.03 10.15 -8.24
CA PHE A 72 -4.81 9.24 -9.08
C PHE A 72 -5.32 8.07 -8.26
N TYR A 73 -6.61 7.77 -8.38
CA TYR A 73 -7.22 6.68 -7.63
C TYR A 73 -7.87 5.66 -8.56
N ILE A 74 -7.94 4.41 -8.11
CA ILE A 74 -8.55 3.36 -8.92
C ILE A 74 -9.96 3.06 -8.43
N GLU A 75 -10.92 3.22 -9.32
CA GLU A 75 -12.32 2.97 -8.97
C GLU A 75 -12.58 1.47 -8.80
N ALA A 76 -13.22 1.12 -7.70
CA ALA A 76 -13.52 -0.29 -7.43
C ALA A 76 -14.50 -0.84 -8.45
N GLY A 77 -14.32 -2.11 -8.83
CA GLY A 77 -15.21 -2.74 -9.80
C GLY A 77 -14.82 -2.39 -11.24
N ARG A 78 -13.73 -1.64 -11.40
CA ARG A 78 -13.28 -1.26 -12.74
C ARG A 78 -11.98 -1.99 -13.09
N ASP A 79 -11.96 -2.60 -14.27
CA ASP A 79 -10.78 -3.33 -14.71
C ASP A 79 -9.57 -2.39 -14.82
N PHE A 80 -8.41 -2.89 -14.42
CA PHE A 80 -7.18 -2.09 -14.48
C PHE A 80 -6.27 -2.58 -15.59
N ASP A 81 -5.97 -1.71 -16.54
CA ASP A 81 -5.10 -2.08 -17.65
C ASP A 81 -3.71 -1.47 -17.47
N GLY A 82 -2.69 -2.31 -17.61
CA GLY A 82 -1.31 -1.85 -17.47
C GLY A 82 -0.98 -0.82 -18.54
N ASP A 83 -1.47 -1.03 -19.75
CA ASP A 83 -1.22 -0.11 -20.85
C ASP A 83 -1.75 1.29 -20.52
N ALA A 84 -2.94 1.34 -19.94
CA ALA A 84 -3.52 2.63 -19.58
C ALA A 84 -2.63 3.36 -18.58
N TYR A 85 -2.12 2.60 -17.62
CA TYR A 85 -1.23 3.15 -16.60
C TYR A 85 0.03 3.70 -17.25
N THR A 86 0.60 2.93 -18.15
CA THR A 86 1.82 3.33 -18.85
C THR A 86 1.62 4.62 -19.62
N GLU A 87 0.52 4.71 -20.36
CA GLU A 87 0.25 5.91 -21.15
C GLU A 87 0.03 7.13 -20.25
N ALA A 88 -0.70 6.92 -19.15
CA ALA A 88 -1.01 7.99 -18.22
C ALA A 88 0.23 8.61 -17.57
N TYR A 89 1.19 7.78 -17.17
CA TYR A 89 2.39 8.29 -16.51
C TYR A 89 3.61 8.32 -17.45
N GLY A 90 3.47 7.74 -18.63
CA GLY A 90 4.57 7.73 -19.59
C GLY A 90 5.73 6.82 -19.13
N VAL A 91 5.41 5.81 -18.32
CA VAL A 91 6.43 4.90 -17.82
C VAL A 91 6.04 3.45 -18.09
N ALA A 92 7.03 2.57 -18.17
CA ALA A 92 6.76 1.15 -18.42
C ALA A 92 6.72 0.36 -17.13
N VAL A 93 5.75 -0.56 -17.03
CA VAL A 93 5.62 -1.38 -15.83
C VAL A 93 5.49 -2.86 -16.22
N PRO A 94 5.91 -3.79 -15.38
CA PRO A 94 5.81 -5.24 -15.68
C PRO A 94 4.37 -5.68 -15.88
N THR A 95 4.16 -6.66 -16.76
CA THR A 95 2.83 -7.17 -17.04
C THR A 95 2.28 -7.97 -15.86
N ASN A 96 3.18 -8.54 -15.05
CA ASN A 96 2.75 -9.34 -13.92
C ASN A 96 1.93 -8.52 -12.92
N ILE A 97 2.36 -7.28 -12.67
CA ILE A 97 1.64 -6.42 -11.74
C ILE A 97 0.23 -6.13 -12.25
N ALA A 98 0.10 -5.85 -13.53
CA ALA A 98 -1.21 -5.56 -14.10
C ALA A 98 -2.16 -6.74 -13.92
N ALA A 99 -1.63 -7.94 -14.11
CA ALA A 99 -2.45 -9.15 -14.00
C ALA A 99 -3.00 -9.34 -12.59
N ARG A 100 -2.17 -9.14 -11.56
CA ARG A 100 -2.63 -9.32 -10.19
C ARG A 100 -3.55 -8.19 -9.74
N ILE A 101 -3.31 -6.98 -10.25
CA ILE A 101 -4.15 -5.84 -9.89
C ILE A 101 -5.59 -6.07 -10.32
N GLN A 102 -5.78 -6.58 -11.53
CA GLN A 102 -7.13 -6.82 -12.04
C GLN A 102 -7.85 -7.84 -11.16
N ALA A 103 -7.13 -8.86 -10.73
CA ALA A 103 -7.72 -9.88 -9.88
C ALA A 103 -8.20 -9.26 -8.58
N GLN A 104 -7.41 -8.34 -8.05
CA GLN A 104 -7.76 -7.64 -6.81
C GLN A 104 -9.03 -6.83 -7.00
N ALA A 105 -9.15 -6.19 -8.17
CA ALA A 105 -10.31 -5.37 -8.47
C ALA A 105 -11.58 -6.21 -8.44
N ALA A 106 -11.50 -7.43 -8.96
CA ALA A 106 -12.65 -8.32 -9.00
C ALA A 106 -13.12 -8.67 -7.59
N GLU A 107 -12.17 -8.89 -6.68
CA GLU A 107 -12.50 -9.24 -5.30
C GLU A 107 -12.54 -8.00 -4.41
N LEU A 108 -12.28 -6.83 -4.98
CA LEU A 108 -12.28 -5.60 -4.21
C LEU A 108 -13.67 -5.31 -3.68
N ASN A 109 -13.75 -4.95 -2.40
CA ASN A 109 -15.04 -4.63 -1.78
C ASN A 109 -15.46 -3.21 -2.12
N ALA A 110 -16.72 -3.05 -2.52
CA ALA A 110 -17.24 -1.74 -2.88
C ALA A 110 -17.05 -0.76 -1.73
N GLY A 111 -16.79 0.50 -2.07
CA GLY A 111 -16.57 1.53 -1.07
C GLY A 111 -15.09 1.68 -0.73
N GLU A 112 -14.26 0.78 -1.26
CA GLU A 112 -12.82 0.84 -1.01
C GLU A 112 -12.07 1.21 -2.29
N TRP A 113 -11.18 2.19 -2.18
CA TRP A 113 -10.40 2.64 -3.33
C TRP A 113 -8.93 2.29 -3.17
N LEU A 114 -8.30 1.91 -4.27
CA LEU A 114 -6.89 1.54 -4.24
C LEU A 114 -6.04 2.73 -4.69
N LEU A 115 -5.13 3.17 -3.81
CA LEU A 115 -4.26 4.30 -4.13
C LEU A 115 -3.01 3.82 -4.85
N VAL A 116 -2.74 4.42 -6.01
CA VAL A 116 -1.56 4.05 -6.79
C VAL A 116 -0.62 5.24 -6.92
N GLU A 117 0.63 5.04 -6.52
CA GLU A 117 1.62 6.11 -6.62
C GLU A 117 3.03 5.52 -6.74
N HIS A 118 3.96 6.34 -7.21
CA HIS A 118 5.34 5.90 -7.38
C HIS A 118 6.30 7.08 -7.33
N GLU A 119 7.58 6.79 -7.13
CA GLU A 119 8.59 7.85 -7.06
C GLU A 119 8.83 8.44 -8.45
N ALA A 120 9.07 9.75 -8.49
CA ALA A 120 9.32 10.42 -9.76
C ALA A 120 10.72 11.03 -9.77
N MET A 2 -3.01 12.64 -0.90
CA MET A 2 -4.01 13.22 0.06
C MET A 2 -3.76 12.64 1.44
N SER A 3 -4.04 11.35 1.61
CA SER A 3 -3.83 10.69 2.90
C SER A 3 -3.84 9.18 2.73
N THR A 4 -3.41 8.71 1.57
CA THR A 4 -3.38 7.28 1.30
C THR A 4 -1.95 6.74 1.34
N GLN A 5 -0.97 7.61 1.62
CA GLN A 5 0.41 7.18 1.68
C GLN A 5 0.72 6.60 3.06
N TYR A 6 1.30 5.40 3.08
CA TYR A 6 1.64 4.75 4.35
C TYR A 6 3.11 4.35 4.38
N THR A 7 3.70 4.44 5.56
CA THR A 7 5.12 4.09 5.73
C THR A 7 5.29 3.20 6.95
N TYR A 8 6.47 2.62 7.10
CA TYR A 8 6.73 1.74 8.24
C TYR A 8 6.59 2.52 9.54
N GLN A 9 7.03 3.76 9.54
CA GLN A 9 6.94 4.61 10.72
C GLN A 9 5.48 4.81 11.12
N GLN A 10 4.63 5.03 10.12
CA GLN A 10 3.20 5.24 10.38
C GLN A 10 2.59 4.00 11.02
N ILE A 11 2.96 2.83 10.50
CA ILE A 11 2.44 1.58 11.04
C ILE A 11 2.94 1.35 12.45
N ALA A 12 4.23 1.59 12.67
CA ALA A 12 4.83 1.38 13.99
C ALA A 12 4.21 2.29 15.06
N GLU A 13 4.00 3.56 14.73
CA GLU A 13 3.43 4.49 15.69
C GLU A 13 1.95 4.19 15.94
N ASP A 14 1.30 3.51 15.01
CA ASP A 14 -0.11 3.18 15.15
C ASP A 14 -0.28 1.69 15.45
N PHE A 15 -0.80 1.38 16.63
CA PHE A 15 -1.01 -0.01 17.02
C PHE A 15 -2.04 -0.68 16.12
N ARG A 16 -3.08 0.08 15.75
CA ARG A 16 -4.13 -0.45 14.90
C ARG A 16 -3.56 -0.88 13.55
N LEU A 17 -2.71 -0.03 12.96
CA LEU A 17 -2.11 -0.34 11.67
C LEU A 17 -1.22 -1.57 11.76
N TRP A 18 -0.47 -1.68 12.84
CA TRP A 18 0.45 -2.82 13.02
C TRP A 18 -0.31 -4.15 13.00
N SER A 19 -1.37 -4.23 13.79
CA SER A 19 -2.17 -5.45 13.86
C SER A 19 -3.05 -5.60 12.62
N GLU A 20 -3.29 -4.50 11.92
CA GLU A 20 -4.14 -4.52 10.74
C GLU A 20 -3.55 -5.42 9.65
N TYR A 21 -2.24 -5.33 9.43
CA TYR A 21 -1.60 -6.12 8.39
C TYR A 21 -0.88 -7.33 8.97
N VAL A 22 -0.30 -7.18 10.15
CA VAL A 22 0.42 -8.29 10.77
C VAL A 22 -0.52 -9.45 11.09
N ASP A 23 -1.65 -9.15 11.71
CA ASP A 23 -2.62 -10.18 12.04
C ASP A 23 -3.89 -9.55 12.62
N THR A 24 -5.02 -9.86 12.00
CA THR A 24 -6.30 -9.33 12.47
C THR A 24 -6.63 -9.86 13.86
N ALA A 25 -6.41 -11.15 14.05
CA ALA A 25 -6.70 -11.79 15.33
C ALA A 25 -5.62 -11.46 16.37
N GLY A 26 -4.45 -11.04 15.90
CA GLY A 26 -3.36 -10.71 16.81
C GLY A 26 -3.44 -9.26 17.28
N GLU A 27 -3.52 -9.08 18.59
CA GLU A 27 -3.60 -7.73 19.16
C GLU A 27 -2.31 -7.40 19.92
N MET A 28 -1.74 -6.24 19.62
CA MET A 28 -0.51 -5.82 20.30
C MET A 28 -0.80 -4.71 21.29
N SER A 29 -0.55 -4.97 22.57
CA SER A 29 -0.79 -3.98 23.61
C SER A 29 0.24 -2.86 23.55
N LYS A 30 -0.12 -1.70 24.08
CA LYS A 30 0.79 -0.55 24.10
C LYS A 30 1.93 -0.76 25.09
N ASP A 31 1.72 -1.66 26.06
CA ASP A 31 2.75 -1.93 27.06
C ASP A 31 4.02 -2.47 26.42
N GLU A 32 3.85 -3.34 25.43
CA GLU A 32 5.01 -3.93 24.74
C GLU A 32 5.82 -2.83 24.04
N PHE A 33 5.13 -1.86 23.46
CA PHE A 33 5.80 -0.78 22.75
C PHE A 33 6.73 -0.01 23.69
N ASN A 34 6.23 0.35 24.86
CA ASN A 34 7.03 1.10 25.82
C ASN A 34 8.27 0.30 26.24
N SER A 35 8.09 -1.00 26.46
CA SER A 35 9.18 -1.86 26.88
C SER A 35 10.30 -1.91 25.83
N LEU A 36 9.92 -1.96 24.56
CA LEU A 36 10.91 -2.03 23.48
C LEU A 36 11.19 -0.64 22.90
N SER A 37 12.41 -0.45 22.42
CA SER A 37 12.79 0.83 21.84
C SER A 37 11.98 1.10 20.58
N THR A 38 11.72 2.37 20.29
CA THR A 38 10.94 2.73 19.11
C THR A 38 11.65 2.27 17.83
N GLU A 39 12.95 2.52 17.75
CA GLU A 39 13.72 2.12 16.57
C GLU A 39 13.77 0.60 16.44
N ASP A 40 13.64 -0.10 17.56
CA ASP A 40 13.67 -1.56 17.55
C ASP A 40 12.50 -2.12 16.74
N LYS A 41 11.33 -1.52 16.91
CA LYS A 41 10.14 -1.97 16.19
C LYS A 41 10.35 -1.87 14.68
N VAL A 42 10.90 -0.75 14.22
CA VAL A 42 11.14 -0.58 12.80
C VAL A 42 12.11 -1.63 12.26
N ARG A 43 13.20 -1.85 12.98
CA ARG A 43 14.19 -2.84 12.56
C ARG A 43 13.56 -4.23 12.52
N LEU A 44 12.80 -4.56 13.55
CA LEU A 44 12.14 -5.86 13.63
C LEU A 44 11.14 -6.02 12.49
N GLN A 45 10.39 -4.95 12.21
CA GLN A 45 9.39 -4.98 11.16
C GLN A 45 10.05 -5.24 9.81
N VAL A 46 11.20 -4.59 9.58
CA VAL A 46 11.93 -4.76 8.33
C VAL A 46 12.38 -6.21 8.17
N GLU A 47 12.89 -6.78 9.26
CA GLU A 47 13.37 -8.16 9.24
C GLU A 47 12.24 -9.12 8.88
N ALA A 48 11.05 -8.85 9.39
CA ALA A 48 9.90 -9.71 9.13
C ALA A 48 9.60 -9.77 7.64
N PHE A 49 9.72 -8.63 6.96
CA PHE A 49 9.45 -8.59 5.52
C PHE A 49 10.75 -8.62 4.71
N GLY A 50 11.88 -8.77 5.40
CA GLY A 50 13.17 -8.82 4.70
C GLY A 50 13.61 -7.41 4.29
N GLU A 51 14.63 -7.36 3.43
CA GLU A 51 15.14 -6.08 2.95
C GLU A 51 14.88 -5.92 1.46
N GLU A 52 14.51 -4.71 1.05
CA GLU A 52 14.23 -4.45 -0.36
C GLU A 52 15.42 -3.77 -1.04
N LYS A 53 16.20 -4.55 -1.78
CA LYS A 53 17.35 -4.01 -2.49
C LYS A 53 16.91 -2.96 -3.50
N SER A 54 15.83 -3.27 -4.22
CA SER A 54 15.29 -2.36 -5.23
C SER A 54 13.80 -2.16 -5.00
N PRO A 55 13.23 -1.06 -5.46
CA PRO A 55 11.78 -0.78 -5.28
C PRO A 55 10.91 -1.73 -6.10
N LYS A 56 9.74 -2.05 -5.57
CA LYS A 56 8.82 -2.97 -6.24
C LYS A 56 7.42 -2.37 -6.31
N PHE A 57 6.66 -2.76 -7.33
CA PHE A 57 5.30 -2.26 -7.48
C PHE A 57 4.39 -2.87 -6.41
N SER A 58 3.69 -2.02 -5.68
CA SER A 58 2.81 -2.49 -4.62
C SER A 58 1.47 -1.75 -4.63
N THR A 59 0.41 -2.46 -4.28
CA THR A 59 -0.92 -1.86 -4.24
C THR A 59 -1.61 -2.17 -2.92
N LYS A 60 -2.62 -1.38 -2.57
CA LYS A 60 -3.34 -1.58 -1.33
C LYS A 60 -4.77 -1.04 -1.47
N VAL A 61 -5.71 -1.68 -0.78
CA VAL A 61 -7.10 -1.27 -0.83
C VAL A 61 -7.38 -0.11 0.13
N THR A 62 -7.97 0.96 -0.38
CA THR A 62 -8.28 2.13 0.43
C THR A 62 -9.72 2.55 0.26
N THR A 63 -10.16 3.37 1.19
CA THR A 63 -11.51 3.90 1.15
C THR A 63 -11.49 5.17 0.32
N LYS A 64 -12.63 5.48 -0.26
CA LYS A 64 -12.75 6.66 -1.11
C LYS A 64 -12.08 7.88 -0.45
N PRO A 65 -10.93 8.31 -0.93
CA PRO A 65 -10.21 9.48 -0.37
C PRO A 65 -10.83 10.81 -0.80
N ASP A 66 -10.41 11.89 -0.15
CA ASP A 66 -10.94 13.20 -0.49
C ASP A 66 -10.26 13.74 -1.75
N PHE A 67 -10.64 14.95 -2.16
CA PHE A 67 -10.07 15.54 -3.36
C PHE A 67 -9.08 16.65 -3.01
N ASP A 68 -7.80 16.30 -2.91
CA ASP A 68 -6.77 17.27 -2.60
C ASP A 68 -5.38 16.64 -2.75
N GLY A 69 -5.02 16.34 -4.00
CA GLY A 69 -3.71 15.75 -4.27
C GLY A 69 -3.58 15.34 -5.73
N PHE A 70 -2.43 14.80 -6.09
CA PHE A 70 -2.18 14.37 -7.47
C PHE A 70 -2.17 12.84 -7.58
N GLN A 71 -2.59 12.16 -6.52
CA GLN A 71 -2.61 10.69 -6.53
C GLN A 71 -3.71 10.17 -7.44
N PHE A 72 -3.46 9.00 -8.04
CA PHE A 72 -4.42 8.39 -8.95
C PHE A 72 -5.06 7.16 -8.32
N TYR A 73 -6.38 7.06 -8.43
CA TYR A 73 -7.13 5.93 -7.87
C TYR A 73 -7.94 5.24 -8.96
N ILE A 74 -8.17 3.94 -8.78
CA ILE A 74 -8.93 3.17 -9.75
C ILE A 74 -10.32 2.85 -9.21
N GLU A 75 -11.35 3.26 -9.95
CA GLU A 75 -12.73 3.00 -9.55
C GLU A 75 -13.08 1.54 -9.75
N ALA A 76 -13.75 0.96 -8.76
CA ALA A 76 -14.15 -0.45 -8.84
C ALA A 76 -15.06 -0.68 -10.03
N GLY A 77 -14.90 -1.82 -10.69
CA GLY A 77 -15.72 -2.14 -11.86
C GLY A 77 -15.18 -1.47 -13.12
N ARG A 78 -14.04 -0.78 -13.01
CA ARG A 78 -13.45 -0.11 -14.15
C ARG A 78 -12.07 -0.70 -14.46
N ASP A 79 -11.79 -0.90 -15.74
CA ASP A 79 -10.51 -1.47 -16.15
C ASP A 79 -9.38 -0.45 -15.92
N PHE A 80 -8.14 -0.91 -16.06
CA PHE A 80 -6.99 -0.05 -15.86
C PHE A 80 -6.18 0.08 -17.15
N ASP A 81 -5.99 1.32 -17.61
CA ASP A 81 -5.24 1.57 -18.82
C ASP A 81 -3.76 1.79 -18.49
N GLY A 82 -2.94 0.78 -18.79
CA GLY A 82 -1.51 0.87 -18.52
C GLY A 82 -0.87 2.02 -19.29
N ASP A 83 -1.29 2.20 -20.54
CA ASP A 83 -0.74 3.27 -21.37
C ASP A 83 -1.02 4.63 -20.75
N ALA A 84 -2.22 4.80 -20.20
CA ALA A 84 -2.59 6.07 -19.57
C ALA A 84 -1.67 6.34 -18.39
N TYR A 85 -1.35 5.30 -17.63
CA TYR A 85 -0.49 5.42 -16.47
C TYR A 85 0.88 5.95 -16.89
N THR A 86 1.45 5.36 -17.94
CA THR A 86 2.76 5.76 -18.42
C THR A 86 2.78 7.22 -18.82
N GLU A 87 1.77 7.64 -19.57
CA GLU A 87 1.69 9.03 -20.01
C GLU A 87 1.50 9.99 -18.82
N ALA A 88 0.63 9.58 -17.89
CA ALA A 88 0.34 10.41 -16.73
C ALA A 88 1.56 10.66 -15.85
N TYR A 89 2.38 9.63 -15.63
CA TYR A 89 3.56 9.78 -14.79
C TYR A 89 4.85 9.96 -15.60
N GLY A 90 4.75 9.79 -16.92
CA GLY A 90 5.92 9.95 -17.78
C GLY A 90 6.93 8.84 -17.54
N VAL A 91 6.47 7.68 -17.08
CA VAL A 91 7.36 6.55 -16.82
C VAL A 91 6.79 5.27 -17.42
N ALA A 92 7.63 4.57 -18.18
CA ALA A 92 7.21 3.32 -18.82
C ALA A 92 6.99 2.22 -17.79
N VAL A 93 6.00 1.36 -18.04
CA VAL A 93 5.69 0.25 -17.15
C VAL A 93 5.56 -1.04 -17.96
N PRO A 94 5.79 -2.18 -17.34
CA PRO A 94 5.68 -3.49 -18.04
C PRO A 94 4.25 -3.84 -18.42
N THR A 95 4.09 -4.53 -19.53
CA THR A 95 2.76 -4.93 -20.01
C THR A 95 2.13 -5.98 -19.11
N ASN A 96 2.94 -6.93 -18.64
CA ASN A 96 2.44 -8.02 -17.81
C ASN A 96 1.82 -7.53 -16.50
N ILE A 97 2.41 -6.53 -15.86
CA ILE A 97 1.85 -6.04 -14.60
C ILE A 97 0.48 -5.42 -14.82
N ALA A 98 0.28 -4.85 -16.01
CA ALA A 98 -1.01 -4.23 -16.32
C ALA A 98 -2.14 -5.25 -16.28
N ALA A 99 -1.85 -6.45 -16.79
CA ALA A 99 -2.85 -7.51 -16.81
C ALA A 99 -3.26 -7.88 -15.38
N ARG A 100 -2.29 -7.90 -14.48
CA ARG A 100 -2.56 -8.24 -13.09
C ARG A 100 -3.53 -7.24 -12.47
N ILE A 101 -3.33 -5.96 -12.76
CA ILE A 101 -4.18 -4.91 -12.23
C ILE A 101 -5.62 -5.10 -12.71
N GLN A 102 -5.78 -5.38 -14.00
CA GLN A 102 -7.10 -5.59 -14.57
C GLN A 102 -7.79 -6.78 -13.91
N ALA A 103 -7.02 -7.85 -13.69
CA ALA A 103 -7.55 -9.05 -13.06
C ALA A 103 -8.07 -8.75 -11.67
N GLN A 104 -7.35 -7.91 -10.94
CA GLN A 104 -7.75 -7.55 -9.59
C GLN A 104 -9.08 -6.82 -9.58
N ALA A 105 -9.28 -5.94 -10.56
CA ALA A 105 -10.51 -5.18 -10.64
C ALA A 105 -11.71 -6.11 -10.75
N ALA A 106 -11.56 -7.18 -11.52
CA ALA A 106 -12.63 -8.15 -11.69
C ALA A 106 -13.00 -8.82 -10.37
N GLU A 107 -12.00 -9.12 -9.56
CA GLU A 107 -12.24 -9.78 -8.27
C GLU A 107 -12.42 -8.76 -7.15
N LEU A 108 -12.19 -7.49 -7.45
CA LEU A 108 -12.33 -6.44 -6.45
C LEU A 108 -13.80 -6.14 -6.19
N ASN A 109 -14.16 -6.09 -4.91
CA ASN A 109 -15.54 -5.81 -4.52
C ASN A 109 -15.81 -4.31 -4.55
N ALA A 110 -17.07 -3.94 -4.75
CA ALA A 110 -17.45 -2.54 -4.80
C ALA A 110 -17.14 -1.86 -3.47
N GLY A 111 -16.76 -0.58 -3.54
CA GLY A 111 -16.44 0.17 -2.32
C GLY A 111 -14.94 0.10 -2.00
N GLU A 112 -14.20 -0.74 -2.72
CA GLU A 112 -12.77 -0.87 -2.49
C GLU A 112 -11.99 -0.30 -3.66
N TRP A 113 -11.08 0.63 -3.37
CA TRP A 113 -10.27 1.26 -4.41
C TRP A 113 -8.81 0.83 -4.31
N LEU A 114 -8.17 0.66 -5.45
CA LEU A 114 -6.77 0.25 -5.47
C LEU A 114 -5.88 1.44 -5.83
N LEU A 115 -4.71 1.51 -5.19
CA LEU A 115 -3.78 2.60 -5.43
C LEU A 115 -2.59 2.12 -6.25
N VAL A 116 -2.31 2.81 -7.35
CA VAL A 116 -1.20 2.43 -8.21
C VAL A 116 0.04 3.27 -7.85
N GLU A 117 1.11 2.59 -7.47
CA GLU A 117 2.34 3.28 -7.10
C GLU A 117 3.55 2.56 -7.68
N HIS A 118 4.44 3.33 -8.31
CA HIS A 118 5.64 2.76 -8.90
C HIS A 118 6.76 3.79 -8.96
N GLU A 119 7.98 3.37 -8.65
CA GLU A 119 9.12 4.28 -8.66
C GLU A 119 10.27 3.69 -9.48
N ALA A 120 11.02 4.56 -10.15
CA ALA A 120 12.14 4.11 -10.98
C ALA A 120 11.65 3.14 -12.06
N MET A 2 11.17 9.04 0.36
CA MET A 2 10.15 8.01 0.00
C MET A 2 8.80 8.41 0.59
N SER A 3 8.61 9.70 0.82
CA SER A 3 7.36 10.20 1.38
C SER A 3 6.18 9.91 0.45
N THR A 4 6.42 10.06 -0.85
CA THR A 4 5.37 9.84 -1.84
C THR A 4 4.97 8.37 -1.91
N GLN A 5 5.86 7.49 -1.47
CA GLN A 5 5.57 6.06 -1.50
C GLN A 5 5.39 5.51 -0.09
N TYR A 6 4.60 4.46 0.04
CA TYR A 6 4.35 3.87 1.35
C TYR A 6 5.23 2.63 1.54
N THR A 7 5.80 2.51 2.73
CA THR A 7 6.67 1.38 3.04
C THR A 7 6.27 0.75 4.38
N TYR A 8 6.80 -0.44 4.64
CA TYR A 8 6.49 -1.12 5.89
C TYR A 8 6.97 -0.30 7.09
N GLN A 9 8.12 0.34 6.94
CA GLN A 9 8.67 1.17 8.01
C GLN A 9 7.71 2.30 8.34
N GLN A 10 7.13 2.91 7.30
CA GLN A 10 6.19 4.00 7.50
C GLN A 10 4.99 3.54 8.31
N ILE A 11 4.50 2.35 7.98
CA ILE A 11 3.35 1.79 8.70
C ILE A 11 3.70 1.59 10.17
N ALA A 12 4.90 1.06 10.40
CA ALA A 12 5.38 0.82 11.76
C ALA A 12 5.45 2.12 12.55
N GLU A 13 5.85 3.19 11.87
CA GLU A 13 5.96 4.49 12.54
C GLU A 13 4.59 5.01 12.95
N ASP A 14 3.58 4.75 12.12
CA ASP A 14 2.23 5.19 12.43
C ASP A 14 1.51 4.10 13.21
N PHE A 15 1.33 4.33 14.51
CA PHE A 15 0.68 3.35 15.38
C PHE A 15 -0.77 3.10 14.96
N ARG A 16 -1.48 4.15 14.58
CA ARG A 16 -2.87 4.02 14.18
C ARG A 16 -3.03 3.13 12.95
N LEU A 17 -2.16 3.31 11.96
CA LEU A 17 -2.23 2.51 10.74
C LEU A 17 -1.91 1.05 11.01
N TRP A 18 -0.91 0.79 11.85
CA TRP A 18 -0.52 -0.58 12.17
C TRP A 18 -1.66 -1.32 12.83
N SER A 19 -2.24 -0.73 13.87
CA SER A 19 -3.34 -1.35 14.59
C SER A 19 -4.58 -1.51 13.72
N GLU A 20 -4.92 -0.47 12.98
CA GLU A 20 -6.10 -0.49 12.11
C GLU A 20 -5.97 -1.54 11.02
N TYR A 21 -4.80 -1.59 10.38
CA TYR A 21 -4.59 -2.55 9.30
C TYR A 21 -4.52 -3.98 9.83
N VAL A 22 -3.82 -4.18 10.93
CA VAL A 22 -3.69 -5.51 11.52
C VAL A 22 -5.05 -6.02 11.99
N ASP A 23 -5.78 -5.16 12.71
CA ASP A 23 -7.09 -5.53 13.22
C ASP A 23 -7.81 -4.30 13.79
N THR A 24 -9.00 -4.02 13.28
CA THR A 24 -9.77 -2.88 13.75
C THR A 24 -10.12 -3.05 15.24
N ALA A 25 -10.58 -4.24 15.60
CA ALA A 25 -10.95 -4.51 16.99
C ALA A 25 -9.70 -4.72 17.86
N GLY A 26 -8.59 -5.08 17.23
CA GLY A 26 -7.36 -5.31 17.96
C GLY A 26 -6.84 -4.02 18.60
N GLU A 27 -6.26 -4.15 19.79
CA GLU A 27 -5.73 -2.99 20.50
C GLU A 27 -4.20 -3.06 20.55
N MET A 28 -3.55 -1.93 20.28
CA MET A 28 -2.10 -1.88 20.31
C MET A 28 -1.62 -0.59 20.98
N SER A 29 -0.56 -0.70 21.77
CA SER A 29 -0.02 0.46 22.46
C SER A 29 1.44 0.69 22.07
N LYS A 30 1.87 1.95 22.15
CA LYS A 30 3.24 2.30 21.80
C LYS A 30 4.23 1.66 22.75
N ASP A 31 3.78 1.31 23.95
CA ASP A 31 4.65 0.70 24.94
C ASP A 31 5.24 -0.61 24.41
N GLU A 32 4.38 -1.45 23.85
CA GLU A 32 4.82 -2.73 23.32
C GLU A 32 5.80 -2.52 22.17
N PHE A 33 5.46 -1.57 21.29
CA PHE A 33 6.30 -1.27 20.14
C PHE A 33 7.70 -0.82 20.59
N ASN A 34 7.75 0.10 21.53
CA ASN A 34 9.02 0.62 22.03
C ASN A 34 9.87 -0.50 22.63
N SER A 35 9.24 -1.38 23.39
CA SER A 35 9.96 -2.48 24.02
C SER A 35 10.56 -3.42 22.97
N LEU A 36 9.99 -3.39 21.77
CA LEU A 36 10.48 -4.24 20.68
C LEU A 36 11.25 -3.43 19.65
N SER A 37 12.28 -4.03 19.09
CA SER A 37 13.10 -3.35 18.08
C SER A 37 12.24 -2.99 16.87
N THR A 38 12.50 -1.82 16.28
CA THR A 38 11.73 -1.38 15.13
C THR A 38 11.95 -2.32 13.95
N GLU A 39 13.17 -2.80 13.79
CA GLU A 39 13.47 -3.71 12.70
C GLU A 39 12.73 -5.03 12.88
N ASP A 40 12.68 -5.50 14.13
CA ASP A 40 11.98 -6.74 14.45
C ASP A 40 10.48 -6.61 14.17
N LYS A 41 9.93 -5.45 14.51
CA LYS A 41 8.51 -5.20 14.30
C LYS A 41 8.18 -5.30 12.81
N VAL A 42 9.04 -4.71 11.98
CA VAL A 42 8.84 -4.75 10.53
C VAL A 42 8.94 -6.17 10.01
N ARG A 43 9.89 -6.93 10.55
CA ARG A 43 10.09 -8.31 10.13
C ARG A 43 8.86 -9.17 10.36
N LEU A 44 8.16 -8.94 11.47
CA LEU A 44 6.97 -9.73 11.76
C LEU A 44 5.92 -9.57 10.67
N GLN A 45 5.61 -8.32 10.31
CA GLN A 45 4.62 -8.06 9.28
C GLN A 45 5.11 -8.46 7.89
N VAL A 46 6.36 -8.12 7.59
CA VAL A 46 6.95 -8.43 6.28
C VAL A 46 7.06 -9.93 6.07
N GLU A 47 7.49 -10.63 7.11
CA GLU A 47 7.67 -12.08 7.04
C GLU A 47 6.34 -12.77 6.71
N ALA A 48 5.26 -12.26 7.28
CA ALA A 48 3.94 -12.83 7.04
C ALA A 48 3.61 -12.78 5.55
N PHE A 49 3.97 -11.68 4.90
CA PHE A 49 3.70 -11.53 3.47
C PHE A 49 4.94 -11.87 2.63
N GLY A 50 6.01 -12.33 3.28
CA GLY A 50 7.23 -12.70 2.57
C GLY A 50 8.18 -11.51 2.44
N GLU A 51 9.41 -11.79 2.04
CA GLU A 51 10.42 -10.75 1.88
C GLU A 51 10.73 -10.52 0.41
N GLU A 52 10.94 -9.26 0.02
CA GLU A 52 11.24 -8.93 -1.36
C GLU A 52 12.52 -8.10 -1.45
N LYS A 53 13.36 -8.43 -2.43
CA LYS A 53 14.61 -7.69 -2.62
C LYS A 53 14.45 -6.68 -3.74
N SER A 54 13.67 -7.04 -4.75
CA SER A 54 13.42 -6.15 -5.88
C SER A 54 12.45 -5.03 -5.46
N PRO A 55 12.44 -3.92 -6.16
CA PRO A 55 11.53 -2.80 -5.83
C PRO A 55 10.06 -3.18 -6.07
N LYS A 56 9.19 -2.72 -5.19
CA LYS A 56 7.77 -3.03 -5.30
C LYS A 56 6.91 -1.77 -5.17
N PHE A 57 5.87 -1.70 -5.98
CA PHE A 57 4.97 -0.55 -5.94
C PHE A 57 4.16 -0.59 -4.64
N SER A 58 4.02 0.56 -4.00
CA SER A 58 3.28 0.61 -2.74
C SER A 58 1.82 0.98 -2.95
N THR A 59 0.96 0.39 -2.13
CA THR A 59 -0.48 0.65 -2.20
C THR A 59 -1.05 0.81 -0.79
N LYS A 60 -2.24 1.42 -0.71
CA LYS A 60 -2.87 1.61 0.58
C LYS A 60 -4.33 1.18 0.53
N VAL A 61 -4.76 0.40 1.52
CA VAL A 61 -6.14 -0.07 1.56
C VAL A 61 -7.05 0.99 2.20
N THR A 62 -8.07 1.40 1.46
CA THR A 62 -8.99 2.41 1.95
C THR A 62 -10.43 2.03 1.70
N THR A 63 -11.31 2.69 2.44
CA THR A 63 -12.73 2.49 2.30
C THR A 63 -13.24 3.45 1.25
N LYS A 64 -14.29 3.06 0.58
CA LYS A 64 -14.86 3.89 -0.50
C LYS A 64 -14.95 5.35 -0.04
N PRO A 65 -14.09 6.22 -0.55
CA PRO A 65 -14.08 7.66 -0.17
C PRO A 65 -15.16 8.46 -0.91
N ASP A 66 -15.05 9.78 -0.82
CA ASP A 66 -16.01 10.66 -1.48
C ASP A 66 -15.69 10.78 -2.97
N PHE A 67 -16.44 11.61 -3.68
CA PHE A 67 -16.23 11.77 -5.12
C PHE A 67 -14.75 11.97 -5.43
N ASP A 68 -14.33 11.43 -6.57
CA ASP A 68 -12.93 11.51 -6.97
C ASP A 68 -12.47 12.97 -7.09
N GLY A 69 -11.24 13.21 -6.64
CA GLY A 69 -10.67 14.55 -6.70
C GLY A 69 -9.18 14.47 -7.02
N PHE A 70 -8.36 15.11 -6.18
CA PHE A 70 -6.93 15.09 -6.39
C PHE A 70 -6.39 13.66 -6.28
N GLN A 71 -6.93 12.91 -5.33
CA GLN A 71 -6.50 11.53 -5.12
C GLN A 71 -7.17 10.60 -6.13
N PHE A 72 -6.49 9.51 -6.47
CA PHE A 72 -7.03 8.55 -7.43
C PHE A 72 -7.07 7.15 -6.82
N TYR A 73 -8.23 6.50 -6.91
CA TYR A 73 -8.39 5.17 -6.35
C TYR A 73 -8.76 4.15 -7.43
N ILE A 74 -8.41 2.90 -7.20
CA ILE A 74 -8.71 1.84 -8.17
C ILE A 74 -9.91 1.03 -7.70
N GLU A 75 -10.94 0.98 -8.53
CA GLU A 75 -12.15 0.24 -8.20
C GLU A 75 -11.88 -1.26 -8.20
N ALA A 76 -12.38 -1.95 -7.19
CA ALA A 76 -12.19 -3.40 -7.09
C ALA A 76 -12.85 -4.10 -8.26
N GLY A 77 -12.20 -5.16 -8.76
CA GLY A 77 -12.74 -5.92 -9.89
C GLY A 77 -12.42 -5.24 -11.22
N ARG A 78 -11.64 -4.15 -11.17
CA ARG A 78 -11.27 -3.45 -12.39
C ARG A 78 -9.76 -3.55 -12.60
N ASP A 79 -9.36 -3.82 -13.84
CA ASP A 79 -7.95 -3.94 -14.16
C ASP A 79 -7.25 -2.58 -14.11
N PHE A 80 -5.92 -2.60 -14.18
CA PHE A 80 -5.16 -1.36 -14.13
C PHE A 80 -4.35 -1.17 -15.41
N ASP A 81 -4.62 -0.08 -16.12
CA ASP A 81 -3.92 0.22 -17.35
C ASP A 81 -2.73 1.13 -17.08
N GLY A 82 -1.52 0.58 -17.17
CA GLY A 82 -0.32 1.37 -16.92
C GLY A 82 -0.21 2.53 -17.90
N ASP A 83 -0.55 2.27 -19.16
CA ASP A 83 -0.50 3.32 -20.18
C ASP A 83 -1.46 4.44 -19.83
N ALA A 84 -2.65 4.08 -19.35
CA ALA A 84 -3.64 5.08 -18.97
C ALA A 84 -3.12 5.93 -17.82
N TYR A 85 -2.42 5.29 -16.90
CA TYR A 85 -1.86 5.99 -15.74
C TYR A 85 -0.88 7.07 -16.20
N THR A 86 0.01 6.71 -17.11
CA THR A 86 1.01 7.65 -17.60
C THR A 86 0.33 8.81 -18.33
N GLU A 87 -0.79 8.54 -18.99
CA GLU A 87 -1.50 9.58 -19.71
C GLU A 87 -2.11 10.60 -18.73
N ALA A 88 -2.69 10.08 -17.64
CA ALA A 88 -3.33 10.92 -16.63
C ALA A 88 -2.36 11.88 -15.94
N TYR A 89 -1.17 11.39 -15.59
CA TYR A 89 -0.18 12.21 -14.89
C TYR A 89 0.91 12.72 -15.82
N GLY A 90 0.97 12.16 -17.03
CA GLY A 90 2.00 12.57 -17.98
C GLY A 90 3.39 12.14 -17.54
N VAL A 91 3.46 11.05 -16.80
CA VAL A 91 4.75 10.56 -16.32
C VAL A 91 4.91 9.08 -16.64
N ALA A 92 6.07 8.72 -17.20
CA ALA A 92 6.34 7.33 -17.56
C ALA A 92 6.55 6.48 -16.31
N VAL A 93 6.16 5.21 -16.39
CA VAL A 93 6.31 4.29 -15.28
C VAL A 93 7.01 3.01 -15.74
N PRO A 94 7.71 2.32 -14.86
CA PRO A 94 8.42 1.05 -15.22
C PRO A 94 7.48 -0.01 -15.79
N THR A 95 7.94 -0.74 -16.80
CA THR A 95 7.12 -1.76 -17.42
C THR A 95 6.98 -2.99 -16.49
N ASN A 96 8.09 -3.38 -15.86
CA ASN A 96 8.10 -4.54 -14.98
C ASN A 96 7.19 -4.36 -13.77
N ILE A 97 7.22 -3.16 -13.17
CA ILE A 97 6.39 -2.91 -11.98
C ILE A 97 4.92 -2.88 -12.35
N ALA A 98 4.62 -2.45 -13.58
CA ALA A 98 3.24 -2.38 -14.04
C ALA A 98 2.59 -3.76 -14.01
N ALA A 99 3.36 -4.77 -14.40
CA ALA A 99 2.85 -6.14 -14.41
C ALA A 99 2.45 -6.57 -13.00
N ARG A 100 3.25 -6.19 -12.02
CA ARG A 100 2.97 -6.54 -10.63
C ARG A 100 1.65 -5.93 -10.17
N ILE A 101 1.40 -4.69 -10.60
CA ILE A 101 0.17 -3.99 -10.23
C ILE A 101 -1.05 -4.75 -10.75
N GLN A 102 -0.97 -5.21 -12.00
CA GLN A 102 -2.07 -5.94 -12.60
C GLN A 102 -2.37 -7.21 -11.82
N ALA A 103 -1.32 -7.90 -11.38
CA ALA A 103 -1.48 -9.13 -10.62
C ALA A 103 -2.25 -8.85 -9.33
N GLN A 104 -1.94 -7.73 -8.69
CA GLN A 104 -2.60 -7.36 -7.45
C GLN A 104 -4.10 -7.15 -7.68
N ALA A 105 -4.44 -6.54 -8.81
CA ALA A 105 -5.84 -6.27 -9.12
C ALA A 105 -6.63 -7.58 -9.20
N ALA A 106 -6.02 -8.59 -9.80
CA ALA A 106 -6.68 -9.89 -9.93
C ALA A 106 -6.97 -10.50 -8.57
N GLU A 107 -6.03 -10.35 -7.64
CA GLU A 107 -6.20 -10.89 -6.29
C GLU A 107 -6.82 -9.88 -5.34
N LEU A 108 -7.11 -8.67 -5.85
CA LEU A 108 -7.70 -7.64 -5.01
C LEU A 108 -9.03 -8.11 -4.43
N ASN A 109 -9.18 -7.98 -3.11
CA ASN A 109 -10.40 -8.40 -2.45
C ASN A 109 -11.48 -7.33 -2.57
N ALA A 110 -12.72 -7.77 -2.79
CA ALA A 110 -13.83 -6.84 -2.92
C ALA A 110 -14.11 -6.12 -1.60
N GLY A 111 -14.60 -4.89 -1.70
CA GLY A 111 -14.89 -4.10 -0.52
C GLY A 111 -13.71 -3.22 -0.09
N GLU A 112 -12.56 -3.43 -0.74
CA GLU A 112 -11.37 -2.65 -0.40
C GLU A 112 -10.81 -1.98 -1.66
N TRP A 113 -10.48 -0.70 -1.54
CA TRP A 113 -9.94 0.05 -2.66
C TRP A 113 -8.48 0.40 -2.42
N LEU A 114 -7.67 0.33 -3.48
CA LEU A 114 -6.25 0.63 -3.37
C LEU A 114 -5.95 1.98 -4.02
N LEU A 115 -5.02 2.72 -3.43
CA LEU A 115 -4.63 4.02 -3.95
C LEU A 115 -3.34 3.91 -4.75
N VAL A 116 -3.38 4.38 -5.99
CA VAL A 116 -2.20 4.31 -6.85
C VAL A 116 -1.62 5.70 -7.10
N GLU A 117 -0.36 5.90 -6.73
CA GLU A 117 0.30 7.18 -6.94
C GLU A 117 1.80 6.99 -7.03
N HIS A 118 2.44 7.79 -7.88
CA HIS A 118 3.89 7.71 -8.05
C HIS A 118 4.44 9.00 -8.66
N GLU A 119 5.51 9.51 -8.08
CA GLU A 119 6.11 10.75 -8.57
C GLU A 119 7.57 10.85 -8.14
N ALA A 120 8.35 11.67 -8.84
CA ALA A 120 9.75 11.85 -8.51
C ALA A 120 9.94 13.05 -7.60
N MET A 2 4.85 13.65 6.45
CA MET A 2 3.39 13.44 6.25
C MET A 2 3.11 13.13 4.79
N SER A 3 4.05 12.43 4.14
CA SER A 3 3.90 12.08 2.74
C SER A 3 2.75 11.09 2.55
N THR A 4 2.07 11.18 1.42
CA THR A 4 0.96 10.29 1.13
C THR A 4 1.41 8.84 1.12
N GLN A 5 2.67 8.63 0.74
CA GLN A 5 3.23 7.28 0.69
C GLN A 5 3.39 6.71 2.10
N TYR A 6 2.94 5.48 2.30
CA TYR A 6 3.04 4.83 3.60
C TYR A 6 4.45 4.32 3.84
N THR A 7 4.90 4.41 5.08
CA THR A 7 6.24 3.95 5.44
C THR A 7 6.18 3.03 6.67
N TYR A 8 7.27 2.32 6.91
CA TYR A 8 7.33 1.40 8.05
C TYR A 8 7.19 2.18 9.36
N GLN A 9 7.80 3.37 9.41
CA GLN A 9 7.73 4.20 10.62
C GLN A 9 6.29 4.57 10.94
N GLN A 10 5.52 4.92 9.92
CA GLN A 10 4.12 5.31 10.12
C GLN A 10 3.32 4.13 10.68
N ILE A 11 3.60 2.94 10.16
CA ILE A 11 2.90 1.74 10.62
C ILE A 11 3.18 1.49 12.10
N ALA A 12 4.45 1.64 12.47
CA ALA A 12 4.86 1.43 13.86
C ALA A 12 4.16 2.40 14.81
N GLU A 13 3.97 3.63 14.35
CA GLU A 13 3.33 4.65 15.18
C GLU A 13 1.85 4.32 15.42
N ASP A 14 1.20 3.75 14.42
CA ASP A 14 -0.22 3.40 14.55
C ASP A 14 -0.37 1.93 14.91
N PHE A 15 -0.99 1.67 16.06
CA PHE A 15 -1.20 0.30 16.52
C PHE A 15 -2.13 -0.47 15.58
N ARG A 16 -3.17 0.19 15.10
CA ARG A 16 -4.14 -0.46 14.22
C ARG A 16 -3.52 -0.84 12.87
N LEU A 17 -2.69 0.03 12.32
CA LEU A 17 -2.06 -0.25 11.04
C LEU A 17 -1.08 -1.42 11.15
N TRP A 18 -0.38 -1.48 12.27
CA TRP A 18 0.59 -2.56 12.47
C TRP A 18 -0.09 -3.92 12.41
N SER A 19 -1.19 -4.06 13.15
CA SER A 19 -1.92 -5.31 13.18
C SER A 19 -2.50 -5.64 11.80
N GLU A 20 -3.11 -4.65 11.16
CA GLU A 20 -3.73 -4.86 9.85
C GLU A 20 -2.72 -5.31 8.80
N TYR A 21 -1.58 -4.63 8.72
CA TYR A 21 -0.57 -4.98 7.74
C TYR A 21 0.10 -6.31 8.04
N VAL A 22 0.44 -6.53 9.31
CA VAL A 22 1.09 -7.78 9.70
C VAL A 22 0.16 -8.97 9.50
N ASP A 23 -1.08 -8.84 9.95
CA ASP A 23 -2.06 -9.91 9.81
C ASP A 23 -3.42 -9.45 10.31
N THR A 24 -4.43 -9.53 9.46
CA THR A 24 -5.78 -9.11 9.85
C THR A 24 -6.34 -10.04 10.91
N ALA A 25 -6.05 -11.33 10.79
CA ALA A 25 -6.53 -12.30 11.76
C ALA A 25 -5.71 -12.25 13.03
N GLY A 26 -4.47 -11.79 12.93
CA GLY A 26 -3.58 -11.71 14.08
C GLY A 26 -3.67 -10.34 14.76
N GLU A 27 -3.92 -10.37 16.07
CA GLU A 27 -4.02 -9.12 16.83
C GLU A 27 -2.84 -9.01 17.80
N MET A 28 -2.26 -7.82 17.89
CA MET A 28 -1.13 -7.60 18.80
C MET A 28 -1.50 -6.58 19.87
N SER A 29 -1.31 -6.97 21.12
CA SER A 29 -1.63 -6.09 22.25
C SER A 29 -0.62 -4.96 22.36
N LYS A 30 -1.07 -3.82 22.87
CA LYS A 30 -0.20 -2.65 23.03
C LYS A 30 0.93 -2.96 24.01
N ASP A 31 0.77 -4.01 24.82
CA ASP A 31 1.78 -4.40 25.79
C ASP A 31 3.10 -4.73 25.08
N GLU A 32 2.99 -5.36 23.92
CA GLU A 32 4.17 -5.74 23.15
C GLU A 32 4.98 -4.49 22.77
N PHE A 33 4.28 -3.41 22.44
CA PHE A 33 4.94 -2.17 22.06
C PHE A 33 5.88 -1.67 23.16
N ASN A 34 5.37 -1.63 24.39
CA ASN A 34 6.18 -1.17 25.51
C ASN A 34 7.41 -2.05 25.70
N SER A 35 7.20 -3.36 25.59
CA SER A 35 8.28 -4.32 25.76
C SER A 35 9.36 -4.17 24.69
N LEU A 36 8.95 -3.93 23.45
CA LEU A 36 9.90 -3.80 22.35
C LEU A 36 10.22 -2.34 22.04
N SER A 37 11.48 -2.08 21.69
CA SER A 37 11.92 -0.73 21.37
C SER A 37 11.34 -0.28 20.03
N THR A 38 11.25 1.03 19.84
CA THR A 38 10.71 1.58 18.59
C THR A 38 11.56 1.12 17.40
N GLU A 39 12.87 1.19 17.58
CA GLU A 39 13.80 0.79 16.52
C GLU A 39 13.63 -0.68 16.20
N ASP A 40 13.37 -1.49 17.23
CA ASP A 40 13.21 -2.93 17.05
C ASP A 40 12.05 -3.23 16.10
N LYS A 41 10.98 -2.45 16.18
CA LYS A 41 9.82 -2.68 15.31
C LYS A 41 10.21 -2.56 13.84
N VAL A 42 11.09 -1.61 13.54
CA VAL A 42 11.52 -1.40 12.17
C VAL A 42 12.23 -2.66 11.65
N ARG A 43 13.06 -3.25 12.49
CA ARG A 43 13.79 -4.45 12.11
C ARG A 43 12.83 -5.59 11.75
N LEU A 44 11.77 -5.74 12.53
CA LEU A 44 10.79 -6.80 12.28
C LEU A 44 10.19 -6.68 10.89
N GLN A 45 9.78 -5.46 10.51
CA GLN A 45 9.20 -5.24 9.20
C GLN A 45 10.23 -5.51 8.11
N VAL A 46 11.46 -5.07 8.35
CA VAL A 46 12.53 -5.26 7.38
C VAL A 46 12.80 -6.75 7.14
N GLU A 47 12.86 -7.51 8.23
CA GLU A 47 13.12 -8.95 8.13
C GLU A 47 11.97 -9.67 7.41
N ALA A 48 10.74 -9.27 7.71
CA ALA A 48 9.57 -9.90 7.10
C ALA A 48 9.57 -9.76 5.58
N PHE A 49 9.93 -8.58 5.08
CA PHE A 49 9.94 -8.35 3.64
C PHE A 49 11.37 -8.35 3.08
N GLY A 50 12.34 -8.66 3.92
CA GLY A 50 13.73 -8.67 3.48
C GLY A 50 14.28 -7.26 3.42
N GLU A 51 15.54 -7.13 3.01
CA GLU A 51 16.17 -5.82 2.91
C GLU A 51 15.50 -5.00 1.81
N GLU A 52 15.18 -3.75 2.12
CA GLU A 52 14.52 -2.88 1.14
C GLU A 52 15.54 -2.00 0.43
N LYS A 53 15.63 -2.14 -0.89
CA LYS A 53 16.55 -1.35 -1.69
C LYS A 53 15.85 -0.85 -2.94
N SER A 54 15.63 -1.74 -3.89
CA SER A 54 14.95 -1.38 -5.13
C SER A 54 13.51 -0.95 -4.82
N PRO A 55 12.99 0.06 -5.48
CA PRO A 55 11.59 0.54 -5.21
C PRO A 55 10.55 -0.49 -5.65
N LYS A 56 9.46 -0.57 -4.90
CA LYS A 56 8.39 -1.52 -5.20
C LYS A 56 7.04 -0.82 -5.20
N PHE A 57 6.14 -1.30 -6.05
CA PHE A 57 4.80 -0.72 -6.13
C PHE A 57 3.94 -1.22 -4.97
N SER A 58 3.31 -0.29 -4.25
CA SER A 58 2.48 -0.65 -3.12
C SER A 58 1.08 -0.05 -3.25
N THR A 59 0.09 -0.72 -2.65
CA THR A 59 -1.28 -0.24 -2.71
C THR A 59 -1.87 -0.13 -1.32
N LYS A 60 -2.94 0.65 -1.19
CA LYS A 60 -3.60 0.84 0.09
C LYS A 60 -5.09 1.09 -0.10
N VAL A 61 -5.90 0.55 0.80
CA VAL A 61 -7.35 0.72 0.71
C VAL A 61 -7.78 2.04 1.35
N THR A 62 -8.49 2.85 0.57
CA THR A 62 -8.96 4.14 1.06
C THR A 62 -10.43 4.36 0.79
N THR A 63 -10.98 5.30 1.53
CA THR A 63 -12.37 5.68 1.39
C THR A 63 -12.46 6.80 0.38
N LYS A 64 -13.58 6.88 -0.29
CA LYS A 64 -13.79 7.90 -1.32
C LYS A 64 -13.30 9.27 -0.83
N PRO A 65 -12.17 9.74 -1.33
CA PRO A 65 -11.58 11.05 -0.92
C PRO A 65 -12.29 12.23 -1.60
N ASP A 66 -11.95 13.44 -1.17
CA ASP A 66 -12.55 14.63 -1.76
C ASP A 66 -11.92 14.89 -3.12
N PHE A 67 -12.68 15.56 -4.00
CA PHE A 67 -12.18 15.84 -5.34
C PHE A 67 -10.94 16.72 -5.29
N ASP A 68 -9.94 16.36 -6.09
CA ASP A 68 -8.69 17.13 -6.14
C ASP A 68 -7.86 16.67 -7.34
N GLY A 69 -6.94 17.52 -7.78
CA GLY A 69 -6.08 17.19 -8.91
C GLY A 69 -4.79 16.53 -8.45
N PHE A 70 -3.93 16.19 -9.42
CA PHE A 70 -2.65 15.55 -9.13
C PHE A 70 -2.84 14.24 -8.38
N GLN A 71 -3.99 13.61 -8.54
CA GLN A 71 -4.25 12.34 -7.87
C GLN A 71 -4.91 11.34 -8.82
N PHE A 72 -4.64 10.05 -8.60
CA PHE A 72 -5.22 9.01 -9.43
C PHE A 72 -5.78 7.89 -8.55
N TYR A 73 -7.02 7.49 -8.82
CA TYR A 73 -7.66 6.44 -8.03
C TYR A 73 -8.22 5.34 -8.93
N ILE A 74 -8.32 4.14 -8.38
CA ILE A 74 -8.84 3.01 -9.13
C ILE A 74 -10.31 2.79 -8.79
N GLU A 75 -11.15 2.79 -9.82
CA GLU A 75 -12.58 2.59 -9.62
C GLU A 75 -12.92 1.10 -9.61
N ALA A 76 -13.62 0.66 -8.58
CA ALA A 76 -14.01 -0.75 -8.46
C ALA A 76 -14.93 -1.14 -9.60
N GLY A 77 -14.75 -2.36 -10.11
CA GLY A 77 -15.58 -2.85 -11.20
C GLY A 77 -15.10 -2.33 -12.56
N ARG A 78 -13.99 -1.58 -12.56
CA ARG A 78 -13.44 -1.03 -13.79
C ARG A 78 -12.15 -1.75 -14.17
N ASP A 79 -12.07 -2.20 -15.41
CA ASP A 79 -10.87 -2.91 -15.88
C ASP A 79 -9.68 -1.96 -15.89
N PHE A 80 -8.59 -2.36 -15.23
CA PHE A 80 -7.39 -1.54 -15.18
C PHE A 80 -6.35 -2.05 -16.17
N ASP A 81 -5.98 -1.18 -17.12
CA ASP A 81 -5.00 -1.55 -18.12
C ASP A 81 -3.64 -0.94 -17.78
N GLY A 82 -2.63 -1.80 -17.70
CA GLY A 82 -1.28 -1.34 -17.37
C GLY A 82 -0.76 -0.38 -18.43
N ASP A 83 -1.04 -0.68 -19.70
CA ASP A 83 -0.58 0.15 -20.80
C ASP A 83 -1.17 1.56 -20.71
N ALA A 84 -2.46 1.64 -20.41
CA ALA A 84 -3.11 2.94 -20.30
C ALA A 84 -2.49 3.77 -19.18
N TYR A 85 -2.20 3.12 -18.06
CA TYR A 85 -1.60 3.79 -16.91
C TYR A 85 -0.25 4.40 -17.27
N THR A 86 0.62 3.60 -17.89
CA THR A 86 1.95 4.09 -18.26
C THR A 86 1.86 5.15 -19.36
N GLU A 87 0.89 5.01 -20.25
CA GLU A 87 0.73 5.97 -21.33
C GLU A 87 0.36 7.36 -20.81
N ALA A 88 -0.52 7.38 -19.81
CA ALA A 88 -0.97 8.65 -19.24
C ALA A 88 0.16 9.45 -18.60
N TYR A 89 1.06 8.78 -17.89
CA TYR A 89 2.16 9.48 -17.23
C TYR A 89 3.47 9.38 -18.02
N GLY A 90 3.50 8.52 -19.02
CA GLY A 90 4.70 8.36 -19.84
C GLY A 90 5.81 7.67 -19.03
N VAL A 91 5.42 6.93 -18.00
CA VAL A 91 6.40 6.24 -17.17
C VAL A 91 6.20 4.73 -17.23
N ALA A 92 7.26 4.00 -17.55
CA ALA A 92 7.21 2.55 -17.64
C ALA A 92 6.86 1.93 -16.30
N VAL A 93 6.07 0.86 -16.32
CA VAL A 93 5.68 0.18 -15.10
C VAL A 93 5.93 -1.33 -15.23
N PRO A 94 6.16 -2.03 -14.14
CA PRO A 94 6.42 -3.51 -14.20
C PRO A 94 5.27 -4.27 -14.85
N THR A 95 5.62 -5.24 -15.69
CA THR A 95 4.60 -6.04 -16.37
C THR A 95 3.88 -6.96 -15.38
N ASN A 96 4.66 -7.58 -14.50
CA ASN A 96 4.10 -8.53 -13.52
C ASN A 96 3.12 -7.85 -12.55
N ILE A 97 3.48 -6.69 -12.05
CA ILE A 97 2.61 -5.99 -11.09
C ILE A 97 1.32 -5.53 -11.77
N ALA A 98 1.40 -5.22 -13.06
CA ALA A 98 0.22 -4.76 -13.79
C ALA A 98 -0.85 -5.84 -13.80
N ALA A 99 -0.43 -7.09 -13.99
CA ALA A 99 -1.37 -8.21 -14.02
C ALA A 99 -2.06 -8.36 -12.66
N ARG A 100 -1.28 -8.18 -11.59
CA ARG A 100 -1.82 -8.30 -10.24
C ARG A 100 -2.87 -7.23 -9.98
N ILE A 101 -2.61 -6.03 -10.47
CA ILE A 101 -3.55 -4.92 -10.27
C ILE A 101 -4.90 -5.23 -10.90
N GLN A 102 -4.88 -5.77 -12.11
CA GLN A 102 -6.12 -6.11 -12.80
C GLN A 102 -6.91 -7.15 -12.00
N ALA A 103 -6.20 -8.13 -11.44
CA ALA A 103 -6.83 -9.18 -10.66
C ALA A 103 -7.53 -8.58 -9.43
N GLN A 104 -6.87 -7.60 -8.82
CA GLN A 104 -7.43 -6.95 -7.63
C GLN A 104 -8.73 -6.24 -7.97
N ALA A 105 -8.79 -5.62 -9.15
CA ALA A 105 -9.98 -4.90 -9.55
C ALA A 105 -11.19 -5.82 -9.64
N ALA A 106 -10.97 -7.03 -10.15
CA ALA A 106 -12.05 -8.00 -10.28
C ALA A 106 -12.63 -8.38 -8.92
N GLU A 107 -11.75 -8.58 -7.94
CA GLU A 107 -12.18 -8.95 -6.58
C GLU A 107 -12.35 -7.72 -5.69
N LEU A 108 -12.10 -6.53 -6.24
CA LEU A 108 -12.22 -5.31 -5.46
C LEU A 108 -13.62 -5.15 -4.90
N ASN A 109 -13.71 -4.89 -3.60
CA ASN A 109 -14.99 -4.72 -2.94
C ASN A 109 -15.53 -3.31 -3.17
N ALA A 110 -16.80 -3.21 -3.52
CA ALA A 110 -17.42 -1.92 -3.76
C ALA A 110 -17.39 -1.07 -2.49
N GLY A 111 -17.23 0.24 -2.67
CA GLY A 111 -17.18 1.16 -1.53
C GLY A 111 -15.73 1.43 -1.10
N GLU A 112 -14.78 0.68 -1.65
CA GLU A 112 -13.38 0.87 -1.30
C GLU A 112 -12.57 1.18 -2.56
N TRP A 113 -11.72 2.21 -2.46
CA TRP A 113 -10.89 2.60 -3.60
C TRP A 113 -9.42 2.36 -3.30
N LEU A 114 -8.67 1.95 -4.32
CA LEU A 114 -7.25 1.70 -4.17
C LEU A 114 -6.45 2.88 -4.72
N LEU A 115 -5.42 3.29 -3.97
CA LEU A 115 -4.59 4.41 -4.39
C LEU A 115 -3.36 3.91 -5.14
N VAL A 116 -2.97 4.64 -6.19
CA VAL A 116 -1.83 4.23 -6.99
C VAL A 116 -0.67 5.23 -6.84
N GLU A 117 0.49 4.70 -6.45
CA GLU A 117 1.68 5.53 -6.27
C GLU A 117 2.87 4.94 -7.02
N HIS A 118 3.75 5.80 -7.51
CA HIS A 118 4.92 5.34 -8.25
C HIS A 118 6.04 6.38 -8.17
N GLU A 119 7.25 5.95 -8.52
CA GLU A 119 8.40 6.86 -8.48
C GLU A 119 9.13 6.84 -9.82
N ALA A 120 9.69 7.99 -10.19
CA ALA A 120 10.42 8.08 -11.45
C ALA A 120 11.92 8.18 -11.20
N MET A 2 10.56 9.60 -1.44
CA MET A 2 10.12 8.28 -0.91
C MET A 2 8.59 8.19 -1.01
N SER A 3 8.03 8.87 -1.99
CA SER A 3 6.58 8.85 -2.20
C SER A 3 6.10 7.44 -2.50
N THR A 4 6.84 6.74 -3.36
CA THR A 4 6.47 5.37 -3.72
C THR A 4 6.51 4.46 -2.50
N GLN A 5 7.55 4.59 -1.70
CA GLN A 5 7.69 3.77 -0.50
C GLN A 5 6.84 4.33 0.63
N TYR A 6 6.03 3.47 1.25
CA TYR A 6 5.17 3.89 2.35
C TYR A 6 6.00 4.05 3.62
N THR A 7 5.64 5.03 4.44
CA THR A 7 6.38 5.27 5.68
C THR A 7 6.02 4.23 6.73
N TYR A 8 6.92 4.03 7.68
CA TYR A 8 6.70 3.06 8.75
C TYR A 8 5.67 3.57 9.75
N GLN A 9 5.59 4.89 9.90
CA GLN A 9 4.66 5.49 10.83
C GLN A 9 3.22 5.14 10.48
N GLN A 10 2.91 5.18 9.19
CA GLN A 10 1.55 4.86 8.74
C GLN A 10 1.22 3.42 9.09
N ILE A 11 2.18 2.53 8.89
CA ILE A 11 1.97 1.12 9.20
C ILE A 11 1.78 0.92 10.71
N ALA A 12 2.64 1.57 11.48
CA ALA A 12 2.60 1.46 12.95
C ALA A 12 1.29 2.00 13.53
N GLU A 13 0.81 3.13 13.02
CA GLU A 13 -0.42 3.72 13.55
C GLU A 13 -1.64 2.90 13.15
N ASP A 14 -1.50 2.09 12.10
CA ASP A 14 -2.61 1.25 11.66
C ASP A 14 -2.33 -0.21 11.99
N PHE A 15 -3.18 -0.78 12.85
CA PHE A 15 -3.03 -2.17 13.25
C PHE A 15 -3.20 -3.13 12.07
N ARG A 16 -4.17 -2.83 11.22
CA ARG A 16 -4.43 -3.68 10.06
C ARG A 16 -3.22 -3.74 9.13
N LEU A 17 -2.66 -2.58 8.83
CA LEU A 17 -1.50 -2.52 7.95
C LEU A 17 -0.30 -3.24 8.56
N TRP A 18 -0.11 -3.08 9.86
CA TRP A 18 1.02 -3.71 10.53
C TRP A 18 0.96 -5.23 10.37
N SER A 19 -0.21 -5.80 10.62
CA SER A 19 -0.39 -7.24 10.50
C SER A 19 -0.14 -7.72 9.08
N GLU A 20 -0.61 -6.95 8.09
CA GLU A 20 -0.44 -7.33 6.70
C GLU A 20 1.04 -7.44 6.31
N TYR A 21 1.84 -6.46 6.72
CA TYR A 21 3.26 -6.47 6.40
C TYR A 21 3.99 -7.58 7.16
N VAL A 22 3.61 -7.77 8.43
CA VAL A 22 4.26 -8.80 9.24
C VAL A 22 4.00 -10.19 8.67
N ASP A 23 2.75 -10.46 8.32
CA ASP A 23 2.39 -11.75 7.75
C ASP A 23 0.96 -11.73 7.21
N THR A 24 0.70 -12.55 6.20
CA THR A 24 -0.63 -12.62 5.62
C THR A 24 -1.67 -13.09 6.64
N ALA A 25 -1.32 -14.14 7.37
CA ALA A 25 -2.22 -14.69 8.38
C ALA A 25 -1.76 -14.36 9.80
N GLY A 26 -0.80 -13.46 9.92
CA GLY A 26 -0.29 -13.09 11.24
C GLY A 26 -1.38 -12.48 12.11
N GLU A 27 -1.40 -12.84 13.39
CA GLU A 27 -2.39 -12.33 14.32
C GLU A 27 -1.74 -11.40 15.34
N MET A 28 -2.29 -10.19 15.46
CA MET A 28 -1.74 -9.22 16.41
C MET A 28 -2.87 -8.50 17.13
N SER A 29 -2.69 -8.30 18.44
CA SER A 29 -3.71 -7.62 19.24
C SER A 29 -3.21 -6.25 19.68
N LYS A 30 -4.14 -5.31 19.81
CA LYS A 30 -3.78 -3.95 20.22
C LYS A 30 -3.21 -3.95 21.63
N ASP A 31 -3.54 -4.96 22.42
CA ASP A 31 -3.05 -5.04 23.79
C ASP A 31 -1.53 -5.12 23.80
N GLU A 32 -0.97 -5.96 22.93
CA GLU A 32 0.48 -6.12 22.86
C GLU A 32 1.14 -4.81 22.42
N PHE A 33 0.50 -4.12 21.48
CA PHE A 33 1.03 -2.86 20.97
C PHE A 33 1.15 -1.83 22.09
N ASN A 34 0.09 -1.68 22.87
CA ASN A 34 0.08 -0.72 23.96
C ASN A 34 1.16 -1.04 24.99
N SER A 35 1.32 -2.32 25.31
CA SER A 35 2.31 -2.74 26.30
C SER A 35 3.72 -2.42 25.83
N LEU A 36 3.90 -2.27 24.51
CA LEU A 36 5.21 -1.97 23.96
C LEU A 36 5.27 -0.53 23.43
N SER A 37 6.44 0.10 23.57
CA SER A 37 6.60 1.47 23.09
C SER A 37 6.39 1.53 21.58
N THR A 38 5.76 2.60 21.12
CA THR A 38 5.49 2.76 19.69
C THR A 38 6.80 2.79 18.90
N GLU A 39 7.76 3.56 19.38
CA GLU A 39 9.05 3.67 18.69
C GLU A 39 9.73 2.31 18.64
N ASP A 40 9.73 1.60 19.76
CA ASP A 40 10.35 0.28 19.83
C ASP A 40 9.66 -0.69 18.88
N LYS A 41 8.33 -0.60 18.80
CA LYS A 41 7.57 -1.48 17.93
C LYS A 41 7.99 -1.30 16.48
N VAL A 42 8.15 -0.03 16.08
CA VAL A 42 8.56 0.28 14.72
C VAL A 42 9.96 -0.26 14.42
N ARG A 43 10.85 -0.16 15.40
CA ARG A 43 12.21 -0.63 15.24
C ARG A 43 12.27 -2.13 14.95
N LEU A 44 11.40 -2.90 15.59
CA LEU A 44 11.40 -4.34 15.39
C LEU A 44 11.10 -4.68 13.92
N GLN A 45 10.13 -4.00 13.34
CA GLN A 45 9.76 -4.25 11.94
C GLN A 45 10.91 -3.90 10.99
N VAL A 46 11.52 -2.74 11.19
CA VAL A 46 12.62 -2.30 10.35
C VAL A 46 13.82 -3.23 10.52
N GLU A 47 14.11 -3.55 11.78
CA GLU A 47 15.24 -4.42 12.11
C GLU A 47 15.06 -5.81 11.52
N ALA A 48 13.82 -6.31 11.56
CA ALA A 48 13.54 -7.64 11.03
C ALA A 48 13.88 -7.73 9.55
N PHE A 49 13.56 -6.68 8.80
CA PHE A 49 13.83 -6.67 7.37
C PHE A 49 15.09 -5.85 7.05
N GLY A 50 15.78 -5.38 8.08
CA GLY A 50 16.99 -4.60 7.87
C GLY A 50 16.69 -3.35 7.04
N GLU A 51 17.50 -3.13 6.00
CA GLU A 51 17.31 -1.98 5.12
C GLU A 51 16.78 -2.43 3.77
N GLU A 52 15.83 -1.68 3.23
CA GLU A 52 15.25 -2.01 1.93
C GLU A 52 16.20 -1.66 0.79
N LYS A 53 16.17 -2.47 -0.26
CA LYS A 53 17.03 -2.24 -1.42
C LYS A 53 16.34 -1.28 -2.39
N SER A 54 16.61 -1.42 -3.69
CA SER A 54 15.99 -0.52 -4.67
C SER A 54 14.46 -0.62 -4.58
N PRO A 55 13.75 0.42 -4.96
CA PRO A 55 12.25 0.44 -4.91
C PRO A 55 11.60 -0.47 -5.93
N LYS A 56 10.42 -0.99 -5.59
CA LYS A 56 9.67 -1.86 -6.47
C LYS A 56 8.22 -1.37 -6.56
N PHE A 57 7.52 -1.79 -7.62
CA PHE A 57 6.12 -1.37 -7.77
C PHE A 57 5.25 -2.08 -6.73
N SER A 58 4.61 -1.28 -5.88
CA SER A 58 3.75 -1.83 -4.84
C SER A 58 2.45 -1.04 -4.74
N THR A 59 1.44 -1.66 -4.13
CA THR A 59 0.14 -1.00 -3.97
C THR A 59 -0.28 -1.06 -2.51
N LYS A 60 -1.17 -0.15 -2.12
CA LYS A 60 -1.64 -0.11 -0.73
C LYS A 60 -3.05 0.48 -0.66
N VAL A 61 -3.85 -0.04 0.26
CA VAL A 61 -5.22 0.43 0.43
C VAL A 61 -5.27 1.67 1.31
N THR A 62 -5.95 2.71 0.84
CA THR A 62 -6.05 3.95 1.60
C THR A 62 -7.48 4.41 1.72
N THR A 63 -7.70 5.26 2.71
CA THR A 63 -8.99 5.84 2.94
C THR A 63 -9.08 7.13 2.15
N LYS A 64 -10.30 7.47 1.75
CA LYS A 64 -10.52 8.68 0.94
C LYS A 64 -9.72 9.86 1.51
N PRO A 65 -8.66 10.27 0.85
CA PRO A 65 -7.80 11.40 1.31
C PRO A 65 -8.45 12.75 1.06
N ASP A 66 -7.84 13.81 1.58
CA ASP A 66 -8.39 15.16 1.41
C ASP A 66 -8.06 15.70 0.02
N PHE A 67 -8.50 16.93 -0.24
CA PHE A 67 -8.27 17.55 -1.54
C PHE A 67 -6.79 17.83 -1.77
N ASP A 68 -6.37 17.73 -3.03
CA ASP A 68 -4.97 17.99 -3.39
C ASP A 68 -4.04 17.07 -2.61
N GLY A 69 -4.11 15.78 -2.89
CA GLY A 69 -3.25 14.81 -2.21
C GLY A 69 -1.93 14.61 -2.96
N PHE A 70 -1.79 15.26 -4.11
CA PHE A 70 -0.57 15.15 -4.91
C PHE A 70 -0.28 13.70 -5.28
N GLN A 71 -1.30 12.85 -5.20
CA GLN A 71 -1.13 11.44 -5.54
C GLN A 71 -2.31 10.93 -6.36
N PHE A 72 -2.04 9.95 -7.21
CA PHE A 72 -3.09 9.37 -8.05
C PHE A 72 -3.76 8.22 -7.31
N TYR A 73 -5.09 8.25 -7.24
CA TYR A 73 -5.83 7.21 -6.53
C TYR A 73 -6.75 6.45 -7.48
N ILE A 74 -7.01 5.19 -7.14
CA ILE A 74 -7.86 4.33 -7.96
C ILE A 74 -9.29 4.31 -7.41
N GLU A 75 -10.25 4.63 -8.27
CA GLU A 75 -11.65 4.65 -7.87
C GLU A 75 -12.15 3.22 -7.65
N ALA A 76 -12.85 3.03 -6.54
CA ALA A 76 -13.40 1.71 -6.21
C ALA A 76 -14.71 1.45 -6.95
N GLY A 77 -15.06 0.18 -7.12
CA GLY A 77 -16.31 -0.18 -7.80
C GLY A 77 -16.16 -0.14 -9.32
N ARG A 78 -14.93 -0.18 -9.80
CA ARG A 78 -14.68 -0.15 -11.24
C ARG A 78 -13.41 -0.92 -11.59
N ASP A 79 -13.22 -1.21 -12.88
CA ASP A 79 -12.06 -1.96 -13.32
C ASP A 79 -10.87 -1.03 -13.55
N PHE A 80 -9.69 -1.61 -13.72
CA PHE A 80 -8.48 -0.81 -13.94
C PHE A 80 -8.03 -0.89 -15.39
N ASP A 81 -7.96 0.25 -16.05
CA ASP A 81 -7.53 0.30 -17.44
C ASP A 81 -6.03 0.52 -17.53
N GLY A 82 -5.29 -0.54 -17.85
CA GLY A 82 -3.84 -0.44 -17.96
C GLY A 82 -3.45 0.56 -19.05
N ASP A 83 -4.19 0.55 -20.15
CA ASP A 83 -3.91 1.45 -21.25
C ASP A 83 -4.03 2.90 -20.81
N ALA A 84 -5.09 3.21 -20.06
CA ALA A 84 -5.29 4.57 -19.57
C ALA A 84 -4.13 4.98 -18.67
N TYR A 85 -3.71 4.06 -17.81
CA TYR A 85 -2.61 4.32 -16.90
C TYR A 85 -1.34 4.63 -17.69
N THR A 86 -1.06 3.79 -18.69
CA THR A 86 0.13 3.97 -19.52
C THR A 86 0.09 5.30 -20.25
N GLU A 87 -1.05 5.63 -20.84
CA GLU A 87 -1.20 6.88 -21.56
C GLU A 87 -1.07 8.09 -20.64
N ALA A 88 -1.66 7.98 -19.45
CA ALA A 88 -1.64 9.09 -18.49
C ALA A 88 -0.22 9.47 -18.06
N TYR A 89 0.63 8.48 -17.83
CA TYR A 89 2.00 8.78 -17.39
C TYR A 89 3.02 8.59 -18.52
N GLY A 90 2.58 8.06 -19.64
CA GLY A 90 3.47 7.85 -20.78
C GLY A 90 4.45 6.71 -20.52
N VAL A 91 4.14 5.86 -19.54
CA VAL A 91 5.00 4.74 -19.20
C VAL A 91 4.26 3.41 -19.36
N ALA A 92 4.84 2.51 -20.16
CA ALA A 92 4.22 1.21 -20.39
C ALA A 92 4.33 0.33 -19.14
N VAL A 93 3.34 -0.53 -18.95
CA VAL A 93 3.33 -1.42 -17.80
C VAL A 93 3.09 -2.87 -18.24
N PRO A 94 3.59 -3.85 -17.52
CA PRO A 94 3.39 -5.29 -17.88
C PRO A 94 1.91 -5.67 -17.96
N THR A 95 1.57 -6.49 -18.93
CA THR A 95 0.18 -6.92 -19.09
C THR A 95 -0.20 -7.90 -17.98
N ASN A 96 0.75 -8.74 -17.57
CA ASN A 96 0.49 -9.75 -16.54
C ASN A 96 0.14 -9.11 -15.20
N ILE A 97 0.91 -8.11 -14.78
CA ILE A 97 0.66 -7.45 -13.50
C ILE A 97 -0.62 -6.62 -13.56
N ALA A 98 -0.94 -6.12 -14.74
CA ALA A 98 -2.15 -5.31 -14.91
C ALA A 98 -3.38 -6.14 -14.58
N ALA A 99 -3.38 -7.40 -14.98
CA ALA A 99 -4.50 -8.29 -14.70
C ALA A 99 -4.70 -8.45 -13.20
N ARG A 100 -3.58 -8.57 -12.48
CA ARG A 100 -3.62 -8.72 -11.04
C ARG A 100 -4.30 -7.51 -10.39
N ILE A 101 -3.95 -6.32 -10.88
CA ILE A 101 -4.52 -5.09 -10.34
C ILE A 101 -6.03 -5.08 -10.54
N GLN A 102 -6.48 -5.48 -11.73
CA GLN A 102 -7.90 -5.51 -12.03
C GLN A 102 -8.62 -6.48 -11.10
N ALA A 103 -8.00 -7.62 -10.82
CA ALA A 103 -8.61 -8.60 -9.95
C ALA A 103 -8.88 -8.01 -8.58
N GLN A 104 -7.92 -7.24 -8.07
CA GLN A 104 -8.08 -6.59 -6.78
C GLN A 104 -9.23 -5.59 -6.84
N ALA A 105 -9.29 -4.86 -7.95
CA ALA A 105 -10.34 -3.86 -8.14
C ALA A 105 -11.72 -4.50 -8.13
N ALA A 106 -11.84 -5.66 -8.78
CA ALA A 106 -13.10 -6.37 -8.85
C ALA A 106 -13.57 -6.81 -7.46
N GLU A 107 -12.64 -7.26 -6.63
CA GLU A 107 -12.99 -7.70 -5.28
C GLU A 107 -12.76 -6.58 -4.25
N LEU A 108 -12.41 -5.40 -4.73
CA LEU A 108 -12.16 -4.28 -3.83
C LEU A 108 -13.43 -3.90 -3.08
N ASN A 109 -13.30 -3.74 -1.76
CA ASN A 109 -14.44 -3.38 -0.92
C ASN A 109 -14.70 -1.88 -0.98
N ALA A 110 -15.98 -1.52 -1.14
CA ALA A 110 -16.36 -0.12 -1.20
C ALA A 110 -15.90 0.63 0.04
N GLY A 111 -15.59 1.91 -0.12
CA GLY A 111 -15.13 2.73 1.01
C GLY A 111 -13.60 2.75 1.08
N GLU A 112 -12.95 1.92 0.27
CA GLU A 112 -11.49 1.88 0.26
C GLU A 112 -10.96 2.11 -1.15
N TRP A 113 -9.87 2.87 -1.24
CA TRP A 113 -9.27 3.18 -2.54
C TRP A 113 -7.90 2.52 -2.67
N LEU A 114 -7.59 2.03 -3.86
CA LEU A 114 -6.31 1.39 -4.10
C LEU A 114 -5.30 2.43 -4.61
N LEU A 115 -4.16 2.52 -3.93
CA LEU A 115 -3.14 3.49 -4.30
C LEU A 115 -2.07 2.84 -5.18
N VAL A 116 -1.80 3.45 -6.32
CA VAL A 116 -0.79 2.94 -7.24
C VAL A 116 0.40 3.88 -7.31
N GLU A 117 1.59 3.32 -7.09
CA GLU A 117 2.82 4.12 -7.12
C GLU A 117 3.75 3.63 -8.23
N HIS A 118 4.56 4.53 -8.76
CA HIS A 118 5.48 4.17 -9.82
C HIS A 118 6.67 5.13 -9.86
N GLU A 119 7.70 4.75 -10.61
CA GLU A 119 8.89 5.58 -10.72
C GLU A 119 9.49 5.49 -12.12
N ALA A 120 10.29 6.49 -12.49
CA ALA A 120 10.92 6.50 -13.81
C ALA A 120 12.24 7.25 -13.76
N MET A 2 8.19 14.79 1.91
CA MET A 2 9.34 14.74 0.96
C MET A 2 9.17 13.53 0.04
N SER A 3 8.61 12.46 0.58
CA SER A 3 8.40 11.24 -0.21
C SER A 3 6.93 10.90 -0.28
N THR A 4 6.44 10.65 -1.49
CA THR A 4 5.04 10.31 -1.70
C THR A 4 4.71 8.96 -1.05
N GLN A 5 5.71 8.09 -0.99
CA GLN A 5 5.53 6.77 -0.41
C GLN A 5 5.42 6.87 1.12
N TYR A 6 4.66 5.96 1.71
CA TYR A 6 4.49 5.96 3.16
C TYR A 6 5.73 5.42 3.85
N THR A 7 6.12 6.06 4.94
CA THR A 7 7.30 5.64 5.69
C THR A 7 6.98 4.48 6.64
N TYR A 8 8.02 3.86 7.17
CA TYR A 8 7.85 2.75 8.09
C TYR A 8 7.14 3.20 9.36
N GLN A 9 7.45 4.42 9.80
CA GLN A 9 6.84 4.96 11.01
C GLN A 9 5.32 5.06 10.87
N GLN A 10 4.86 5.49 9.70
CA GLN A 10 3.42 5.61 9.47
C GLN A 10 2.76 4.23 9.58
N ILE A 11 3.42 3.22 9.03
CA ILE A 11 2.88 1.87 9.07
C ILE A 11 2.81 1.37 10.52
N ALA A 12 3.89 1.60 11.27
CA ALA A 12 3.97 1.16 12.65
C ALA A 12 2.90 1.82 13.53
N GLU A 13 2.69 3.11 13.36
CA GLU A 13 1.69 3.81 14.16
C GLU A 13 0.28 3.41 13.77
N ASP A 14 0.13 2.90 12.54
CA ASP A 14 -1.19 2.47 12.07
C ASP A 14 -1.31 0.96 12.20
N PHE A 15 -2.10 0.52 13.18
CA PHE A 15 -2.30 -0.90 13.43
C PHE A 15 -2.97 -1.59 12.23
N ARG A 16 -3.93 -0.91 11.62
CA ARG A 16 -4.65 -1.47 10.49
C ARG A 16 -3.69 -1.78 9.34
N LEU A 17 -2.82 -0.83 9.01
CA LEU A 17 -1.86 -1.02 7.93
C LEU A 17 -0.88 -2.15 8.27
N TRP A 18 -0.47 -2.22 9.53
CA TRP A 18 0.47 -3.25 9.96
C TRP A 18 -0.08 -4.65 9.69
N SER A 19 -1.33 -4.86 10.08
CA SER A 19 -1.98 -6.15 9.88
C SER A 19 -2.06 -6.51 8.41
N GLU A 20 -2.41 -5.54 7.57
CA GLU A 20 -2.54 -5.78 6.14
C GLU A 20 -1.22 -6.21 5.51
N TYR A 21 -0.14 -5.53 5.86
CA TYR A 21 1.17 -5.88 5.29
C TYR A 21 1.69 -7.21 5.81
N VAL A 22 1.55 -7.43 7.12
CA VAL A 22 2.02 -8.68 7.70
C VAL A 22 1.23 -9.86 7.16
N ASP A 23 -0.09 -9.72 7.15
CA ASP A 23 -0.96 -10.78 6.64
C ASP A 23 -2.40 -10.31 6.63
N THR A 24 -3.04 -10.38 5.46
CA THR A 24 -4.43 -9.95 5.34
C THR A 24 -5.33 -10.82 6.23
N ALA A 25 -5.14 -12.13 6.15
CA ALA A 25 -5.93 -13.06 6.95
C ALA A 25 -5.47 -13.07 8.40
N GLY A 26 -4.20 -12.71 8.62
CA GLY A 26 -3.65 -12.72 9.97
C GLY A 26 -3.84 -11.36 10.66
N GLU A 27 -4.52 -11.38 11.79
CA GLU A 27 -4.76 -10.15 12.56
C GLU A 27 -3.98 -10.18 13.87
N MET A 28 -3.21 -9.12 14.13
CA MET A 28 -2.44 -9.05 15.37
C MET A 28 -3.02 -7.99 16.30
N SER A 29 -3.32 -8.39 17.52
CA SER A 29 -3.90 -7.46 18.50
C SER A 29 -2.88 -6.43 18.96
N LYS A 30 -3.38 -5.32 19.50
CA LYS A 30 -2.52 -4.25 19.99
C LYS A 30 -1.69 -4.72 21.19
N ASP A 31 -2.12 -5.81 21.83
CA ASP A 31 -1.41 -6.32 22.98
C ASP A 31 0.03 -6.68 22.63
N GLU A 32 0.21 -7.26 21.45
CA GLU A 32 1.55 -7.64 21.01
C GLU A 32 2.44 -6.40 20.89
N PHE A 33 1.85 -5.31 20.39
CA PHE A 33 2.58 -4.07 20.23
C PHE A 33 3.12 -3.57 21.57
N ASN A 34 2.26 -3.55 22.58
CA ASN A 34 2.66 -3.08 23.90
C ASN A 34 3.80 -3.93 24.47
N SER A 35 3.72 -5.24 24.27
CA SER A 35 4.74 -6.15 24.79
C SER A 35 6.11 -5.84 24.21
N LEU A 36 6.16 -5.51 22.92
CA LEU A 36 7.44 -5.22 22.26
C LEU A 36 7.66 -3.71 22.18
N SER A 37 8.93 -3.30 22.23
CA SER A 37 9.27 -1.88 22.15
C SER A 37 8.83 -1.32 20.80
N THR A 38 8.46 -0.04 20.79
CA THR A 38 8.00 0.60 19.56
C THR A 38 9.10 0.59 18.50
N GLU A 39 10.32 0.94 18.90
CA GLU A 39 11.44 0.96 17.97
C GLU A 39 11.76 -0.45 17.48
N ASP A 40 11.50 -1.44 18.32
CA ASP A 40 11.76 -2.83 17.96
C ASP A 40 10.90 -3.26 16.79
N LYS A 41 9.63 -2.86 16.83
CA LYS A 41 8.70 -3.22 15.75
C LYS A 41 9.17 -2.67 14.41
N VAL A 42 9.63 -1.42 14.40
CA VAL A 42 10.10 -0.82 13.16
C VAL A 42 11.27 -1.60 12.60
N ARG A 43 12.23 -1.94 13.46
CA ARG A 43 13.39 -2.70 13.03
C ARG A 43 12.95 -4.06 12.49
N LEU A 44 12.01 -4.68 13.18
CA LEU A 44 11.50 -5.98 12.78
C LEU A 44 10.85 -5.90 11.40
N GLN A 45 10.05 -4.85 11.20
CA GLN A 45 9.36 -4.66 9.92
C GLN A 45 10.37 -4.49 8.80
N VAL A 46 11.42 -3.72 9.06
CA VAL A 46 12.45 -3.48 8.06
C VAL A 46 13.12 -4.78 7.65
N GLU A 47 13.45 -5.60 8.64
CA GLU A 47 14.12 -6.88 8.38
C GLU A 47 13.22 -7.80 7.56
N ALA A 48 11.92 -7.83 7.87
CA ALA A 48 11.00 -8.69 7.14
C ALA A 48 10.94 -8.34 5.67
N PHE A 49 10.88 -7.05 5.36
CA PHE A 49 10.84 -6.62 3.96
C PHE A 49 12.23 -6.58 3.35
N GLY A 50 13.24 -6.42 4.22
CA GLY A 50 14.62 -6.37 3.76
C GLY A 50 14.95 -4.99 3.19
N GLU A 51 16.16 -4.85 2.66
CA GLU A 51 16.59 -3.59 2.07
C GLU A 51 15.82 -3.32 0.79
N GLU A 52 15.93 -2.10 0.28
CA GLU A 52 15.21 -1.71 -0.94
C GLU A 52 15.82 -2.36 -2.17
N LYS A 53 15.01 -3.18 -2.85
CA LYS A 53 15.44 -3.85 -4.08
C LYS A 53 14.29 -3.89 -5.09
N SER A 54 13.33 -2.98 -4.91
CA SER A 54 12.17 -2.92 -5.80
C SER A 54 11.98 -1.49 -6.30
N PRO A 55 11.32 -1.30 -7.41
CA PRO A 55 11.07 0.06 -7.98
C PRO A 55 10.14 0.88 -7.08
N LYS A 56 10.26 2.21 -7.16
CA LYS A 56 9.44 3.08 -6.34
C LYS A 56 7.96 2.86 -6.62
N PHE A 57 7.34 2.01 -5.81
CA PHE A 57 5.92 1.72 -5.96
C PHE A 57 5.30 1.45 -4.59
N SER A 58 4.33 2.27 -4.21
CA SER A 58 3.67 2.10 -2.91
C SER A 58 2.15 2.19 -3.06
N THR A 59 1.44 1.43 -2.22
CA THR A 59 -0.01 1.42 -2.25
C THR A 59 -0.58 1.55 -0.85
N LYS A 60 -1.81 2.04 -0.74
CA LYS A 60 -2.45 2.19 0.56
C LYS A 60 -3.96 2.38 0.40
N VAL A 61 -4.72 1.83 1.33
CA VAL A 61 -6.18 1.95 1.27
C VAL A 61 -6.63 3.27 1.90
N THR A 62 -7.42 4.03 1.15
CA THR A 62 -7.91 5.32 1.64
C THR A 62 -9.40 5.45 1.46
N THR A 63 -9.96 6.37 2.22
CA THR A 63 -11.38 6.64 2.13
C THR A 63 -11.58 7.72 1.09
N LYS A 64 -12.74 7.71 0.47
CA LYS A 64 -13.06 8.69 -0.58
C LYS A 64 -12.62 10.10 -0.16
N PRO A 65 -11.53 10.61 -0.72
CA PRO A 65 -11.02 11.96 -0.36
C PRO A 65 -11.81 13.09 -1.04
N ASP A 66 -11.40 14.32 -0.77
CA ASP A 66 -12.06 15.48 -1.36
C ASP A 66 -11.61 15.65 -2.81
N PHE A 67 -12.11 16.67 -3.48
CA PHE A 67 -11.75 16.90 -4.88
C PHE A 67 -10.23 16.86 -5.03
N ASP A 68 -9.77 16.15 -6.06
CA ASP A 68 -8.34 16.02 -6.30
C ASP A 68 -7.94 16.71 -7.60
N GLY A 69 -6.64 17.00 -7.71
CA GLY A 69 -6.12 17.67 -8.89
C GLY A 69 -5.38 16.69 -9.80
N PHE A 70 -4.11 16.44 -9.50
CA PHE A 70 -3.31 15.52 -10.30
C PHE A 70 -3.16 14.15 -9.63
N GLN A 71 -3.83 13.95 -8.50
CA GLN A 71 -3.74 12.67 -7.81
C GLN A 71 -4.58 11.62 -8.52
N PHE A 72 -4.14 10.36 -8.42
CA PHE A 72 -4.87 9.26 -9.08
C PHE A 72 -5.49 8.32 -8.04
N TYR A 73 -6.78 8.06 -8.20
CA TYR A 73 -7.49 7.17 -7.29
C TYR A 73 -8.23 6.08 -8.08
N ILE A 74 -8.37 4.91 -7.46
CA ILE A 74 -9.05 3.81 -8.12
C ILE A 74 -10.41 3.53 -7.46
N GLU A 75 -11.46 3.59 -8.26
CA GLU A 75 -12.80 3.35 -7.75
C GLU A 75 -12.95 1.91 -7.25
N ALA A 76 -13.56 1.76 -6.08
CA ALA A 76 -13.75 0.42 -5.50
C ALA A 76 -14.63 -0.43 -6.40
N GLY A 77 -14.30 -1.71 -6.51
CA GLY A 77 -15.08 -2.62 -7.32
C GLY A 77 -14.77 -2.46 -8.81
N ARG A 78 -13.67 -1.78 -9.11
CA ARG A 78 -13.28 -1.55 -10.50
C ARG A 78 -11.96 -2.26 -10.80
N ASP A 79 -11.95 -3.08 -11.85
CA ASP A 79 -10.75 -3.81 -12.22
C ASP A 79 -9.61 -2.84 -12.55
N PHE A 80 -8.40 -3.21 -12.16
CA PHE A 80 -7.24 -2.36 -12.41
C PHE A 80 -6.43 -2.92 -13.58
N ASP A 81 -6.30 -2.13 -14.65
CA ASP A 81 -5.55 -2.57 -15.82
C ASP A 81 -4.14 -1.99 -15.83
N GLY A 82 -3.16 -2.85 -16.01
CA GLY A 82 -1.76 -2.43 -16.05
C GLY A 82 -1.51 -1.49 -17.22
N ASP A 83 -2.14 -1.80 -18.36
CA ASP A 83 -1.97 -0.97 -19.56
C ASP A 83 -2.42 0.45 -19.30
N ALA A 84 -3.56 0.60 -18.65
CA ALA A 84 -4.08 1.94 -18.35
C ALA A 84 -3.09 2.68 -17.45
N TYR A 85 -2.52 1.96 -16.50
CA TYR A 85 -1.56 2.54 -15.58
C TYR A 85 -0.35 3.08 -16.34
N THR A 86 0.18 2.26 -17.25
CA THR A 86 1.34 2.65 -18.03
C THR A 86 1.05 3.90 -18.85
N GLU A 87 -0.10 3.91 -19.52
CA GLU A 87 -0.47 5.05 -20.35
C GLU A 87 -0.69 6.31 -19.50
N ALA A 88 -1.29 6.13 -18.33
CA ALA A 88 -1.58 7.26 -17.45
C ALA A 88 -0.32 7.99 -16.99
N TYR A 89 0.74 7.24 -16.66
CA TYR A 89 1.97 7.87 -16.19
C TYR A 89 3.06 7.88 -17.25
N GLY A 90 2.82 7.18 -18.36
CA GLY A 90 3.80 7.11 -19.44
C GLY A 90 5.00 6.25 -19.05
N VAL A 91 4.83 5.44 -18.00
CA VAL A 91 5.90 4.56 -17.55
C VAL A 91 5.44 3.11 -17.53
N ALA A 92 6.23 2.24 -18.16
CA ALA A 92 5.89 0.82 -18.21
C ALA A 92 5.94 0.21 -16.81
N VAL A 93 5.05 -0.76 -16.57
CA VAL A 93 5.00 -1.43 -15.27
C VAL A 93 5.07 -2.95 -15.46
N PRO A 94 5.72 -3.68 -14.59
CA PRO A 94 5.83 -5.17 -14.72
C PRO A 94 4.46 -5.84 -14.75
N THR A 95 4.32 -6.86 -15.59
CA THR A 95 3.07 -7.59 -15.73
C THR A 95 2.71 -8.30 -14.43
N ASN A 96 3.70 -8.92 -13.79
CA ASN A 96 3.45 -9.64 -12.55
C ASN A 96 2.99 -8.71 -11.44
N ILE A 97 3.27 -7.42 -11.57
CA ILE A 97 2.87 -6.45 -10.56
C ILE A 97 1.47 -5.92 -10.86
N ALA A 98 1.14 -5.77 -12.14
CA ALA A 98 -0.18 -5.27 -12.50
C ALA A 98 -1.25 -6.21 -11.96
N ALA A 99 -0.97 -7.51 -12.04
CA ALA A 99 -1.91 -8.51 -11.55
C ALA A 99 -2.10 -8.37 -10.04
N ARG A 100 -1.02 -8.06 -9.33
CA ARG A 100 -1.08 -7.90 -7.88
C ARG A 100 -2.05 -6.79 -7.48
N ILE A 101 -1.93 -5.64 -8.14
CA ILE A 101 -2.81 -4.52 -7.83
C ILE A 101 -4.27 -4.88 -8.12
N GLN A 102 -4.50 -5.53 -9.27
CA GLN A 102 -5.85 -5.92 -9.64
C GLN A 102 -6.43 -6.88 -8.61
N ALA A 103 -5.60 -7.83 -8.18
CA ALA A 103 -6.03 -8.81 -7.18
C ALA A 103 -6.38 -8.10 -5.88
N GLN A 104 -5.59 -7.10 -5.53
CA GLN A 104 -5.80 -6.34 -4.31
C GLN A 104 -7.16 -5.64 -4.34
N ALA A 105 -7.52 -5.12 -5.50
CA ALA A 105 -8.80 -4.41 -5.65
C ALA A 105 -9.95 -5.34 -5.30
N ALA A 106 -9.84 -6.61 -5.70
CA ALA A 106 -10.88 -7.59 -5.42
C ALA A 106 -11.06 -7.75 -3.91
N GLU A 107 -9.93 -7.74 -3.19
CA GLU A 107 -9.97 -7.88 -1.73
C GLU A 107 -10.54 -6.61 -1.11
N LEU A 108 -10.26 -5.49 -1.76
CA LEU A 108 -10.72 -4.20 -1.29
C LEU A 108 -12.25 -4.17 -1.21
N ASN A 109 -12.75 -3.77 -0.04
CA ASN A 109 -14.19 -3.70 0.18
C ASN A 109 -14.76 -2.40 -0.39
N ALA A 110 -16.05 -2.42 -0.71
CA ALA A 110 -16.69 -1.23 -1.26
C ALA A 110 -16.59 -0.07 -0.29
N GLY A 111 -16.49 1.14 -0.83
CA GLY A 111 -16.37 2.34 0.00
C GLY A 111 -14.91 2.72 0.25
N GLU A 112 -13.98 1.84 -0.17
CA GLU A 112 -12.57 2.12 0.01
C GLU A 112 -11.87 2.20 -1.34
N TRP A 113 -10.98 3.18 -1.49
CA TRP A 113 -10.27 3.36 -2.74
C TRP A 113 -8.78 3.07 -2.56
N LEU A 114 -8.19 2.45 -3.58
CA LEU A 114 -6.77 2.11 -3.53
C LEU A 114 -5.94 3.25 -4.12
N LEU A 115 -4.98 3.75 -3.35
CA LEU A 115 -4.13 4.84 -3.81
C LEU A 115 -2.79 4.32 -4.31
N VAL A 116 -2.47 4.65 -5.56
CA VAL A 116 -1.21 4.23 -6.16
C VAL A 116 -0.36 5.45 -6.53
N GLU A 117 0.88 5.47 -6.06
CA GLU A 117 1.76 6.59 -6.35
C GLU A 117 3.07 6.11 -6.98
N HIS A 118 3.60 6.89 -7.90
CA HIS A 118 4.84 6.54 -8.59
C HIS A 118 5.58 7.79 -9.04
N GLU A 119 6.89 7.81 -8.84
CA GLU A 119 7.70 8.96 -9.23
C GLU A 119 8.91 8.51 -10.05
N ALA A 120 9.32 9.34 -11.00
CA ALA A 120 10.46 9.01 -11.85
C ALA A 120 11.69 9.81 -11.42
N MET A 2 1.39 15.95 2.59
CA MET A 2 2.41 15.26 3.42
C MET A 2 1.74 14.17 4.25
N SER A 3 0.73 14.56 5.03
CA SER A 3 0.02 13.61 5.87
C SER A 3 -0.69 12.57 5.01
N THR A 4 -1.00 12.93 3.76
CA THR A 4 -1.68 12.03 2.85
C THR A 4 -0.81 10.80 2.55
N GLN A 5 0.51 10.99 2.61
CA GLN A 5 1.44 9.91 2.35
C GLN A 5 1.46 8.94 3.52
N TYR A 6 1.74 7.67 3.23
CA TYR A 6 1.78 6.65 4.28
C TYR A 6 3.21 6.18 4.51
N THR A 7 3.60 6.09 5.77
CA THR A 7 4.95 5.65 6.13
C THR A 7 4.89 4.63 7.27
N TYR A 8 6.05 4.17 7.70
CA TYR A 8 6.12 3.19 8.76
C TYR A 8 5.66 3.79 10.09
N GLN A 9 5.82 5.09 10.25
CA GLN A 9 5.43 5.77 11.49
C GLN A 9 3.95 5.59 11.78
N GLN A 10 3.10 5.74 10.78
CA GLN A 10 1.65 5.59 10.98
C GLN A 10 1.33 4.16 11.39
N ILE A 11 1.98 3.20 10.75
CA ILE A 11 1.75 1.79 11.06
C ILE A 11 2.19 1.48 12.49
N ALA A 12 3.37 1.98 12.87
CA ALA A 12 3.91 1.74 14.20
C ALA A 12 3.01 2.31 15.29
N GLU A 13 2.51 3.53 15.10
CA GLU A 13 1.66 4.15 16.11
C GLU A 13 0.29 3.47 16.14
N ASP A 14 -0.10 2.85 15.03
CA ASP A 14 -1.38 2.16 14.96
C ASP A 14 -1.16 0.65 15.02
N PHE A 15 -1.32 0.09 16.20
CA PHE A 15 -1.12 -1.35 16.41
C PHE A 15 -2.12 -2.18 15.62
N ARG A 16 -3.37 -1.71 15.55
CA ARG A 16 -4.40 -2.45 14.82
C ARG A 16 -4.02 -2.56 13.35
N LEU A 17 -3.49 -1.47 12.80
CA LEU A 17 -3.07 -1.45 11.41
C LEU A 17 -1.83 -2.32 11.21
N TRP A 18 -0.92 -2.24 12.17
CA TRP A 18 0.32 -3.02 12.10
C TRP A 18 0.00 -4.52 12.09
N SER A 19 -0.89 -4.93 12.97
CA SER A 19 -1.28 -6.34 13.06
C SER A 19 -1.92 -6.80 11.75
N GLU A 20 -2.75 -5.94 11.16
CA GLU A 20 -3.43 -6.29 9.92
C GLU A 20 -2.45 -6.56 8.79
N TYR A 21 -1.44 -5.71 8.64
CA TYR A 21 -0.46 -5.89 7.57
C TYR A 21 0.43 -7.09 7.84
N VAL A 22 0.86 -7.25 9.08
CA VAL A 22 1.72 -8.36 9.44
C VAL A 22 1.00 -9.69 9.27
N ASP A 23 -0.22 -9.76 9.77
CA ASP A 23 -1.02 -10.99 9.67
C ASP A 23 -2.45 -10.71 10.13
N THR A 24 -3.42 -11.00 9.27
CA THR A 24 -4.81 -10.77 9.62
C THR A 24 -5.20 -11.61 10.84
N ALA A 25 -4.83 -12.88 10.81
CA ALA A 25 -5.13 -13.79 11.91
C ALA A 25 -4.22 -13.54 13.11
N GLY A 26 -3.04 -12.98 12.84
CA GLY A 26 -2.08 -12.71 13.91
C GLY A 26 -2.54 -11.56 14.80
N GLU A 27 -2.48 -11.76 16.10
CA GLU A 27 -2.87 -10.73 17.06
C GLU A 27 -1.66 -10.21 17.82
N MET A 28 -1.51 -8.88 17.87
CA MET A 28 -0.40 -8.26 18.58
C MET A 28 -0.92 -7.49 19.80
N SER A 29 -0.32 -7.76 20.96
CA SER A 29 -0.74 -7.09 22.19
C SER A 29 0.13 -5.87 22.47
N LYS A 30 -0.46 -4.86 23.10
CA LYS A 30 0.26 -3.64 23.44
C LYS A 30 1.36 -3.92 24.47
N ASP A 31 1.24 -5.03 25.19
CA ASP A 31 2.22 -5.38 26.20
C ASP A 31 3.60 -5.52 25.57
N GLU A 32 3.67 -6.18 24.42
CA GLU A 32 4.94 -6.37 23.73
C GLU A 32 5.52 -5.02 23.35
N PHE A 33 4.66 -4.11 22.90
CA PHE A 33 5.10 -2.78 22.50
C PHE A 33 5.80 -2.05 23.63
N ASN A 34 5.19 -2.05 24.81
CA ASN A 34 5.77 -1.37 25.96
C ASN A 34 7.13 -1.97 26.32
N SER A 35 7.24 -3.29 26.23
CA SER A 35 8.47 -3.98 26.57
C SER A 35 9.62 -3.55 25.66
N LEU A 36 9.36 -3.44 24.36
CA LEU A 36 10.40 -3.05 23.41
C LEU A 36 10.33 -1.57 23.08
N SER A 37 11.49 -0.97 22.82
CA SER A 37 11.56 0.45 22.48
C SER A 37 10.83 0.72 21.17
N THR A 38 10.29 1.93 21.02
CA THR A 38 9.57 2.28 19.82
C THR A 38 10.45 2.17 18.59
N GLU A 39 11.68 2.64 18.70
CA GLU A 39 12.62 2.57 17.58
C GLU A 39 13.06 1.13 17.31
N ASP A 40 13.03 0.31 18.36
CA ASP A 40 13.45 -1.09 18.25
C ASP A 40 12.56 -1.90 17.29
N LYS A 41 11.24 -1.81 17.43
CA LYS A 41 10.35 -2.57 16.57
C LYS A 41 10.48 -2.14 15.11
N VAL A 42 10.93 -0.91 14.89
CA VAL A 42 11.08 -0.41 13.52
C VAL A 42 12.08 -1.26 12.75
N ARG A 43 13.21 -1.57 13.40
CA ARG A 43 14.24 -2.38 12.77
C ARG A 43 13.69 -3.76 12.40
N LEU A 44 12.97 -4.36 13.33
CA LEU A 44 12.39 -5.68 13.09
C LEU A 44 11.37 -5.61 11.96
N GLN A 45 10.59 -4.53 11.96
CA GLN A 45 9.54 -4.34 10.97
C GLN A 45 10.13 -4.23 9.55
N VAL A 46 11.22 -3.51 9.39
CA VAL A 46 11.83 -3.35 8.07
C VAL A 46 12.51 -4.65 7.63
N GLU A 47 13.04 -5.40 8.58
CA GLU A 47 13.71 -6.67 8.26
C GLU A 47 12.72 -7.67 7.67
N ALA A 48 11.50 -7.68 8.21
CA ALA A 48 10.48 -8.62 7.74
C ALA A 48 10.16 -8.39 6.27
N PHE A 49 10.10 -7.13 5.86
CA PHE A 49 9.80 -6.81 4.46
C PHE A 49 11.08 -6.50 3.68
N GLY A 50 12.24 -6.54 4.36
CA GLY A 50 13.50 -6.26 3.70
C GLY A 50 13.71 -4.76 3.53
N GLU A 51 14.86 -4.39 2.98
CA GLU A 51 15.18 -2.98 2.76
C GLU A 51 14.70 -2.54 1.38
N GLU A 52 14.62 -1.23 1.17
CA GLU A 52 14.17 -0.72 -0.11
C GLU A 52 15.36 -0.46 -1.04
N LYS A 53 15.74 -1.49 -1.80
CA LYS A 53 16.84 -1.37 -2.73
C LYS A 53 16.34 -0.89 -4.09
N SER A 54 15.26 -1.52 -4.55
CA SER A 54 14.67 -1.16 -5.84
C SER A 54 13.17 -0.92 -5.67
N PRO A 55 12.55 -0.17 -6.55
CA PRO A 55 11.09 0.12 -6.46
C PRO A 55 10.25 -1.13 -6.76
N LYS A 56 9.11 -1.24 -6.06
CA LYS A 56 8.23 -2.38 -6.26
C LYS A 56 6.79 -1.90 -6.42
N PHE A 57 5.92 -2.78 -6.91
CA PHE A 57 4.52 -2.44 -7.10
C PHE A 57 3.73 -2.76 -5.83
N SER A 58 3.10 -1.74 -5.26
CA SER A 58 2.31 -1.91 -4.05
C SER A 58 0.99 -1.16 -4.15
N THR A 59 -0.05 -1.73 -3.55
CA THR A 59 -1.36 -1.09 -3.59
C THR A 59 -1.94 -0.95 -2.18
N LYS A 60 -2.88 -0.03 -2.03
CA LYS A 60 -3.51 0.21 -0.72
C LYS A 60 -4.96 0.64 -0.91
N VAL A 61 -5.83 0.11 -0.05
CA VAL A 61 -7.25 0.46 -0.12
C VAL A 61 -7.52 1.75 0.63
N THR A 62 -8.12 2.71 -0.07
CA THR A 62 -8.43 4.00 0.54
C THR A 62 -9.84 4.44 0.22
N THR A 63 -10.31 5.38 1.01
CA THR A 63 -11.63 5.95 0.80
C THR A 63 -11.48 7.13 -0.13
N LYS A 64 -12.51 7.38 -0.92
CA LYS A 64 -12.47 8.47 -1.90
C LYS A 64 -11.88 9.74 -1.27
N PRO A 65 -10.65 10.09 -1.60
CA PRO A 65 -9.97 11.29 -1.05
C PRO A 65 -10.38 12.57 -1.78
N ASP A 66 -9.83 13.69 -1.36
CA ASP A 66 -10.13 14.97 -1.99
C ASP A 66 -9.38 15.09 -3.31
N PHE A 67 -9.89 15.91 -4.21
CA PHE A 67 -9.24 16.07 -5.51
C PHE A 67 -7.76 16.41 -5.35
N ASP A 68 -6.91 15.64 -6.01
CA ASP A 68 -5.47 15.85 -5.94
C ASP A 68 -4.81 15.44 -7.25
N GLY A 69 -4.38 16.42 -8.03
CA GLY A 69 -3.73 16.14 -9.30
C GLY A 69 -2.47 15.32 -9.11
N PHE A 70 -1.70 15.64 -8.07
CA PHE A 70 -0.46 14.93 -7.79
C PHE A 70 -0.72 13.45 -7.55
N GLN A 71 -1.69 13.16 -6.68
CA GLN A 71 -2.03 11.78 -6.36
C GLN A 71 -2.97 11.19 -7.41
N PHE A 72 -2.86 9.87 -7.61
CA PHE A 72 -3.70 9.18 -8.58
C PHE A 72 -4.38 7.99 -7.91
N TYR A 73 -5.70 7.90 -8.07
CA TYR A 73 -6.46 6.80 -7.47
C TYR A 73 -7.26 6.05 -8.52
N ILE A 74 -7.53 4.77 -8.25
CA ILE A 74 -8.29 3.95 -9.18
C ILE A 74 -9.76 3.88 -8.75
N GLU A 75 -10.64 4.32 -9.63
CA GLU A 75 -12.07 4.30 -9.33
C GLU A 75 -12.60 2.87 -9.35
N ALA A 76 -13.37 2.52 -8.32
CA ALA A 76 -13.93 1.17 -8.23
C ALA A 76 -14.90 0.92 -9.38
N GLY A 77 -14.85 -0.29 -9.93
CA GLY A 77 -15.73 -0.64 -11.04
C GLY A 77 -15.19 -0.11 -12.38
N ARG A 78 -14.03 0.54 -12.35
CA ARG A 78 -13.44 1.09 -13.56
C ARG A 78 -12.27 0.21 -14.01
N ASP A 79 -12.33 -0.28 -15.24
CA ASP A 79 -11.27 -1.14 -15.76
C ASP A 79 -9.93 -0.41 -15.76
N PHE A 80 -8.87 -1.14 -15.42
CA PHE A 80 -7.54 -0.55 -15.37
C PHE A 80 -6.71 -0.99 -16.57
N ASP A 81 -6.27 -0.01 -17.37
CA ASP A 81 -5.46 -0.31 -18.55
C ASP A 81 -3.99 -0.07 -18.28
N GLY A 82 -3.16 -1.07 -18.57
CA GLY A 82 -1.73 -0.97 -18.35
C GLY A 82 -1.13 0.15 -19.21
N ASP A 83 -1.59 0.25 -20.44
CA ASP A 83 -1.09 1.27 -21.36
C ASP A 83 -1.34 2.67 -20.83
N ALA A 84 -2.51 2.89 -20.24
CA ALA A 84 -2.85 4.20 -19.70
C ALA A 84 -1.88 4.59 -18.60
N TYR A 85 -1.56 3.62 -17.74
CA TYR A 85 -0.62 3.86 -16.64
C TYR A 85 0.74 4.28 -17.18
N THR A 86 1.23 3.53 -18.16
CA THR A 86 2.53 3.81 -18.75
C THR A 86 2.57 5.21 -19.35
N GLU A 87 1.53 5.57 -20.10
CA GLU A 87 1.46 6.89 -20.72
C GLU A 87 1.37 7.99 -19.67
N ALA A 88 0.58 7.73 -18.63
CA ALA A 88 0.36 8.72 -17.57
C ALA A 88 1.66 9.10 -16.84
N TYR A 89 2.51 8.12 -16.54
CA TYR A 89 3.75 8.40 -15.82
C TYR A 89 4.97 8.34 -16.74
N GLY A 90 4.78 7.90 -17.97
CA GLY A 90 5.89 7.81 -18.92
C GLY A 90 6.84 6.67 -18.57
N VAL A 91 6.35 5.72 -17.75
CA VAL A 91 7.18 4.58 -17.35
C VAL A 91 6.53 3.27 -17.78
N ALA A 92 7.29 2.46 -18.53
CA ALA A 92 6.79 1.17 -19.00
C ALA A 92 6.59 0.21 -17.84
N VAL A 93 5.56 -0.61 -17.93
CA VAL A 93 5.28 -1.58 -16.87
C VAL A 93 5.06 -2.98 -17.47
N PRO A 94 5.33 -4.02 -16.72
CA PRO A 94 5.15 -5.42 -17.20
C PRO A 94 3.68 -5.79 -17.39
N THR A 95 3.41 -6.61 -18.40
CA THR A 95 2.04 -7.05 -18.69
C THR A 95 1.54 -8.01 -17.62
N ASN A 96 2.47 -8.71 -16.98
CA ASN A 96 2.12 -9.69 -15.94
C ASN A 96 1.37 -9.02 -14.80
N ILE A 97 1.79 -7.82 -14.41
CA ILE A 97 1.15 -7.11 -13.32
C ILE A 97 -0.30 -6.77 -13.69
N ALA A 98 -0.54 -6.58 -14.98
CA ALA A 98 -1.89 -6.26 -15.44
C ALA A 98 -2.87 -7.36 -15.06
N ALA A 99 -2.43 -8.60 -15.18
CA ALA A 99 -3.29 -9.74 -14.84
C ALA A 99 -3.68 -9.69 -13.36
N ARG A 100 -2.71 -9.35 -12.52
CA ARG A 100 -2.98 -9.27 -11.08
C ARG A 100 -4.00 -8.17 -10.77
N ILE A 101 -3.87 -7.04 -11.46
CA ILE A 101 -4.79 -5.92 -11.24
C ILE A 101 -6.20 -6.34 -11.60
N GLN A 102 -6.36 -7.02 -12.74
CA GLN A 102 -7.66 -7.47 -13.18
C GLN A 102 -8.26 -8.45 -12.17
N ALA A 103 -7.41 -9.32 -11.63
CA ALA A 103 -7.85 -10.31 -10.65
C ALA A 103 -8.42 -9.62 -9.42
N GLN A 104 -7.79 -8.52 -9.00
CA GLN A 104 -8.25 -7.78 -7.83
C GLN A 104 -9.66 -7.25 -8.05
N ALA A 105 -9.93 -6.76 -9.26
CA ALA A 105 -11.24 -6.21 -9.57
C ALA A 105 -12.34 -7.26 -9.39
N ALA A 106 -12.03 -8.50 -9.78
CA ALA A 106 -12.99 -9.59 -9.66
C ALA A 106 -13.39 -9.81 -8.21
N GLU A 107 -12.53 -9.39 -7.28
CA GLU A 107 -12.81 -9.56 -5.86
C GLU A 107 -12.73 -8.22 -5.15
N LEU A 108 -12.81 -7.14 -5.92
CA LEU A 108 -12.74 -5.80 -5.36
C LEU A 108 -14.12 -5.33 -4.92
N ASN A 109 -14.23 -4.92 -3.66
CA ASN A 109 -15.50 -4.44 -3.13
C ASN A 109 -15.73 -2.99 -3.52
N ALA A 110 -16.94 -2.70 -4.00
CA ALA A 110 -17.29 -1.35 -4.42
C ALA A 110 -17.10 -0.37 -3.26
N GLY A 111 -16.70 0.86 -3.59
CA GLY A 111 -16.49 1.87 -2.57
C GLY A 111 -15.02 1.91 -2.13
N GLU A 112 -14.23 0.93 -2.59
CA GLU A 112 -12.82 0.88 -2.23
C GLU A 112 -11.95 1.22 -3.44
N TRP A 113 -11.00 2.11 -3.24
CA TRP A 113 -10.12 2.53 -4.33
C TRP A 113 -8.69 2.03 -4.10
N LEU A 114 -8.04 1.59 -5.17
CA LEU A 114 -6.67 1.10 -5.09
C LEU A 114 -5.69 2.24 -5.36
N LEU A 115 -4.58 2.24 -4.64
CA LEU A 115 -3.58 3.29 -4.82
C LEU A 115 -2.39 2.78 -5.62
N VAL A 116 -2.10 3.46 -6.72
CA VAL A 116 -0.98 3.06 -7.59
C VAL A 116 0.05 4.17 -7.66
N GLU A 117 1.31 3.82 -7.37
CA GLU A 117 2.40 4.80 -7.40
C GLU A 117 3.71 4.11 -7.74
N HIS A 118 4.67 4.90 -8.22
CA HIS A 118 5.98 4.36 -8.57
C HIS A 118 7.05 5.45 -8.46
N GLU A 119 8.23 5.07 -7.98
CA GLU A 119 9.32 6.02 -7.82
C GLU A 119 9.87 6.45 -9.18
N ALA A 120 10.22 7.73 -9.28
CA ALA A 120 10.77 8.25 -10.54
C ALA A 120 11.36 9.64 -10.32
N MET A 2 -1.86 13.29 9.04
CA MET A 2 -1.45 11.94 8.56
C MET A 2 -1.50 11.92 7.02
N SER A 3 -1.48 10.72 6.46
CA SER A 3 -1.51 10.57 5.01
C SER A 3 -2.24 9.29 4.62
N THR A 4 -2.96 9.33 3.50
CA THR A 4 -3.70 8.18 3.03
C THR A 4 -2.74 7.02 2.73
N GLN A 5 -1.53 7.36 2.33
CA GLN A 5 -0.53 6.34 2.01
C GLN A 5 0.01 5.71 3.29
N TYR A 6 0.31 4.42 3.23
CA TYR A 6 0.82 3.71 4.39
C TYR A 6 2.26 3.25 4.16
N THR A 7 3.12 3.55 5.12
CA THR A 7 4.52 3.16 5.05
C THR A 7 4.97 2.58 6.38
N TYR A 8 6.13 1.92 6.39
CA TYR A 8 6.63 1.32 7.62
C TYR A 8 6.85 2.38 8.70
N GLN A 9 7.40 3.53 8.32
CA GLN A 9 7.65 4.60 9.29
C GLN A 9 6.35 5.10 9.92
N GLN A 10 5.34 5.37 9.09
CA GLN A 10 4.05 5.84 9.60
C GLN A 10 3.33 4.78 10.43
N ILE A 11 3.38 3.53 9.96
CA ILE A 11 2.72 2.45 10.67
C ILE A 11 3.31 2.29 12.07
N ALA A 12 4.64 2.31 12.16
CA ALA A 12 5.31 2.18 13.44
C ALA A 12 4.94 3.33 14.37
N GLU A 13 4.82 4.53 13.80
CA GLU A 13 4.48 5.71 14.60
C GLU A 13 3.03 5.65 15.09
N ASP A 14 2.14 5.10 14.27
CA ASP A 14 0.73 5.01 14.65
C ASP A 14 0.42 3.63 15.24
N PHE A 15 -0.12 3.62 16.45
CA PHE A 15 -0.46 2.38 17.12
C PHE A 15 -1.54 1.60 16.37
N ARG A 16 -2.54 2.32 15.87
CA ARG A 16 -3.64 1.70 15.15
C ARG A 16 -3.15 1.01 13.87
N LEU A 17 -2.26 1.68 13.14
CA LEU A 17 -1.75 1.12 11.90
C LEU A 17 -0.93 -0.15 12.16
N TRP A 18 -0.16 -0.13 13.25
CA TRP A 18 0.68 -1.29 13.58
C TRP A 18 -0.17 -2.53 13.80
N SER A 19 -1.24 -2.40 14.58
CA SER A 19 -2.11 -3.52 14.89
C SER A 19 -2.87 -4.01 13.65
N GLU A 20 -3.37 -3.06 12.85
CA GLU A 20 -4.13 -3.42 11.67
C GLU A 20 -3.29 -4.19 10.64
N TYR A 21 -2.09 -3.71 10.37
CA TYR A 21 -1.21 -4.38 9.40
C TYR A 21 -0.68 -5.70 9.95
N VAL A 22 -0.27 -5.70 11.21
CA VAL A 22 0.28 -6.91 11.82
C VAL A 22 -0.78 -8.00 11.90
N ASP A 23 -1.95 -7.63 12.43
CA ASP A 23 -3.04 -8.60 12.57
C ASP A 23 -4.31 -7.90 13.08
N THR A 24 -5.40 -8.03 12.34
CA THR A 24 -6.65 -7.41 12.75
C THR A 24 -7.11 -7.95 14.10
N ALA A 25 -7.06 -9.27 14.25
CA ALA A 25 -7.49 -9.91 15.50
C ALA A 25 -6.43 -9.73 16.59
N GLY A 26 -5.19 -9.47 16.18
CA GLY A 26 -4.11 -9.30 17.14
C GLY A 26 -4.31 -8.04 17.98
N GLU A 27 -3.89 -8.12 19.24
CA GLU A 27 -4.02 -6.99 20.15
C GLU A 27 -2.65 -6.42 20.51
N MET A 28 -2.56 -5.09 20.54
CA MET A 28 -1.29 -4.43 20.87
C MET A 28 -1.52 -3.27 21.82
N SER A 29 -0.62 -3.10 22.78
CA SER A 29 -0.73 -2.01 23.75
C SER A 29 0.46 -1.07 23.62
N LYS A 30 0.22 0.20 23.93
CA LYS A 30 1.28 1.21 23.85
C LYS A 30 2.40 0.90 24.83
N ASP A 31 2.07 0.18 25.90
CA ASP A 31 3.07 -0.16 26.91
C ASP A 31 4.18 -0.99 26.29
N GLU A 32 3.81 -2.00 25.50
CA GLU A 32 4.79 -2.87 24.86
C GLU A 32 5.63 -2.07 23.87
N PHE A 33 4.98 -1.16 23.14
CA PHE A 33 5.67 -0.35 22.16
C PHE A 33 6.77 0.48 22.80
N ASN A 34 6.44 1.17 23.90
CA ASN A 34 7.41 2.00 24.59
C ASN A 34 8.58 1.17 25.11
N SER A 35 8.28 0.00 25.65
CA SER A 35 9.32 -0.89 26.18
C SER A 35 10.25 -1.37 25.08
N LEU A 36 9.78 -1.33 23.83
CA LEU A 36 10.59 -1.79 22.70
C LEU A 36 11.05 -0.60 21.84
N SER A 37 12.28 -0.68 21.35
CA SER A 37 12.83 0.38 20.51
C SER A 37 12.05 0.49 19.20
N THR A 38 11.87 1.71 18.74
CA THR A 38 11.14 1.96 17.49
C THR A 38 11.85 1.35 16.30
N GLU A 39 13.17 1.46 16.25
CA GLU A 39 13.94 0.93 15.14
C GLU A 39 13.76 -0.58 15.01
N ASP A 40 13.74 -1.28 16.14
CA ASP A 40 13.57 -2.72 16.14
C ASP A 40 12.22 -3.10 15.53
N LYS A 41 11.19 -2.31 15.83
CA LYS A 41 9.85 -2.59 15.31
C LYS A 41 9.86 -2.55 13.79
N VAL A 42 10.58 -1.58 13.21
CA VAL A 42 10.66 -1.47 11.77
C VAL A 42 11.31 -2.73 11.19
N ARG A 43 12.37 -3.18 11.83
CA ARG A 43 13.09 -4.37 11.38
C ARG A 43 12.17 -5.60 11.39
N LEU A 44 11.34 -5.71 12.43
CA LEU A 44 10.43 -6.85 12.54
C LEU A 44 9.52 -6.94 11.32
N GLN A 45 8.91 -5.83 10.94
CA GLN A 45 8.02 -5.83 9.78
C GLN A 45 8.81 -6.15 8.51
N VAL A 46 10.01 -5.61 8.41
CA VAL A 46 10.86 -5.84 7.25
C VAL A 46 11.19 -7.32 7.12
N GLU A 47 11.53 -7.95 8.23
CA GLU A 47 11.87 -9.37 8.22
C GLU A 47 10.70 -10.21 7.73
N ALA A 48 9.49 -9.85 8.15
CA ALA A 48 8.29 -10.60 7.75
C ALA A 48 8.12 -10.60 6.24
N PHE A 49 8.38 -9.46 5.60
CA PHE A 49 8.23 -9.35 4.16
C PHE A 49 9.59 -9.46 3.45
N GLY A 50 10.65 -9.71 4.20
CA GLY A 50 11.98 -9.84 3.61
C GLY A 50 12.57 -8.45 3.34
N GLU A 51 13.75 -8.43 2.71
CA GLU A 51 14.42 -7.18 2.41
C GLU A 51 14.28 -6.86 0.92
N GLU A 52 14.11 -5.59 0.60
CA GLU A 52 13.97 -5.17 -0.79
C GLU A 52 15.32 -4.71 -1.36
N LYS A 53 15.65 -5.22 -2.55
CA LYS A 53 16.91 -4.85 -3.19
C LYS A 53 16.63 -4.06 -4.47
N SER A 54 15.54 -4.42 -5.14
CA SER A 54 15.14 -3.75 -6.37
C SER A 54 13.69 -3.29 -6.28
N PRO A 55 13.30 -2.33 -7.08
CA PRO A 55 11.89 -1.81 -7.06
C PRO A 55 10.87 -2.92 -7.29
N LYS A 56 9.79 -2.88 -6.51
CA LYS A 56 8.73 -3.88 -6.63
C LYS A 56 7.37 -3.22 -6.73
N PHE A 57 6.43 -3.87 -7.41
CA PHE A 57 5.09 -3.32 -7.55
C PHE A 57 4.19 -3.87 -6.46
N SER A 58 3.65 -2.96 -5.64
CA SER A 58 2.77 -3.36 -4.55
C SER A 58 1.55 -2.43 -4.47
N THR A 59 0.41 -3.00 -4.11
CA THR A 59 -0.81 -2.22 -4.01
C THR A 59 -1.49 -2.44 -2.65
N LYS A 60 -2.34 -1.50 -2.27
CA LYS A 60 -3.05 -1.60 -1.00
C LYS A 60 -4.52 -1.24 -1.19
N VAL A 61 -5.40 -1.95 -0.48
CA VAL A 61 -6.83 -1.71 -0.60
C VAL A 61 -7.25 -0.56 0.30
N THR A 62 -7.94 0.42 -0.28
CA THR A 62 -8.39 1.58 0.48
C THR A 62 -9.87 1.83 0.26
N THR A 63 -10.42 2.61 1.16
CA THR A 63 -11.82 2.99 1.09
C THR A 63 -11.92 4.25 0.25
N LYS A 64 -13.04 4.41 -0.42
CA LYS A 64 -13.25 5.56 -1.29
C LYS A 64 -12.78 6.85 -0.60
N PRO A 65 -11.67 7.42 -1.01
CA PRO A 65 -11.13 8.68 -0.41
C PRO A 65 -11.92 9.91 -0.83
N ASP A 66 -11.57 11.06 -0.25
CA ASP A 66 -12.26 12.30 -0.57
C ASP A 66 -11.80 12.83 -1.93
N PHE A 67 -12.68 13.60 -2.57
CA PHE A 67 -12.39 14.15 -3.89
C PHE A 67 -11.19 15.09 -3.84
N ASP A 68 -10.47 15.18 -4.96
CA ASP A 68 -9.30 16.04 -5.04
C ASP A 68 -8.21 15.56 -4.08
N GLY A 69 -7.65 14.39 -4.39
CA GLY A 69 -6.60 13.82 -3.55
C GLY A 69 -5.29 13.72 -4.33
N PHE A 70 -4.17 13.90 -3.64
CA PHE A 70 -2.87 13.83 -4.27
C PHE A 70 -2.60 12.44 -4.83
N GLN A 71 -3.02 11.42 -4.10
CA GLN A 71 -2.83 10.04 -4.53
C GLN A 71 -3.86 9.65 -5.59
N PHE A 72 -3.46 8.75 -6.48
CA PHE A 72 -4.34 8.29 -7.55
C PHE A 72 -4.96 6.94 -7.19
N TYR A 73 -6.27 6.84 -7.32
CA TYR A 73 -6.97 5.60 -7.00
C TYR A 73 -7.73 5.08 -8.23
N ILE A 74 -7.86 3.77 -8.32
CA ILE A 74 -8.55 3.16 -9.45
C ILE A 74 -9.87 2.53 -9.00
N GLU A 75 -10.96 2.94 -9.64
CA GLU A 75 -12.27 2.42 -9.30
C GLU A 75 -12.35 0.93 -9.64
N ALA A 76 -12.89 0.14 -8.71
CA ALA A 76 -13.02 -1.29 -8.93
C ALA A 76 -13.94 -1.59 -10.11
N GLY A 77 -13.57 -2.57 -10.91
CA GLY A 77 -14.38 -2.94 -12.06
C GLY A 77 -14.11 -2.02 -13.26
N ARG A 78 -13.19 -1.07 -13.09
CA ARG A 78 -12.87 -0.14 -14.17
C ARG A 78 -11.55 -0.55 -14.82
N ASP A 79 -11.55 -0.59 -16.16
CA ASP A 79 -10.34 -0.99 -16.89
C ASP A 79 -9.18 -0.04 -16.59
N PHE A 80 -7.98 -0.59 -16.47
CA PHE A 80 -6.80 0.21 -16.20
C PHE A 80 -5.84 0.18 -17.38
N ASP A 81 -5.55 1.36 -17.94
CA ASP A 81 -4.65 1.44 -19.08
C ASP A 81 -3.27 1.92 -18.65
N GLY A 82 -2.26 1.17 -19.02
CA GLY A 82 -0.88 1.51 -18.69
C GLY A 82 -0.47 2.85 -19.31
N ASP A 83 -1.06 3.15 -20.46
CA ASP A 83 -0.74 4.38 -21.17
C ASP A 83 -1.06 5.60 -20.31
N ALA A 84 -2.23 5.59 -19.66
CA ALA A 84 -2.63 6.71 -18.81
C ALA A 84 -1.63 6.89 -17.67
N TYR A 85 -1.22 5.78 -17.07
CA TYR A 85 -0.26 5.83 -15.98
C TYR A 85 1.06 6.42 -16.45
N THR A 86 1.53 5.93 -17.60
CA THR A 86 2.79 6.39 -18.16
C THR A 86 2.76 7.88 -18.46
N GLU A 87 1.69 8.35 -19.10
CA GLU A 87 1.59 9.76 -19.44
C GLU A 87 1.55 10.65 -18.20
N ALA A 88 0.69 10.30 -17.25
CA ALA A 88 0.55 11.10 -16.03
C ALA A 88 1.83 11.12 -15.19
N TYR A 89 2.40 9.94 -14.97
CA TYR A 89 3.62 9.82 -14.16
C TYR A 89 4.85 10.24 -14.95
N GLY A 90 4.79 10.07 -16.25
CA GLY A 90 5.91 10.43 -17.12
C GLY A 90 7.00 9.36 -17.11
N VAL A 91 6.68 8.17 -16.63
CA VAL A 91 7.66 7.09 -16.59
C VAL A 91 7.09 5.82 -17.22
N ALA A 92 7.99 4.99 -17.76
CA ALA A 92 7.59 3.74 -18.41
C ALA A 92 7.37 2.64 -17.39
N VAL A 93 6.44 1.73 -17.69
CA VAL A 93 6.15 0.61 -16.81
C VAL A 93 6.12 -0.70 -17.60
N PRO A 94 6.35 -1.82 -16.96
CA PRO A 94 6.33 -3.15 -17.65
C PRO A 94 4.99 -3.41 -18.32
N THR A 95 5.03 -4.00 -19.51
CA THR A 95 3.81 -4.30 -20.26
C THR A 95 2.96 -5.33 -19.53
N ASN A 96 3.62 -6.35 -18.99
CA ASN A 96 2.93 -7.43 -18.29
C ASN A 96 2.24 -6.93 -17.01
N ILE A 97 2.70 -5.81 -16.48
CA ILE A 97 2.10 -5.29 -15.25
C ILE A 97 0.62 -4.96 -15.46
N ALA A 98 0.27 -4.57 -16.69
CA ALA A 98 -1.11 -4.23 -17.01
C ALA A 98 -2.02 -5.45 -16.82
N ALA A 99 -1.53 -6.62 -17.21
CA ALA A 99 -2.33 -7.84 -17.09
C ALA A 99 -2.66 -8.13 -15.63
N ARG A 100 -1.68 -7.93 -14.74
CA ARG A 100 -1.90 -8.18 -13.32
C ARG A 100 -3.01 -7.29 -12.77
N ILE A 101 -2.95 -6.01 -13.11
CA ILE A 101 -3.95 -5.06 -12.66
C ILE A 101 -5.34 -5.43 -13.19
N GLN A 102 -5.40 -5.77 -14.47
CA GLN A 102 -6.66 -6.15 -15.10
C GLN A 102 -7.23 -7.40 -14.44
N ALA A 103 -6.35 -8.35 -14.12
CA ALA A 103 -6.76 -9.60 -13.50
C ALA A 103 -7.43 -9.33 -12.15
N GLN A 104 -6.89 -8.37 -11.40
CA GLN A 104 -7.43 -8.04 -10.09
C GLN A 104 -8.86 -7.51 -10.21
N ALA A 105 -9.13 -6.74 -11.25
CA ALA A 105 -10.45 -6.16 -11.44
C ALA A 105 -11.53 -7.24 -11.50
N ALA A 106 -11.21 -8.35 -12.16
CA ALA A 106 -12.15 -9.44 -12.31
C ALA A 106 -12.54 -10.05 -10.96
N GLU A 107 -11.57 -10.21 -10.07
CA GLU A 107 -11.84 -10.81 -8.75
C GLU A 107 -11.96 -9.73 -7.66
N LEU A 108 -11.82 -8.46 -8.05
CA LEU A 108 -11.90 -7.37 -7.10
C LEU A 108 -13.32 -7.16 -6.60
N ASN A 109 -13.47 -7.09 -5.28
CA ASN A 109 -14.78 -6.88 -4.68
C ASN A 109 -15.15 -5.40 -4.70
N ALA A 110 -16.42 -5.13 -5.00
CA ALA A 110 -16.89 -3.74 -5.05
C ALA A 110 -16.70 -3.06 -3.69
N GLY A 111 -16.43 -1.76 -3.72
CA GLY A 111 -16.22 -1.02 -2.49
C GLY A 111 -14.74 -0.95 -2.10
N GLU A 112 -13.90 -1.70 -2.82
CA GLU A 112 -12.46 -1.70 -2.52
C GLU A 112 -11.70 -1.08 -3.68
N TRP A 113 -10.89 -0.06 -3.39
CA TRP A 113 -10.10 0.62 -4.42
C TRP A 113 -8.62 0.36 -4.24
N LEU A 114 -7.92 0.15 -5.35
CA LEU A 114 -6.48 -0.09 -5.31
C LEU A 114 -5.72 1.18 -5.70
N LEU A 115 -4.50 1.31 -5.18
CA LEU A 115 -3.69 2.50 -5.48
C LEU A 115 -2.42 2.09 -6.21
N VAL A 116 -1.94 2.96 -7.10
CA VAL A 116 -0.73 2.68 -7.85
C VAL A 116 0.36 3.68 -7.49
N GLU A 117 1.52 3.15 -7.10
CA GLU A 117 2.65 4.01 -6.73
C GLU A 117 3.97 3.28 -6.96
N HIS A 118 5.05 4.05 -7.08
CA HIS A 118 6.37 3.47 -7.32
C HIS A 118 7.45 4.40 -6.78
N GLU A 119 8.50 3.80 -6.21
CA GLU A 119 9.60 4.58 -5.66
C GLU A 119 10.83 4.49 -6.56
N ALA A 120 11.38 5.65 -6.92
CA ALA A 120 12.55 5.68 -7.79
C ALA A 120 12.28 4.94 -9.09
N MET A 2 4.17 14.61 0.52
CA MET A 2 4.93 14.31 1.78
C MET A 2 3.99 13.63 2.78
N SER A 3 2.96 14.35 3.19
CA SER A 3 2.00 13.81 4.14
C SER A 3 1.30 12.58 3.57
N THR A 4 0.97 12.64 2.28
CA THR A 4 0.30 11.53 1.62
C THR A 4 1.25 10.35 1.48
N GLN A 5 2.55 10.63 1.44
CA GLN A 5 3.55 9.58 1.30
C GLN A 5 3.58 8.71 2.55
N TYR A 6 3.64 7.39 2.35
CA TYR A 6 3.66 6.46 3.46
C TYR A 6 5.05 5.85 3.62
N THR A 7 5.51 5.76 4.87
CA THR A 7 6.84 5.21 5.15
C THR A 7 6.75 4.15 6.25
N TYR A 8 7.77 3.33 6.36
CA TYR A 8 7.80 2.28 7.38
C TYR A 8 7.75 2.89 8.77
N GLN A 9 8.48 3.99 8.96
CA GLN A 9 8.51 4.67 10.25
C GLN A 9 7.12 5.18 10.63
N GLN A 10 6.41 5.74 9.66
CA GLN A 10 5.07 6.27 9.89
C GLN A 10 4.13 5.16 10.34
N ILE A 11 4.24 4.00 9.69
CA ILE A 11 3.39 2.87 10.02
C ILE A 11 3.63 2.43 11.45
N ALA A 12 4.89 2.35 11.85
CA ALA A 12 5.25 1.93 13.20
C ALA A 12 4.68 2.91 14.23
N GLU A 13 4.71 4.19 13.90
CA GLU A 13 4.20 5.21 14.82
C GLU A 13 2.69 5.12 14.96
N ASP A 14 2.01 4.78 13.86
CA ASP A 14 0.55 4.67 13.89
C ASP A 14 0.13 3.22 14.14
N PHE A 15 -0.54 3.00 15.27
CA PHE A 15 -1.00 1.67 15.63
C PHE A 15 -2.04 1.15 14.64
N ARG A 16 -2.96 2.02 14.20
CA ARG A 16 -4.01 1.61 13.28
C ARG A 16 -3.46 1.27 11.90
N LEU A 17 -2.49 2.04 11.42
CA LEU A 17 -1.91 1.77 10.10
C LEU A 17 -1.14 0.45 10.11
N TRP A 18 -0.47 0.18 11.22
CA TRP A 18 0.32 -1.04 11.35
C TRP A 18 -0.55 -2.28 11.18
N SER A 19 -1.71 -2.29 11.84
CA SER A 19 -2.62 -3.42 11.76
C SER A 19 -3.11 -3.62 10.33
N GLU A 20 -3.28 -2.51 9.60
CA GLU A 20 -3.76 -2.59 8.24
C GLU A 20 -2.79 -3.35 7.33
N TYR A 21 -1.50 -3.08 7.47
CA TYR A 21 -0.51 -3.76 6.64
C TYR A 21 -0.33 -5.21 7.06
N VAL A 22 -0.29 -5.45 8.36
CA VAL A 22 -0.11 -6.80 8.88
C VAL A 22 -1.30 -7.69 8.52
N ASP A 23 -2.50 -7.16 8.74
CA ASP A 23 -3.74 -7.89 8.46
C ASP A 23 -4.93 -7.14 9.05
N THR A 24 -5.99 -7.00 8.26
CA THR A 24 -7.18 -6.30 8.73
C THR A 24 -7.99 -7.19 9.67
N ALA A 25 -8.05 -8.48 9.36
CA ALA A 25 -8.80 -9.43 10.18
C ALA A 25 -8.03 -9.77 11.46
N GLY A 26 -6.71 -9.59 11.42
CA GLY A 26 -5.87 -9.90 12.57
C GLY A 26 -6.10 -8.90 13.70
N GLU A 27 -5.86 -9.35 14.93
CA GLU A 27 -6.04 -8.49 16.10
C GLU A 27 -4.68 -8.15 16.72
N MET A 28 -4.45 -6.87 16.95
CA MET A 28 -3.19 -6.42 17.53
C MET A 28 -3.43 -5.36 18.60
N SER A 29 -2.67 -5.44 19.69
CA SER A 29 -2.82 -4.48 20.78
C SER A 29 -1.52 -3.71 21.00
N LYS A 30 -1.64 -2.48 21.46
CA LYS A 30 -0.48 -1.63 21.71
C LYS A 30 0.42 -2.22 22.80
N ASP A 31 -0.15 -3.12 23.61
CA ASP A 31 0.62 -3.74 24.69
C ASP A 31 1.81 -4.52 24.13
N GLU A 32 1.58 -5.20 23.01
CA GLU A 32 2.65 -5.97 22.38
C GLU A 32 3.78 -5.04 21.94
N PHE A 33 3.41 -3.88 21.44
CA PHE A 33 4.38 -2.90 20.97
C PHE A 33 5.29 -2.43 22.10
N ASN A 34 4.70 -2.26 23.28
CA ASN A 34 5.47 -1.80 24.43
C ASN A 34 6.59 -2.80 24.76
N SER A 35 6.27 -4.08 24.71
CA SER A 35 7.25 -5.12 25.02
C SER A 35 8.39 -5.10 24.01
N LEU A 36 8.04 -4.88 22.73
CA LEU A 36 9.04 -4.84 21.68
C LEU A 36 9.66 -3.45 21.55
N SER A 37 10.98 -3.41 21.36
CA SER A 37 11.68 -2.14 21.22
C SER A 37 11.37 -1.52 19.86
N THR A 38 11.64 -0.21 19.74
CA THR A 38 11.37 0.49 18.49
C THR A 38 12.18 -0.10 17.34
N GLU A 39 13.46 -0.35 17.60
CA GLU A 39 14.34 -0.91 16.57
C GLU A 39 13.86 -2.31 16.15
N ASP A 40 13.42 -3.09 17.14
CA ASP A 40 12.93 -4.44 16.87
C ASP A 40 11.70 -4.40 15.94
N LYS A 41 10.85 -3.41 16.15
CA LYS A 41 9.65 -3.27 15.34
C LYS A 41 9.99 -3.13 13.86
N VAL A 42 10.94 -2.26 13.56
CA VAL A 42 11.35 -2.05 12.17
C VAL A 42 11.94 -3.32 11.57
N ARG A 43 12.82 -3.98 12.33
CA ARG A 43 13.46 -5.20 11.86
C ARG A 43 12.42 -6.29 11.60
N LEU A 44 11.47 -6.42 12.51
CA LEU A 44 10.42 -7.43 12.38
C LEU A 44 9.59 -7.18 11.12
N GLN A 45 9.25 -5.92 10.88
CA GLN A 45 8.44 -5.56 9.73
C GLN A 45 9.12 -5.94 8.43
N VAL A 46 10.41 -5.67 8.32
CA VAL A 46 11.16 -5.99 7.11
C VAL A 46 11.43 -7.49 7.03
N GLU A 47 11.53 -8.14 8.19
CA GLU A 47 11.80 -9.57 8.24
C GLU A 47 10.66 -10.37 7.61
N ALA A 48 9.42 -9.95 7.89
CA ALA A 48 8.25 -10.66 7.36
C ALA A 48 8.24 -10.66 5.83
N PHE A 49 8.59 -9.53 5.22
CA PHE A 49 8.59 -9.43 3.77
C PHE A 49 10.01 -9.54 3.20
N GLY A 50 10.99 -9.80 4.06
CA GLY A 50 12.37 -9.91 3.61
C GLY A 50 12.97 -8.53 3.37
N GLU A 51 14.21 -8.51 2.88
CA GLU A 51 14.89 -7.25 2.60
C GLU A 51 14.61 -6.80 1.18
N GLU A 52 14.44 -5.50 0.98
CA GLU A 52 14.16 -4.96 -0.34
C GLU A 52 15.43 -4.37 -0.96
N LYS A 53 16.07 -5.15 -1.83
CA LYS A 53 17.30 -4.69 -2.48
C LYS A 53 17.02 -3.45 -3.33
N SER A 54 15.94 -3.50 -4.10
CA SER A 54 15.58 -2.37 -4.96
C SER A 54 14.11 -1.99 -4.75
N PRO A 55 13.75 -0.77 -5.07
CA PRO A 55 12.34 -0.29 -4.90
C PRO A 55 11.34 -1.19 -5.63
N LYS A 56 10.19 -1.43 -4.99
CA LYS A 56 9.16 -2.27 -5.58
C LYS A 56 7.80 -1.58 -5.51
N PHE A 57 6.93 -1.91 -6.46
CA PHE A 57 5.61 -1.31 -6.51
C PHE A 57 4.74 -1.84 -5.37
N SER A 58 4.12 -0.92 -4.63
CA SER A 58 3.28 -1.31 -3.50
C SER A 58 1.91 -0.65 -3.60
N THR A 59 0.91 -1.27 -3.00
CA THR A 59 -0.45 -0.73 -3.02
C THR A 59 -1.01 -0.62 -1.61
N LYS A 60 -2.01 0.24 -1.43
CA LYS A 60 -2.63 0.42 -0.12
C LYS A 60 -4.13 0.57 -0.26
N VAL A 61 -4.88 -0.12 0.60
CA VAL A 61 -6.33 -0.06 0.56
C VAL A 61 -6.83 1.13 1.36
N THR A 62 -7.64 1.98 0.71
CA THR A 62 -8.17 3.17 1.37
C THR A 62 -9.65 3.30 1.16
N THR A 63 -10.27 4.09 2.02
CA THR A 63 -11.68 4.36 1.93
C THR A 63 -11.87 5.56 1.03
N LYS A 64 -13.03 5.64 0.40
CA LYS A 64 -13.31 6.75 -0.52
C LYS A 64 -12.90 8.09 0.11
N PRO A 65 -11.83 8.70 -0.35
CA PRO A 65 -11.34 10.00 0.19
C PRO A 65 -12.18 11.18 -0.28
N ASP A 66 -12.05 12.30 0.42
CA ASP A 66 -12.80 13.50 0.06
C ASP A 66 -12.12 14.21 -1.10
N PHE A 67 -12.69 15.34 -1.52
CA PHE A 67 -12.11 16.10 -2.63
C PHE A 67 -10.61 16.30 -2.42
N ASP A 68 -9.84 16.04 -3.47
CA ASP A 68 -8.39 16.18 -3.41
C ASP A 68 -7.79 16.36 -4.80
N GLY A 69 -6.47 16.40 -4.87
CA GLY A 69 -5.79 16.57 -6.15
C GLY A 69 -4.39 15.97 -6.10
N PHE A 70 -3.79 15.79 -7.27
CA PHE A 70 -2.44 15.22 -7.36
C PHE A 70 -2.43 13.78 -6.88
N GLN A 71 -3.60 13.15 -6.85
CA GLN A 71 -3.70 11.76 -6.40
C GLN A 71 -4.56 10.95 -7.37
N PHE A 72 -4.25 9.66 -7.48
CA PHE A 72 -5.00 8.79 -8.38
C PHE A 72 -5.50 7.56 -7.62
N TYR A 73 -6.79 7.27 -7.75
CA TYR A 73 -7.38 6.14 -7.05
C TYR A 73 -8.00 5.15 -8.04
N ILE A 74 -8.06 3.88 -7.63
CA ILE A 74 -8.64 2.84 -8.48
C ILE A 74 -10.04 2.50 -8.01
N GLU A 75 -11.02 2.66 -8.90
CA GLU A 75 -12.40 2.35 -8.58
C GLU A 75 -12.60 0.86 -8.39
N ALA A 76 -13.26 0.48 -7.30
CA ALA A 76 -13.50 -0.94 -7.02
C ALA A 76 -14.41 -1.53 -8.09
N GLY A 77 -14.11 -2.77 -8.50
CA GLY A 77 -14.91 -3.44 -9.51
C GLY A 77 -14.54 -2.98 -10.92
N ARG A 78 -13.53 -2.12 -11.02
CA ARG A 78 -13.10 -1.62 -12.32
C ARG A 78 -11.78 -2.25 -12.73
N ASP A 79 -11.73 -2.77 -13.96
CA ASP A 79 -10.53 -3.41 -14.46
C ASP A 79 -9.41 -2.38 -14.63
N PHE A 80 -8.28 -2.62 -13.97
CA PHE A 80 -7.15 -1.70 -14.06
C PHE A 80 -6.52 -1.76 -15.44
N ASP A 81 -6.36 -0.58 -16.06
CA ASP A 81 -5.77 -0.51 -17.38
C ASP A 81 -4.34 0.04 -17.30
N GLY A 82 -3.36 -0.83 -17.46
CA GLY A 82 -1.97 -0.41 -17.39
C GLY A 82 -1.67 0.61 -18.50
N ASP A 83 -2.23 0.37 -19.68
CA ASP A 83 -2.01 1.27 -20.81
C ASP A 83 -2.53 2.67 -20.47
N ALA A 84 -3.69 2.73 -19.83
CA ALA A 84 -4.27 4.01 -19.45
C ALA A 84 -3.34 4.74 -18.48
N TYR A 85 -2.77 3.97 -17.56
CA TYR A 85 -1.83 4.53 -16.59
C TYR A 85 -0.63 5.12 -17.29
N THR A 86 -0.10 4.37 -18.26
CA THR A 86 1.07 4.81 -19.02
C THR A 86 0.78 6.13 -19.73
N GLU A 87 -0.36 6.23 -20.38
CA GLU A 87 -0.72 7.45 -21.09
C GLU A 87 -0.91 8.62 -20.14
N ALA A 88 -1.51 8.35 -18.98
CA ALA A 88 -1.78 9.38 -18.00
C ALA A 88 -0.50 10.05 -17.47
N TYR A 89 0.53 9.26 -17.21
CA TYR A 89 1.78 9.82 -16.69
C TYR A 89 2.86 9.94 -17.76
N GLY A 90 2.62 9.33 -18.92
CA GLY A 90 3.59 9.39 -20.01
C GLY A 90 4.80 8.50 -19.73
N VAL A 91 4.67 7.57 -18.80
CA VAL A 91 5.77 6.67 -18.47
C VAL A 91 5.33 5.22 -18.48
N ALA A 92 6.23 4.33 -18.86
CA ALA A 92 5.93 2.91 -18.93
C ALA A 92 5.99 2.27 -17.54
N VAL A 93 5.26 1.16 -17.37
CA VAL A 93 5.24 0.46 -16.09
C VAL A 93 5.54 -1.03 -16.29
N PRO A 94 6.12 -1.69 -15.32
CA PRO A 94 6.45 -3.15 -15.42
C PRO A 94 5.21 -3.99 -15.72
N THR A 95 5.38 -4.99 -16.60
CA THR A 95 4.27 -5.86 -16.96
C THR A 95 3.91 -6.81 -15.82
N ASN A 96 4.93 -7.33 -15.13
CA ASN A 96 4.69 -8.26 -14.03
C ASN A 96 3.87 -7.61 -12.91
N ILE A 97 4.24 -6.38 -12.57
CA ILE A 97 3.53 -5.66 -11.52
C ILE A 97 2.10 -5.36 -11.93
N ALA A 98 1.89 -5.01 -13.19
CA ALA A 98 0.56 -4.71 -13.68
C ALA A 98 -0.34 -5.92 -13.53
N ALA A 99 0.20 -7.10 -13.83
CA ALA A 99 -0.57 -8.34 -13.72
C ALA A 99 -0.99 -8.56 -12.26
N ARG A 100 -0.06 -8.27 -11.35
CA ARG A 100 -0.33 -8.43 -9.92
C ARG A 100 -1.46 -7.53 -9.48
N ILE A 101 -1.46 -6.29 -9.98
CA ILE A 101 -2.49 -5.33 -9.63
C ILE A 101 -3.87 -5.83 -10.06
N GLN A 102 -3.94 -6.36 -11.29
CA GLN A 102 -5.21 -6.88 -11.80
C GLN A 102 -5.70 -8.04 -10.93
N ALA A 103 -4.78 -8.90 -10.51
CA ALA A 103 -5.13 -10.03 -9.67
C ALA A 103 -5.73 -9.54 -8.35
N GLN A 104 -5.15 -8.48 -7.81
CA GLN A 104 -5.63 -7.93 -6.55
C GLN A 104 -7.07 -7.44 -6.69
N ALA A 105 -7.37 -6.82 -7.81
CA ALA A 105 -8.72 -6.31 -8.06
C ALA A 105 -9.75 -7.44 -8.05
N ALA A 106 -9.35 -8.58 -8.61
CA ALA A 106 -10.24 -9.74 -8.67
C ALA A 106 -10.64 -10.21 -7.27
N GLU A 107 -9.70 -10.13 -6.33
CA GLU A 107 -9.97 -10.55 -4.96
C GLU A 107 -10.35 -9.35 -4.11
N LEU A 108 -10.23 -8.16 -4.70
CA LEU A 108 -10.55 -6.93 -4.00
C LEU A 108 -12.05 -6.82 -3.79
N ASN A 109 -12.44 -6.57 -2.54
CA ASN A 109 -13.86 -6.45 -2.20
C ASN A 109 -14.38 -5.05 -2.52
N ALA A 110 -15.68 -4.94 -2.78
CA ALA A 110 -16.28 -3.66 -3.10
C ALA A 110 -16.17 -2.70 -1.93
N GLY A 111 -16.05 -1.41 -2.23
CA GLY A 111 -15.93 -0.41 -1.18
C GLY A 111 -14.47 -0.11 -0.85
N GLU A 112 -13.55 -0.90 -1.40
CA GLU A 112 -12.14 -0.69 -1.14
C GLU A 112 -11.44 -0.15 -2.40
N TRP A 113 -10.70 0.93 -2.23
CA TRP A 113 -9.98 1.54 -3.36
C TRP A 113 -8.49 1.38 -3.19
N LEU A 114 -7.79 1.15 -4.30
CA LEU A 114 -6.34 0.99 -4.26
C LEU A 114 -5.65 2.23 -4.82
N LEU A 115 -4.55 2.61 -4.19
CA LEU A 115 -3.81 3.80 -4.61
C LEU A 115 -2.60 3.39 -5.46
N VAL A 116 -2.53 3.92 -6.67
CA VAL A 116 -1.42 3.61 -7.57
C VAL A 116 -0.61 4.86 -7.87
N GLU A 117 0.68 4.81 -7.55
CA GLU A 117 1.56 5.95 -7.79
C GLU A 117 3.00 5.48 -7.98
N HIS A 118 3.82 6.32 -8.63
CA HIS A 118 5.21 5.97 -8.86
C HIS A 118 6.08 7.23 -8.85
N GLU A 119 7.18 7.17 -8.13
CA GLU A 119 8.09 8.31 -8.04
C GLU A 119 8.67 8.64 -9.41
N ALA A 120 8.65 9.92 -9.76
CA ALA A 120 9.17 10.35 -11.05
C ALA A 120 8.34 9.77 -12.20
N MET A 2 8.36 13.97 -0.61
CA MET A 2 9.43 12.94 -0.46
C MET A 2 8.99 11.90 0.57
N SER A 3 8.63 12.37 1.76
CA SER A 3 8.19 11.47 2.82
C SER A 3 6.70 11.15 2.69
N THR A 4 6.01 11.84 1.80
CA THR A 4 4.58 11.61 1.60
C THR A 4 4.31 10.14 1.31
N GLN A 5 5.29 9.47 0.71
CA GLN A 5 5.15 8.06 0.38
C GLN A 5 5.01 7.23 1.66
N TYR A 6 4.30 6.11 1.56
CA TYR A 6 4.10 5.25 2.72
C TYR A 6 5.22 4.22 2.82
N THR A 7 5.70 4.02 4.04
CA THR A 7 6.78 3.06 4.29
C THR A 7 6.45 2.19 5.49
N TYR A 8 7.21 1.11 5.67
CA TYR A 8 6.98 0.20 6.78
C TYR A 8 7.20 0.94 8.11
N GLN A 9 8.19 1.82 8.12
CA GLN A 9 8.52 2.58 9.33
C GLN A 9 7.34 3.45 9.76
N GLN A 10 6.67 4.07 8.80
CA GLN A 10 5.53 4.93 9.11
C GLN A 10 4.41 4.13 9.76
N ILE A 11 4.18 2.93 9.25
CA ILE A 11 3.13 2.06 9.81
C ILE A 11 3.48 1.70 11.25
N ALA A 12 4.74 1.36 11.48
CA ALA A 12 5.21 1.00 12.82
C ALA A 12 5.02 2.15 13.80
N GLU A 13 5.27 3.37 13.33
CA GLU A 13 5.13 4.54 14.19
C GLU A 13 3.67 4.78 14.55
N ASP A 14 2.77 4.49 13.62
CA ASP A 14 1.35 4.68 13.86
C ASP A 14 0.70 3.38 14.32
N PHE A 15 0.29 3.33 15.57
CA PHE A 15 -0.33 2.13 16.12
C PHE A 15 -1.64 1.81 15.43
N ARG A 16 -2.44 2.84 15.15
CA ARG A 16 -3.73 2.63 14.49
C ARG A 16 -3.56 2.03 13.11
N LEU A 17 -2.60 2.55 12.34
CA LEU A 17 -2.36 2.04 10.99
C LEU A 17 -1.85 0.61 11.03
N TRP A 18 -1.00 0.29 11.99
CA TRP A 18 -0.44 -1.05 12.09
C TRP A 18 -1.57 -2.08 12.28
N SER A 19 -2.46 -1.80 13.23
CA SER A 19 -3.57 -2.69 13.52
C SER A 19 -4.60 -2.73 12.39
N GLU A 20 -4.88 -1.56 11.79
CA GLU A 20 -5.88 -1.48 10.74
C GLU A 20 -5.53 -2.34 9.52
N TYR A 21 -4.30 -2.22 9.03
CA TYR A 21 -3.90 -3.00 7.87
C TYR A 21 -3.74 -4.48 8.20
N VAL A 22 -3.20 -4.78 9.37
CA VAL A 22 -3.01 -6.16 9.77
C VAL A 22 -4.34 -6.88 9.94
N ASP A 23 -5.26 -6.25 10.68
CA ASP A 23 -6.59 -6.82 10.91
C ASP A 23 -7.38 -5.94 11.88
N THR A 24 -8.67 -5.75 11.58
CA THR A 24 -9.52 -4.93 12.44
C THR A 24 -9.80 -5.64 13.77
N ALA A 25 -9.91 -6.96 13.72
CA ALA A 25 -10.19 -7.75 14.91
C ALA A 25 -8.95 -7.89 15.79
N GLY A 26 -7.78 -7.76 15.18
CA GLY A 26 -6.52 -7.90 15.93
C GLY A 26 -6.33 -6.75 16.90
N GLU A 27 -5.80 -7.06 18.08
CA GLU A 27 -5.56 -6.05 19.10
C GLU A 27 -4.05 -5.84 19.29
N MET A 28 -3.64 -4.58 19.43
CA MET A 28 -2.23 -4.26 19.62
C MET A 28 -2.06 -3.20 20.71
N SER A 29 -1.06 -3.39 21.56
CA SER A 29 -0.80 -2.44 22.64
C SER A 29 0.61 -1.84 22.51
N LYS A 30 0.75 -0.60 22.96
CA LYS A 30 2.03 0.09 22.89
C LYS A 30 3.08 -0.61 23.76
N ASP A 31 2.63 -1.41 24.72
CA ASP A 31 3.55 -2.11 25.61
C ASP A 31 4.46 -3.04 24.80
N GLU A 32 3.86 -3.76 23.85
CA GLU A 32 4.63 -4.67 23.02
C GLU A 32 5.65 -3.90 22.18
N PHE A 33 5.25 -2.74 21.70
CA PHE A 33 6.13 -1.90 20.89
C PHE A 33 7.39 -1.52 21.65
N ASN A 34 7.23 -1.07 22.89
CA ASN A 34 8.36 -0.67 23.71
C ASN A 34 9.33 -1.84 23.92
N SER A 35 8.78 -3.03 24.12
CA SER A 35 9.60 -4.21 24.37
C SER A 35 10.52 -4.53 23.19
N LEU A 36 10.00 -4.43 21.97
CA LEU A 36 10.80 -4.73 20.78
C LEU A 36 11.28 -3.44 20.10
N SER A 37 12.48 -3.49 19.55
CA SER A 37 13.04 -2.32 18.87
C SER A 37 12.29 -2.04 17.58
N THR A 38 12.42 -0.82 17.08
CA THR A 38 11.75 -0.43 15.85
C THR A 38 12.23 -1.27 14.67
N GLU A 39 13.53 -1.48 14.59
CA GLU A 39 14.09 -2.27 13.50
C GLU A 39 13.62 -3.73 13.56
N ASP A 40 13.54 -4.27 14.77
CA ASP A 40 13.13 -5.66 14.94
C ASP A 40 11.70 -5.92 14.44
N LYS A 41 10.77 -5.03 14.77
CA LYS A 41 9.39 -5.23 14.33
C LYS A 41 9.24 -5.01 12.82
N VAL A 42 10.05 -4.11 12.27
CA VAL A 42 10.01 -3.84 10.85
C VAL A 42 10.40 -5.08 10.04
N ARG A 43 11.45 -5.76 10.49
CA ARG A 43 11.93 -6.95 9.81
C ARG A 43 10.84 -8.02 9.78
N LEU A 44 10.16 -8.19 10.92
CA LEU A 44 9.08 -9.18 11.00
C LEU A 44 7.94 -8.83 10.04
N GLN A 45 7.60 -7.55 9.99
CA GLN A 45 6.52 -7.08 9.13
C GLN A 45 6.82 -7.36 7.65
N VAL A 46 8.05 -7.08 7.23
CA VAL A 46 8.43 -7.30 5.84
C VAL A 46 8.60 -8.79 5.56
N GLU A 47 8.97 -9.54 6.59
CA GLU A 47 9.18 -10.98 6.44
C GLU A 47 7.90 -11.67 5.99
N ALA A 48 6.77 -11.25 6.56
CA ALA A 48 5.49 -11.85 6.23
C ALA A 48 5.17 -11.66 4.74
N PHE A 49 5.49 -10.49 4.21
CA PHE A 49 5.22 -10.20 2.80
C PHE A 49 6.49 -10.36 1.94
N GLY A 50 7.55 -10.86 2.54
CA GLY A 50 8.81 -11.05 1.83
C GLY A 50 9.71 -9.82 1.95
N GLU A 51 11.02 -10.04 1.90
CA GLU A 51 11.97 -8.95 2.01
C GLU A 51 12.04 -8.15 0.72
N GLU A 52 12.39 -6.87 0.83
CA GLU A 52 12.49 -6.00 -0.34
C GLU A 52 13.95 -5.77 -0.70
N LYS A 53 14.49 -6.59 -1.60
CA LYS A 53 15.88 -6.45 -2.02
C LYS A 53 16.09 -5.13 -2.74
N SER A 54 15.14 -4.75 -3.59
CA SER A 54 15.25 -3.51 -4.34
C SER A 54 13.96 -2.68 -4.19
N PRO A 55 14.02 -1.39 -4.42
CA PRO A 55 12.83 -0.51 -4.30
C PRO A 55 11.67 -0.99 -5.16
N LYS A 56 10.46 -0.94 -4.61
CA LYS A 56 9.29 -1.39 -5.36
C LYS A 56 8.16 -0.37 -5.23
N PHE A 57 7.20 -0.45 -6.15
CA PHE A 57 6.06 0.47 -6.13
C PHE A 57 5.14 0.15 -4.96
N SER A 58 4.80 1.15 -4.16
CA SER A 58 3.94 0.94 -3.01
C SER A 58 2.48 1.24 -3.34
N THR A 59 1.58 0.65 -2.57
CA THR A 59 0.15 0.86 -2.78
C THR A 59 -0.56 1.05 -1.45
N LYS A 60 -1.78 1.59 -1.49
CA LYS A 60 -2.54 1.81 -0.27
C LYS A 60 -4.01 1.49 -0.49
N VAL A 61 -4.60 0.74 0.44
CA VAL A 61 -6.02 0.38 0.32
C VAL A 61 -6.88 1.49 0.89
N THR A 62 -7.83 1.97 0.09
CA THR A 62 -8.70 3.06 0.53
C THR A 62 -10.16 2.76 0.29
N THR A 63 -10.99 3.52 0.96
CA THR A 63 -12.42 3.41 0.82
C THR A 63 -12.88 4.53 -0.09
N LYS A 64 -13.97 4.30 -0.79
CA LYS A 64 -14.50 5.29 -1.73
C LYS A 64 -14.49 6.69 -1.10
N PRO A 65 -13.57 7.56 -1.51
CA PRO A 65 -13.47 8.93 -0.96
C PRO A 65 -14.51 9.88 -1.55
N ASP A 66 -14.71 11.01 -0.89
CA ASP A 66 -15.67 12.00 -1.37
C ASP A 66 -15.06 12.77 -2.53
N PHE A 67 -15.91 13.26 -3.44
CA PHE A 67 -15.41 14.00 -4.60
C PHE A 67 -14.61 15.22 -4.15
N ASP A 68 -13.28 15.09 -4.21
CA ASP A 68 -12.40 16.18 -3.82
C ASP A 68 -10.95 15.86 -4.20
N GLY A 69 -10.14 16.90 -4.33
CA GLY A 69 -8.73 16.71 -4.68
C GLY A 69 -8.57 16.27 -6.13
N PHE A 70 -7.41 15.70 -6.44
CA PHE A 70 -7.14 15.23 -7.80
C PHE A 70 -6.44 13.87 -7.76
N GLN A 71 -6.59 13.15 -6.65
CA GLN A 71 -5.96 11.85 -6.51
C GLN A 71 -6.62 10.82 -7.43
N PHE A 72 -5.83 9.85 -7.89
CA PHE A 72 -6.34 8.82 -8.80
C PHE A 72 -6.68 7.54 -8.04
N TYR A 73 -7.88 7.02 -8.28
CA TYR A 73 -8.33 5.79 -7.63
C TYR A 73 -8.76 4.77 -8.69
N ILE A 74 -8.62 3.50 -8.36
CA ILE A 74 -9.00 2.44 -9.28
C ILE A 74 -10.28 1.74 -8.83
N GLU A 75 -11.26 1.69 -9.72
CA GLU A 75 -12.54 1.06 -9.42
C GLU A 75 -12.35 -0.42 -9.12
N ALA A 76 -12.96 -0.88 -8.02
CA ALA A 76 -12.85 -2.29 -7.63
C ALA A 76 -13.49 -3.19 -8.68
N GLY A 77 -12.88 -4.34 -8.92
CA GLY A 77 -13.41 -5.28 -9.90
C GLY A 77 -13.00 -4.90 -11.33
N ARG A 78 -12.22 -3.84 -11.46
CA ARG A 78 -11.79 -3.40 -12.78
C ARG A 78 -10.31 -3.69 -12.99
N ASP A 79 -10.00 -4.35 -14.10
CA ASP A 79 -8.61 -4.69 -14.41
C ASP A 79 -7.77 -3.42 -14.56
N PHE A 80 -6.53 -3.49 -14.08
CA PHE A 80 -5.63 -2.34 -14.16
C PHE A 80 -4.61 -2.55 -15.27
N ASP A 81 -4.59 -1.65 -16.25
CA ASP A 81 -3.66 -1.75 -17.37
C ASP A 81 -2.49 -0.80 -17.20
N GLY A 82 -1.28 -1.32 -17.41
CA GLY A 82 -0.07 -0.50 -17.29
C GLY A 82 -0.07 0.64 -18.30
N ASP A 83 -0.56 0.35 -19.51
CA ASP A 83 -0.60 1.36 -20.56
C ASP A 83 -1.47 2.54 -20.14
N ALA A 84 -2.60 2.25 -19.52
CA ALA A 84 -3.50 3.30 -19.06
C ALA A 84 -2.78 4.18 -18.03
N TYR A 85 -2.00 3.55 -17.17
CA TYR A 85 -1.26 4.27 -16.14
C TYR A 85 -0.29 5.26 -16.79
N THR A 86 0.44 4.78 -17.80
CA THR A 86 1.41 5.62 -18.50
C THR A 86 0.72 6.74 -19.25
N GLU A 87 -0.48 6.48 -19.75
CA GLU A 87 -1.22 7.49 -20.50
C GLU A 87 -1.67 8.64 -19.58
N ALA A 88 -2.12 8.28 -18.38
CA ALA A 88 -2.63 9.27 -17.42
C ALA A 88 -1.57 10.29 -16.99
N TYR A 89 -0.34 9.82 -16.71
CA TYR A 89 0.71 10.72 -16.25
C TYR A 89 1.79 10.95 -17.31
N GLY A 90 1.75 10.15 -18.38
CA GLY A 90 2.74 10.28 -19.44
C GLY A 90 4.10 9.73 -19.01
N VAL A 91 4.09 8.89 -17.98
CA VAL A 91 5.34 8.31 -17.48
C VAL A 91 5.32 6.79 -17.61
N ALA A 92 6.34 6.24 -18.27
CA ALA A 92 6.42 4.80 -18.46
C ALA A 92 6.66 4.09 -17.13
N VAL A 93 6.07 2.91 -16.98
CA VAL A 93 6.23 2.13 -15.75
C VAL A 93 6.63 0.69 -16.09
N PRO A 94 7.31 0.01 -15.19
CA PRO A 94 7.74 -1.40 -15.42
C PRO A 94 6.57 -2.37 -15.47
N THR A 95 6.70 -3.41 -16.29
CA THR A 95 5.65 -4.42 -16.42
C THR A 95 5.53 -5.28 -15.17
N ASN A 96 6.64 -5.44 -14.45
CA ASN A 96 6.64 -6.26 -13.25
C ASN A 96 5.66 -5.72 -12.21
N ILE A 97 5.71 -4.41 -11.98
CA ILE A 97 4.81 -3.78 -11.02
C ILE A 97 3.38 -3.76 -11.53
N ALA A 98 3.21 -3.50 -12.82
CA ALA A 98 1.88 -3.47 -13.41
C ALA A 98 1.19 -4.82 -13.23
N ALA A 99 1.94 -5.90 -13.42
CA ALA A 99 1.38 -7.23 -13.26
C ALA A 99 0.88 -7.45 -11.84
N ARG A 100 1.66 -6.96 -10.87
CA ARG A 100 1.28 -7.11 -9.47
C ARG A 100 -0.01 -6.35 -9.17
N ILE A 101 -0.15 -5.17 -9.76
CA ILE A 101 -1.35 -4.37 -9.55
C ILE A 101 -2.57 -5.10 -10.08
N GLN A 102 -2.44 -5.68 -11.27
CA GLN A 102 -3.54 -6.41 -11.89
C GLN A 102 -3.98 -7.58 -10.99
N ALA A 103 -3.00 -8.28 -10.42
CA ALA A 103 -3.31 -9.40 -9.55
C ALA A 103 -4.11 -8.93 -8.34
N GLN A 104 -3.73 -7.76 -7.82
CA GLN A 104 -4.43 -7.20 -6.67
C GLN A 104 -5.88 -6.89 -7.01
N ALA A 105 -6.12 -6.40 -8.22
CA ALA A 105 -7.47 -6.06 -8.64
C ALA A 105 -8.37 -7.30 -8.63
N ALA A 106 -7.83 -8.42 -9.09
CA ALA A 106 -8.60 -9.67 -9.13
C ALA A 106 -9.00 -10.12 -7.73
N GLU A 107 -8.08 -9.99 -6.77
CA GLU A 107 -8.35 -10.40 -5.39
C GLU A 107 -8.88 -9.23 -4.55
N LEU A 108 -9.01 -8.05 -5.16
CA LEU A 108 -9.49 -6.88 -4.43
C LEU A 108 -10.93 -7.10 -3.98
N ASN A 109 -11.20 -6.79 -2.71
CA ASN A 109 -12.54 -6.94 -2.16
C ASN A 109 -13.42 -5.78 -2.57
N ALA A 110 -14.68 -6.08 -2.90
CA ALA A 110 -15.61 -5.04 -3.30
C ALA A 110 -15.80 -4.01 -2.19
N GLY A 111 -16.01 -2.75 -2.59
CA GLY A 111 -16.19 -1.68 -1.63
C GLY A 111 -14.87 -0.99 -1.30
N GLU A 112 -13.77 -1.54 -1.79
CA GLU A 112 -12.45 -0.95 -1.53
C GLU A 112 -11.72 -0.67 -2.84
N TRP A 113 -11.05 0.47 -2.89
CA TRP A 113 -10.30 0.86 -4.09
C TRP A 113 -8.81 0.91 -3.79
N LEU A 114 -8.00 0.49 -4.76
CA LEU A 114 -6.56 0.49 -4.59
C LEU A 114 -5.97 1.82 -5.05
N LEU A 115 -5.21 2.46 -4.16
CA LEU A 115 -4.61 3.75 -4.49
C LEU A 115 -3.26 3.58 -5.19
N VAL A 116 -3.14 4.20 -6.36
CA VAL A 116 -1.91 4.13 -7.12
C VAL A 116 -1.35 5.53 -7.34
N GLU A 117 -0.12 5.75 -6.87
CA GLU A 117 0.50 7.06 -7.01
C GLU A 117 2.03 6.93 -7.01
N HIS A 118 2.69 7.90 -7.62
CA HIS A 118 4.16 7.89 -7.68
C HIS A 118 4.71 9.31 -7.65
N GLU A 119 5.72 9.53 -6.81
CA GLU A 119 6.34 10.85 -6.71
C GLU A 119 7.77 10.80 -7.23
N ALA A 120 8.09 11.73 -8.13
CA ALA A 120 9.43 11.79 -8.70
C ALA A 120 10.34 12.64 -7.82
#